data_1WF5
#
_entry.id   1WF5
#
_entity_poly.entity_id   1
_entity_poly.type   'polypeptide(L)'
_entity_poly.pdbx_seq_one_letter_code
;GSSGSSGRSAHLRVRQLPHAPEHPVATLSTVERRAINLTWTKPFDGNSPLIRYILEMSENNAPWTVLLASVDPKATSVTV
KGLVPARSYQFRLCAVNDVGKGQFSKDTERVSLPESGPSSG
;
_entity_poly.pdbx_strand_id   A
#
# COMPACT_ATOMS: atom_id res chain seq x y z
N GLY A 1 -21.18 23.95 -8.35
CA GLY A 1 -19.89 24.60 -8.15
C GLY A 1 -18.84 23.60 -7.68
N SER A 2 -18.41 22.76 -8.60
CA SER A 2 -17.41 21.75 -8.29
C SER A 2 -17.05 20.96 -9.55
N SER A 3 -18.07 20.36 -10.15
CA SER A 3 -17.88 19.57 -11.36
C SER A 3 -17.08 20.39 -12.38
N GLY A 4 -16.24 19.68 -13.13
CA GLY A 4 -15.42 20.32 -14.14
C GLY A 4 -15.38 19.48 -15.42
N SER A 5 -15.17 20.16 -16.53
CA SER A 5 -15.10 19.49 -17.82
C SER A 5 -14.19 20.27 -18.77
N SER A 6 -13.79 19.60 -19.83
CA SER A 6 -12.91 20.21 -20.82
C SER A 6 -13.38 19.84 -22.23
N GLY A 7 -13.37 18.54 -22.49
CA GLY A 7 -13.79 18.04 -23.79
C GLY A 7 -14.24 16.57 -23.69
N ARG A 8 -13.52 15.72 -24.40
CA ARG A 8 -13.82 14.30 -24.41
C ARG A 8 -12.62 13.50 -24.89
N SER A 9 -12.17 13.81 -26.09
CA SER A 9 -11.03 13.13 -26.67
C SER A 9 -11.35 11.64 -26.86
N ALA A 10 -10.97 11.13 -28.02
CA ALA A 10 -11.21 9.73 -28.33
C ALA A 10 -10.22 9.28 -29.40
N HIS A 11 -9.29 8.43 -29.00
CA HIS A 11 -8.29 7.91 -29.92
C HIS A 11 -7.38 6.92 -29.17
N LEU A 12 -7.35 5.70 -29.70
CA LEU A 12 -6.53 4.66 -29.11
C LEU A 12 -7.10 4.29 -27.75
N ARG A 13 -6.55 3.23 -27.18
CA ARG A 13 -6.99 2.76 -25.87
C ARG A 13 -7.11 3.93 -24.90
N VAL A 14 -7.96 3.76 -23.90
CA VAL A 14 -8.18 4.79 -22.90
C VAL A 14 -7.22 4.55 -21.72
N ARG A 15 -6.45 5.57 -21.40
CA ARG A 15 -5.51 5.49 -20.31
C ARG A 15 -6.22 5.75 -18.98
N GLN A 16 -6.61 4.65 -18.34
CA GLN A 16 -7.30 4.74 -17.06
C GLN A 16 -6.29 4.66 -15.90
N LEU A 17 -6.70 5.22 -14.77
CA LEU A 17 -5.85 5.24 -13.60
C LEU A 17 -6.16 4.01 -12.74
N PRO A 18 -5.07 3.39 -12.20
CA PRO A 18 -5.22 2.22 -11.36
C PRO A 18 -5.74 2.60 -9.96
N HIS A 19 -6.92 2.09 -9.66
CA HIS A 19 -7.53 2.35 -8.37
C HIS A 19 -6.65 1.80 -7.25
N ALA A 20 -6.97 2.23 -6.03
CA ALA A 20 -6.21 1.78 -4.87
C ALA A 20 -6.37 0.26 -4.70
N PRO A 21 -5.44 -0.33 -3.91
CA PRO A 21 -5.47 -1.77 -3.67
C PRO A 21 -6.60 -2.13 -2.70
N GLU A 22 -7.03 -3.38 -2.80
CA GLU A 22 -8.10 -3.87 -1.95
C GLU A 22 -7.54 -4.87 -0.93
N HIS A 23 -8.45 -5.40 -0.11
CA HIS A 23 -8.06 -6.36 0.90
C HIS A 23 -6.71 -5.97 1.50
N PRO A 24 -6.65 -4.70 1.99
CA PRO A 24 -5.42 -4.18 2.57
C PRO A 24 -5.20 -4.76 3.98
N VAL A 25 -4.81 -6.03 4.01
CA VAL A 25 -4.56 -6.71 5.27
C VAL A 25 -3.08 -6.66 5.58
N ALA A 26 -2.78 -6.43 6.86
CA ALA A 26 -1.40 -6.37 7.31
C ALA A 26 -1.23 -7.23 8.55
N THR A 27 -0.43 -8.28 8.41
CA THR A 27 -0.17 -9.18 9.51
C THR A 27 1.33 -9.26 9.81
N LEU A 28 1.64 -9.54 11.07
CA LEU A 28 3.03 -9.64 11.49
C LEU A 28 3.71 -10.76 10.70
N SER A 29 5.02 -10.86 10.90
CA SER A 29 5.80 -11.88 10.22
C SER A 29 6.14 -13.01 11.19
N THR A 30 5.34 -14.06 11.14
CA THR A 30 5.55 -15.20 12.01
C THR A 30 6.80 -15.97 11.58
N VAL A 31 7.92 -15.27 11.57
CA VAL A 31 9.18 -15.87 11.18
C VAL A 31 10.30 -14.83 11.32
N GLU A 32 10.05 -13.66 10.75
CA GLU A 32 11.01 -12.58 10.80
C GLU A 32 10.65 -11.59 11.92
N ARG A 33 11.61 -11.38 12.81
CA ARG A 33 11.40 -10.46 13.92
C ARG A 33 11.40 -9.02 13.42
N ARG A 34 10.46 -8.24 13.95
CA ARG A 34 10.34 -6.84 13.57
C ARG A 34 10.04 -6.73 12.07
N ALA A 35 9.10 -7.55 11.62
CA ALA A 35 8.72 -7.55 10.22
C ALA A 35 7.22 -7.85 10.11
N ILE A 36 6.58 -7.13 9.20
CA ILE A 36 5.15 -7.32 8.99
C ILE A 36 4.90 -7.70 7.53
N ASN A 37 4.01 -8.67 7.35
CA ASN A 37 3.68 -9.14 6.01
C ASN A 37 2.46 -8.38 5.50
N LEU A 38 2.70 -7.48 4.56
CA LEU A 38 1.63 -6.69 3.99
C LEU A 38 1.01 -7.46 2.82
N THR A 39 -0.31 -7.49 2.80
CA THR A 39 -1.05 -8.18 1.76
C THR A 39 -2.23 -7.33 1.28
N TRP A 40 -2.32 -7.19 -0.04
CA TRP A 40 -3.40 -6.41 -0.63
C TRP A 40 -3.85 -7.13 -1.89
N THR A 41 -4.91 -6.59 -2.50
CA THR A 41 -5.45 -7.17 -3.71
C THR A 41 -4.97 -6.39 -4.94
N LYS A 42 -5.02 -7.06 -6.08
CA LYS A 42 -4.60 -6.44 -7.33
C LYS A 42 -5.69 -5.49 -7.81
N PRO A 43 -5.34 -4.17 -7.80
CA PRO A 43 -6.28 -3.14 -8.24
C PRO A 43 -6.40 -3.13 -9.76
N PHE A 44 -7.48 -2.52 -10.23
CA PHE A 44 -7.74 -2.43 -11.66
C PHE A 44 -6.66 -1.60 -12.35
N ASP A 45 -5.77 -2.30 -13.04
CA ASP A 45 -4.69 -1.63 -13.76
C ASP A 45 -5.20 -0.31 -14.33
N GLY A 46 -6.14 -0.43 -15.24
CA GLY A 46 -6.73 0.74 -15.88
C GLY A 46 -6.28 0.84 -17.34
N ASN A 47 -6.60 -0.18 -18.11
CA ASN A 47 -6.23 -0.22 -19.51
C ASN A 47 -4.71 -0.36 -19.64
N SER A 48 -4.01 0.54 -18.98
CA SER A 48 -2.56 0.53 -19.00
C SER A 48 -2.01 -0.30 -17.84
N PRO A 49 -0.82 -0.90 -18.07
CA PRO A 49 -0.19 -1.72 -17.05
C PRO A 49 0.43 -0.86 -15.96
N LEU A 50 0.51 -1.43 -14.76
CA LEU A 50 1.09 -0.72 -13.64
C LEU A 50 2.59 -0.56 -13.84
N ILE A 51 3.20 0.26 -12.98
CA ILE A 51 4.63 0.51 -13.06
C ILE A 51 5.27 0.18 -11.72
N ARG A 52 4.75 0.83 -10.69
CA ARG A 52 5.27 0.61 -9.34
C ARG A 52 4.21 1.00 -8.30
N TYR A 53 4.55 0.77 -7.04
CA TYR A 53 3.65 1.09 -5.95
C TYR A 53 4.36 1.90 -4.86
N ILE A 54 3.58 2.72 -4.18
CA ILE A 54 4.13 3.54 -3.11
C ILE A 54 3.47 3.17 -1.79
N LEU A 55 4.16 2.34 -1.03
CA LEU A 55 3.65 1.90 0.26
C LEU A 55 4.13 2.86 1.35
N GLU A 56 3.18 3.62 1.87
CA GLU A 56 3.48 4.59 2.91
C GLU A 56 3.05 4.04 4.28
N MET A 57 3.98 4.11 5.23
CA MET A 57 3.71 3.63 6.57
C MET A 57 3.39 4.79 7.51
N SER A 58 2.49 4.53 8.45
CA SER A 58 2.10 5.54 9.42
C SER A 58 2.29 5.02 10.84
N GLU A 59 3.38 5.45 11.46
CA GLU A 59 3.69 5.01 12.80
C GLU A 59 2.68 5.61 13.80
N ASN A 60 3.02 5.51 15.08
CA ASN A 60 2.16 6.03 16.12
C ASN A 60 1.87 7.51 15.85
N ASN A 61 0.73 7.75 15.23
CA ASN A 61 0.32 9.11 14.90
C ASN A 61 1.39 9.76 14.01
N ALA A 62 2.08 8.90 13.27
CA ALA A 62 3.13 9.38 12.37
C ALA A 62 2.52 9.66 10.99
N PRO A 63 3.11 10.67 10.30
CA PRO A 63 2.64 11.04 8.98
C PRO A 63 3.08 10.01 7.93
N TRP A 64 2.21 9.81 6.95
CA TRP A 64 2.51 8.86 5.88
C TRP A 64 3.92 9.15 5.37
N THR A 65 4.79 8.16 5.59
CA THR A 65 6.17 8.29 5.16
C THR A 65 6.49 7.27 4.06
N VAL A 66 6.82 7.79 2.89
CA VAL A 66 7.14 6.95 1.75
C VAL A 66 8.25 5.97 2.15
N LEU A 67 7.86 4.75 2.43
CA LEU A 67 8.81 3.72 2.81
C LEU A 67 9.36 3.05 1.56
N LEU A 68 8.46 2.39 0.83
CA LEU A 68 8.85 1.71 -0.39
C LEU A 68 8.31 2.47 -1.60
N ALA A 69 9.23 3.08 -2.33
CA ALA A 69 8.88 3.85 -3.51
C ALA A 69 8.77 2.91 -4.71
N SER A 70 9.87 2.22 -4.97
CA SER A 70 9.93 1.29 -6.09
C SER A 70 9.47 -0.10 -5.63
N VAL A 71 8.22 -0.41 -5.95
CA VAL A 71 7.66 -1.69 -5.59
C VAL A 71 7.16 -2.41 -6.85
N ASP A 72 7.25 -3.73 -6.80
CA ASP A 72 6.81 -4.54 -7.94
C ASP A 72 5.29 -4.45 -8.07
N PRO A 73 4.85 -4.16 -9.32
CA PRO A 73 3.42 -4.04 -9.60
C PRO A 73 2.76 -5.42 -9.64
N LYS A 74 3.58 -6.43 -9.91
CA LYS A 74 3.09 -7.79 -9.99
C LYS A 74 3.00 -8.37 -8.57
N ALA A 75 3.53 -7.62 -7.62
CA ALA A 75 3.51 -8.04 -6.23
C ALA A 75 2.26 -7.49 -5.55
N THR A 76 1.67 -8.33 -4.70
CA THR A 76 0.47 -7.94 -3.98
C THR A 76 0.73 -7.96 -2.47
N SER A 77 1.97 -8.28 -2.11
CA SER A 77 2.36 -8.34 -0.72
C SER A 77 3.80 -7.85 -0.55
N VAL A 78 4.05 -7.22 0.58
CA VAL A 78 5.37 -6.69 0.88
C VAL A 78 5.68 -6.90 2.36
N THR A 79 6.97 -6.93 2.66
CA THR A 79 7.42 -7.12 4.04
C THR A 79 8.18 -5.88 4.53
N VAL A 80 7.65 -5.29 5.59
CA VAL A 80 8.27 -4.11 6.16
C VAL A 80 9.25 -4.53 7.27
N LYS A 81 10.52 -4.39 6.96
CA LYS A 81 11.58 -4.76 7.90
C LYS A 81 12.06 -3.50 8.62
N GLY A 82 12.62 -3.71 9.80
CA GLY A 82 13.13 -2.61 10.60
C GLY A 82 11.99 -1.79 11.19
N LEU A 83 11.37 -2.33 12.23
CA LEU A 83 10.27 -1.65 12.90
C LEU A 83 10.53 -1.61 14.40
N VAL A 84 9.77 -0.76 15.07
CA VAL A 84 9.92 -0.63 16.51
C VAL A 84 8.94 -1.58 17.22
N PRO A 85 9.49 -2.31 18.22
CA PRO A 85 8.70 -3.26 18.98
C PRO A 85 7.77 -2.54 19.96
N ALA A 86 6.57 -3.09 20.10
CA ALA A 86 5.58 -2.52 21.00
C ALA A 86 5.16 -1.14 20.47
N ARG A 87 4.87 -1.10 19.17
CA ARG A 87 4.46 0.13 18.54
C ARG A 87 3.49 -0.16 17.39
N SER A 88 2.56 0.76 17.19
CA SER A 88 1.57 0.60 16.14
C SER A 88 2.17 1.01 14.79
N TYR A 89 1.71 0.32 13.75
CA TYR A 89 2.20 0.60 12.41
C TYR A 89 1.08 0.44 11.38
N GLN A 90 0.92 1.46 10.55
CA GLN A 90 -0.10 1.45 9.52
C GLN A 90 0.54 1.34 8.14
N PHE A 91 -0.21 0.75 7.22
CA PHE A 91 0.27 0.58 5.85
C PHE A 91 -0.80 0.99 4.84
N ARG A 92 -0.34 1.54 3.73
CA ARG A 92 -1.24 1.97 2.69
C ARG A 92 -0.46 2.29 1.41
N LEU A 93 -0.61 1.41 0.42
CA LEU A 93 0.07 1.58 -0.84
C LEU A 93 -0.96 1.84 -1.94
N CYS A 94 -0.52 2.60 -2.94
CA CYS A 94 -1.40 2.93 -4.05
C CYS A 94 -0.83 2.28 -5.32
N ALA A 95 -1.59 2.41 -6.40
CA ALA A 95 -1.18 1.84 -7.68
C ALA A 95 -0.68 2.96 -8.59
N VAL A 96 0.52 2.77 -9.12
CA VAL A 96 1.11 3.75 -10.02
C VAL A 96 1.40 3.09 -11.37
N ASN A 97 0.95 3.75 -12.42
CA ASN A 97 1.16 3.24 -13.76
C ASN A 97 1.60 4.39 -14.68
N ASP A 98 1.95 4.03 -15.91
CA ASP A 98 2.39 5.02 -16.88
C ASP A 98 1.46 6.23 -16.83
N VAL A 99 0.16 5.95 -16.83
CA VAL A 99 -0.83 7.00 -16.79
C VAL A 99 -0.55 7.92 -15.61
N GLY A 100 -0.43 7.32 -14.44
CA GLY A 100 -0.15 8.09 -13.23
C GLY A 100 -0.40 7.23 -11.98
N LYS A 101 -0.58 7.93 -10.86
CA LYS A 101 -0.84 7.26 -9.60
C LYS A 101 -2.30 7.47 -9.21
N GLY A 102 -2.93 6.37 -8.82
CA GLY A 102 -4.33 6.40 -8.42
C GLY A 102 -4.47 6.90 -6.97
N GLN A 103 -4.87 5.98 -6.11
CA GLN A 103 -5.05 6.31 -4.71
C GLN A 103 -4.48 5.21 -3.82
N PHE A 104 -4.40 5.50 -2.53
CA PHE A 104 -3.87 4.54 -1.58
C PHE A 104 -5.01 3.80 -0.86
N SER A 105 -4.72 2.57 -0.48
CA SER A 105 -5.70 1.75 0.21
C SER A 105 -5.93 2.29 1.63
N LYS A 106 -7.03 1.85 2.21
CA LYS A 106 -7.38 2.27 3.56
C LYS A 106 -6.26 1.87 4.51
N ASP A 107 -6.25 2.53 5.67
CA ASP A 107 -5.24 2.24 6.69
C ASP A 107 -5.44 0.83 7.20
N THR A 108 -4.50 -0.04 6.85
CA THR A 108 -4.54 -1.42 7.28
C THR A 108 -4.83 -1.51 8.77
N GLU A 109 -5.58 -2.53 9.15
CA GLU A 109 -5.93 -2.74 10.53
C GLU A 109 -4.75 -2.40 11.43
N ARG A 110 -5.01 -1.54 12.41
CA ARG A 110 -3.99 -1.12 13.35
C ARG A 110 -3.08 -2.29 13.71
N VAL A 111 -1.92 -2.34 13.05
CA VAL A 111 -0.97 -3.40 13.29
C VAL A 111 0.03 -2.95 14.36
N SER A 112 0.23 -3.82 15.34
CA SER A 112 1.14 -3.53 16.42
C SER A 112 2.25 -4.59 16.48
N LEU A 113 3.45 -4.14 16.76
CA LEU A 113 4.59 -5.03 16.84
C LEU A 113 4.69 -5.59 18.26
N PRO A 114 5.36 -6.77 18.36
CA PRO A 114 5.52 -7.42 19.66
C PRO A 114 6.59 -6.71 20.49
N GLU A 115 6.32 -6.64 21.79
CA GLU A 115 7.25 -5.98 22.70
C GLU A 115 8.55 -6.79 22.79
N SER A 116 9.65 -6.05 22.88
CA SER A 116 10.96 -6.67 22.98
C SER A 116 11.70 -6.16 24.21
N GLY A 117 11.97 -7.10 25.12
CA GLY A 117 12.67 -6.75 26.35
C GLY A 117 11.67 -6.40 27.46
N PRO A 118 12.19 -5.65 28.47
CA PRO A 118 11.36 -5.24 29.60
C PRO A 118 10.40 -4.12 29.19
N SER A 119 9.28 -4.06 29.91
CA SER A 119 8.27 -3.04 29.64
C SER A 119 8.84 -1.65 29.92
N SER A 120 8.92 -0.85 28.87
CA SER A 120 9.43 0.50 28.99
C SER A 120 8.30 1.52 28.78
N GLY A 121 8.07 2.32 29.82
CA GLY A 121 7.03 3.32 29.77
C GLY A 121 6.00 3.10 30.87
N GLY A 1 -9.62 22.59 -1.74
CA GLY A 1 -8.89 22.32 -2.96
C GLY A 1 -9.85 22.17 -4.16
N SER A 2 -9.26 21.89 -5.32
CA SER A 2 -10.04 21.73 -6.53
C SER A 2 -9.61 20.46 -7.27
N SER A 3 -10.37 20.11 -8.29
CA SER A 3 -10.08 18.93 -9.08
C SER A 3 -10.52 19.15 -10.53
N GLY A 4 -9.59 18.94 -11.44
CA GLY A 4 -9.87 19.10 -12.85
C GLY A 4 -10.77 17.98 -13.37
N SER A 5 -10.13 16.88 -13.74
CA SER A 5 -10.86 15.74 -14.25
C SER A 5 -11.60 16.12 -15.54
N SER A 6 -11.12 15.58 -16.65
CA SER A 6 -11.73 15.85 -17.94
C SER A 6 -12.43 14.59 -18.46
N GLY A 7 -13.54 14.81 -19.15
CA GLY A 7 -14.29 13.71 -19.72
C GLY A 7 -13.82 13.38 -21.13
N ARG A 8 -14.17 14.26 -22.06
CA ARG A 8 -13.79 14.07 -23.44
C ARG A 8 -14.30 12.73 -23.96
N SER A 9 -14.27 12.60 -25.28
CA SER A 9 -14.74 11.37 -25.91
C SER A 9 -13.55 10.56 -26.43
N ALA A 10 -13.71 9.24 -26.38
CA ALA A 10 -12.66 8.35 -26.83
C ALA A 10 -13.16 6.90 -26.77
N HIS A 11 -12.45 6.04 -27.49
CA HIS A 11 -12.82 4.63 -27.52
C HIS A 11 -11.56 3.77 -27.44
N LEU A 12 -11.76 2.47 -27.62
CA LEU A 12 -10.66 1.53 -27.56
C LEU A 12 -10.00 1.61 -26.19
N ARG A 13 -8.93 0.83 -26.02
CA ARG A 13 -8.21 0.79 -24.77
C ARG A 13 -7.88 2.22 -24.31
N VAL A 14 -8.52 2.61 -23.22
CA VAL A 14 -8.31 3.94 -22.67
C VAL A 14 -7.33 3.85 -21.49
N ARG A 15 -6.28 4.65 -21.56
CA ARG A 15 -5.28 4.66 -20.51
C ARG A 15 -5.72 5.60 -19.37
N GLN A 16 -6.36 5.01 -18.38
CA GLN A 16 -6.83 5.78 -17.23
C GLN A 16 -5.94 5.52 -16.02
N LEU A 17 -6.27 6.20 -14.93
CA LEU A 17 -5.51 6.05 -13.69
C LEU A 17 -6.04 4.84 -12.92
N PRO A 18 -5.08 4.08 -12.31
CA PRO A 18 -5.44 2.91 -11.54
C PRO A 18 -6.03 3.30 -10.19
N HIS A 19 -6.72 2.35 -9.58
CA HIS A 19 -7.34 2.58 -8.28
C HIS A 19 -6.47 1.98 -7.18
N ALA A 20 -6.76 2.37 -5.95
CA ALA A 20 -6.01 1.89 -4.81
C ALA A 20 -6.26 0.38 -4.65
N PRO A 21 -5.38 -0.28 -3.85
CA PRO A 21 -5.50 -1.69 -3.61
C PRO A 21 -6.65 -2.00 -2.65
N GLU A 22 -7.04 -3.26 -2.62
CA GLU A 22 -8.12 -3.69 -1.75
C GLU A 22 -7.62 -4.73 -0.74
N HIS A 23 -8.53 -5.16 0.12
CA HIS A 23 -8.19 -6.14 1.13
C HIS A 23 -6.78 -5.86 1.67
N PRO A 24 -6.60 -4.60 2.14
CA PRO A 24 -5.32 -4.18 2.69
C PRO A 24 -5.10 -4.77 4.08
N VAL A 25 -4.61 -5.99 4.10
CA VAL A 25 -4.35 -6.68 5.35
C VAL A 25 -2.87 -6.53 5.72
N ALA A 26 -2.64 -6.16 6.96
CA ALA A 26 -1.28 -5.98 7.45
C ALA A 26 -1.12 -6.67 8.80
N THR A 27 -0.40 -7.79 8.78
CA THR A 27 -0.17 -8.55 9.99
C THR A 27 1.32 -8.84 10.17
N LEU A 28 1.70 -9.14 11.40
CA LEU A 28 3.08 -9.43 11.72
C LEU A 28 3.63 -10.43 10.70
N SER A 29 4.92 -10.68 10.79
CA SER A 29 5.58 -11.62 9.90
C SER A 29 5.86 -12.93 10.62
N THR A 30 6.04 -12.83 11.93
CA THR A 30 6.31 -14.00 12.74
C THR A 30 7.48 -14.79 12.15
N VAL A 31 8.37 -14.07 11.50
CA VAL A 31 9.53 -14.70 10.89
C VAL A 31 10.70 -13.71 10.86
N GLU A 32 10.43 -12.54 10.28
CA GLU A 32 11.43 -11.50 10.19
C GLU A 32 11.31 -10.53 11.38
N ARG A 33 12.39 -10.43 12.13
CA ARG A 33 12.42 -9.55 13.28
C ARG A 33 11.98 -8.14 12.89
N ARG A 34 11.00 -7.63 13.63
CA ARG A 34 10.49 -6.30 13.36
C ARG A 34 10.04 -6.17 11.90
N ALA A 35 9.22 -7.13 11.48
CA ALA A 35 8.72 -7.14 10.12
C ALA A 35 7.23 -7.47 10.14
N ILE A 36 6.56 -7.05 9.07
CA ILE A 36 5.13 -7.29 8.95
C ILE A 36 4.82 -7.85 7.56
N ASN A 37 3.81 -8.69 7.50
CA ASN A 37 3.40 -9.30 6.24
C ASN A 37 2.27 -8.47 5.63
N LEU A 38 2.63 -7.69 4.62
CA LEU A 38 1.66 -6.85 3.93
C LEU A 38 1.00 -7.66 2.82
N THR A 39 -0.32 -7.64 2.83
CA THR A 39 -1.10 -8.37 1.83
C THR A 39 -2.30 -7.53 1.38
N TRP A 40 -2.39 -7.35 0.07
CA TRP A 40 -3.48 -6.57 -0.50
C TRP A 40 -3.94 -7.28 -1.77
N THR A 41 -5.08 -6.83 -2.29
CA THR A 41 -5.64 -7.41 -3.50
C THR A 41 -5.19 -6.62 -4.72
N LYS A 42 -5.23 -7.29 -5.87
CA LYS A 42 -4.83 -6.67 -7.12
C LYS A 42 -5.95 -5.76 -7.61
N PRO A 43 -5.66 -4.43 -7.59
CA PRO A 43 -6.65 -3.45 -8.03
C PRO A 43 -6.75 -3.44 -9.56
N PHE A 44 -7.69 -2.63 -10.04
CA PHE A 44 -7.90 -2.52 -11.48
C PHE A 44 -6.97 -1.47 -12.09
N ASP A 45 -6.26 -1.90 -13.13
CA ASP A 45 -5.34 -1.01 -13.82
C ASP A 45 -6.07 -0.27 -14.93
N GLY A 46 -5.54 0.89 -15.27
CA GLY A 46 -6.13 1.71 -16.31
C GLY A 46 -5.74 1.19 -17.70
N ASN A 47 -6.11 -0.05 -17.97
CA ASN A 47 -5.80 -0.67 -19.24
C ASN A 47 -4.32 -1.05 -19.28
N SER A 48 -3.49 -0.12 -18.84
CA SER A 48 -2.05 -0.36 -18.81
C SER A 48 -1.65 -0.99 -17.47
N PRO A 49 -0.56 -1.80 -17.53
CA PRO A 49 -0.06 -2.45 -16.33
C PRO A 49 0.67 -1.46 -15.42
N LEU A 50 0.31 -1.52 -14.14
CA LEU A 50 0.91 -0.64 -13.17
C LEU A 50 2.44 -0.72 -13.27
N ILE A 51 3.09 0.36 -12.88
CA ILE A 51 4.54 0.42 -12.92
C ILE A 51 5.11 0.02 -11.57
N ARG A 52 4.63 0.69 -10.53
CA ARG A 52 5.08 0.42 -9.19
C ARG A 52 4.01 0.84 -8.17
N TYR A 53 4.34 0.66 -6.90
CA TYR A 53 3.42 1.01 -5.83
C TYR A 53 4.14 1.75 -4.71
N ILE A 54 3.53 2.85 -4.27
CA ILE A 54 4.11 3.65 -3.20
C ILE A 54 3.46 3.26 -1.87
N LEU A 55 4.19 2.44 -1.12
CA LEU A 55 3.69 1.98 0.16
C LEU A 55 4.13 2.97 1.25
N GLU A 56 3.14 3.56 1.91
CA GLU A 56 3.41 4.52 2.96
C GLU A 56 3.02 3.94 4.32
N MET A 57 3.99 3.93 5.23
CA MET A 57 3.75 3.40 6.56
C MET A 57 3.54 4.53 7.57
N SER A 58 2.54 4.34 8.42
CA SER A 58 2.22 5.33 9.43
C SER A 58 2.24 4.69 10.82
N GLU A 59 3.34 4.93 11.53
CA GLU A 59 3.49 4.38 12.87
C GLU A 59 2.41 4.93 13.80
N ASN A 60 2.78 5.09 15.06
CA ASN A 60 1.85 5.60 16.05
C ASN A 60 1.61 7.09 15.79
N ASN A 61 0.52 7.37 15.10
CA ASN A 61 0.17 8.74 14.77
C ASN A 61 1.23 9.34 13.86
N ALA A 62 2.09 8.47 13.35
CA ALA A 62 3.15 8.90 12.46
C ALA A 62 2.56 9.25 11.09
N PRO A 63 3.20 10.26 10.44
CA PRO A 63 2.75 10.69 9.13
C PRO A 63 3.14 9.70 8.04
N TRP A 64 2.29 9.59 7.04
CA TRP A 64 2.54 8.67 5.94
C TRP A 64 3.98 8.89 5.46
N THR A 65 4.81 7.89 5.68
CA THR A 65 6.20 7.97 5.27
C THR A 65 6.49 6.97 4.16
N VAL A 66 6.83 7.51 3.00
CA VAL A 66 7.12 6.68 1.84
C VAL A 66 8.26 5.72 2.20
N LEU A 67 7.88 4.47 2.48
CA LEU A 67 8.85 3.46 2.83
C LEU A 67 9.40 2.82 1.55
N LEU A 68 8.51 2.20 0.80
CA LEU A 68 8.89 1.55 -0.44
C LEU A 68 8.35 2.36 -1.62
N ALA A 69 9.27 2.99 -2.33
CA ALA A 69 8.92 3.80 -3.48
C ALA A 69 8.92 2.93 -4.74
N SER A 70 9.78 1.92 -4.72
CA SER A 70 9.90 1.00 -5.84
C SER A 70 9.38 -0.37 -5.45
N VAL A 71 8.16 -0.66 -5.86
CA VAL A 71 7.54 -1.94 -5.56
C VAL A 71 7.06 -2.58 -6.86
N ASP A 72 7.01 -3.91 -6.84
CA ASP A 72 6.57 -4.66 -8.00
C ASP A 72 5.08 -4.43 -8.22
N PRO A 73 4.71 -4.20 -9.52
CA PRO A 73 3.33 -3.96 -9.88
C PRO A 73 2.52 -5.27 -9.85
N LYS A 74 3.22 -6.36 -10.13
CA LYS A 74 2.59 -7.66 -10.14
C LYS A 74 2.65 -8.27 -8.74
N ALA A 75 3.03 -7.43 -7.78
CA ALA A 75 3.13 -7.87 -6.41
C ALA A 75 1.93 -7.33 -5.61
N THR A 76 1.38 -8.21 -4.79
CA THR A 76 0.23 -7.85 -3.98
C THR A 76 0.55 -8.02 -2.49
N SER A 77 1.78 -8.44 -2.23
CA SER A 77 2.23 -8.65 -0.86
C SER A 77 3.67 -8.16 -0.70
N VAL A 78 3.99 -7.76 0.52
CA VAL A 78 5.32 -7.27 0.82
C VAL A 78 5.62 -7.47 2.30
N THR A 79 6.90 -7.57 2.62
CA THR A 79 7.33 -7.76 3.99
C THR A 79 8.14 -6.57 4.48
N VAL A 80 7.50 -5.77 5.32
CA VAL A 80 8.14 -4.58 5.87
C VAL A 80 9.19 -5.01 6.90
N LYS A 81 10.22 -4.20 7.02
CA LYS A 81 11.29 -4.47 7.96
C LYS A 81 11.66 -3.18 8.71
N GLY A 82 12.64 -3.31 9.59
CA GLY A 82 13.10 -2.17 10.36
C GLY A 82 11.93 -1.50 11.09
N LEU A 83 11.28 -2.27 11.94
CA LEU A 83 10.14 -1.76 12.69
C LEU A 83 10.50 -1.74 14.18
N VAL A 84 9.61 -1.15 14.96
CA VAL A 84 9.82 -1.06 16.41
C VAL A 84 8.85 -1.99 17.11
N PRO A 85 9.35 -2.62 18.21
CA PRO A 85 8.53 -3.54 18.99
C PRO A 85 7.51 -2.79 19.84
N ALA A 86 6.41 -3.47 20.12
CA ALA A 86 5.35 -2.87 20.93
C ALA A 86 5.01 -1.49 20.37
N ARG A 87 4.62 -1.47 19.11
CA ARG A 87 4.26 -0.22 18.45
C ARG A 87 3.27 -0.49 17.31
N SER A 88 2.35 0.44 17.15
CA SER A 88 1.33 0.33 16.11
C SER A 88 1.92 0.75 14.76
N TYR A 89 1.36 0.18 13.70
CA TYR A 89 1.82 0.49 12.36
C TYR A 89 0.65 0.46 11.37
N GLN A 90 0.71 1.37 10.42
CA GLN A 90 -0.33 1.47 9.40
C GLN A 90 0.29 1.53 8.01
N PHE A 91 -0.17 0.65 7.14
CA PHE A 91 0.32 0.58 5.78
C PHE A 91 -0.76 0.97 4.78
N ARG A 92 -0.32 1.50 3.65
CA ARG A 92 -1.24 1.92 2.60
C ARG A 92 -0.48 2.26 1.33
N LEU A 93 -0.63 1.39 0.33
CA LEU A 93 0.04 1.58 -0.94
C LEU A 93 -1.00 1.94 -2.00
N CYS A 94 -0.52 2.56 -3.07
CA CYS A 94 -1.40 2.97 -4.16
C CYS A 94 -0.88 2.32 -5.45
N ALA A 95 -1.64 2.51 -6.52
CA ALA A 95 -1.28 1.95 -7.81
C ALA A 95 -0.73 3.05 -8.70
N VAL A 96 0.51 2.85 -9.16
CA VAL A 96 1.15 3.82 -10.02
C VAL A 96 1.46 3.18 -11.37
N ASN A 97 1.06 3.88 -12.42
CA ASN A 97 1.28 3.39 -13.77
C ASN A 97 1.76 4.54 -14.66
N ASP A 98 2.25 4.16 -15.83
CA ASP A 98 2.75 5.16 -16.78
C ASP A 98 1.82 6.37 -16.77
N VAL A 99 0.53 6.08 -16.87
CA VAL A 99 -0.47 7.14 -16.87
C VAL A 99 -0.23 8.07 -15.68
N GLY A 100 -0.09 7.47 -14.51
CA GLY A 100 0.14 8.23 -13.30
C GLY A 100 -0.19 7.40 -12.05
N LYS A 101 -0.35 8.11 -10.94
CA LYS A 101 -0.67 7.45 -9.69
C LYS A 101 -2.14 7.69 -9.35
N GLY A 102 -2.76 6.68 -8.76
CA GLY A 102 -4.16 6.78 -8.39
C GLY A 102 -4.31 7.19 -6.93
N GLN A 103 -4.81 6.26 -6.13
CA GLN A 103 -5.01 6.52 -4.71
C GLN A 103 -4.44 5.36 -3.87
N PHE A 104 -4.34 5.60 -2.58
CA PHE A 104 -3.82 4.60 -1.67
C PHE A 104 -4.96 3.90 -0.92
N SER A 105 -4.69 2.66 -0.52
CA SER A 105 -5.67 1.88 0.20
C SER A 105 -5.88 2.46 1.60
N LYS A 106 -6.99 2.06 2.21
CA LYS A 106 -7.31 2.52 3.55
C LYS A 106 -6.26 2.01 4.53
N ASP A 107 -6.17 2.68 5.66
CA ASP A 107 -5.22 2.31 6.69
C ASP A 107 -5.52 0.87 7.15
N THR A 108 -4.58 -0.01 6.83
CA THR A 108 -4.72 -1.41 7.20
C THR A 108 -4.99 -1.54 8.70
N GLU A 109 -5.53 -2.70 9.07
CA GLU A 109 -5.83 -2.97 10.46
C GLU A 109 -4.63 -2.63 11.35
N ARG A 110 -4.83 -1.65 12.22
CA ARG A 110 -3.77 -1.22 13.12
C ARG A 110 -2.96 -2.43 13.60
N VAL A 111 -1.84 -2.66 12.92
CA VAL A 111 -0.98 -3.77 13.28
C VAL A 111 0.07 -3.30 14.27
N SER A 112 0.13 -3.98 15.40
CA SER A 112 1.08 -3.65 16.45
C SER A 112 2.19 -4.70 16.50
N LEU A 113 3.40 -4.23 16.78
CA LEU A 113 4.55 -5.12 16.86
C LEU A 113 4.69 -5.61 18.30
N PRO A 114 5.38 -6.78 18.43
CA PRO A 114 5.60 -7.37 19.75
C PRO A 114 6.67 -6.61 20.52
N GLU A 115 6.50 -6.57 21.84
CA GLU A 115 7.44 -5.88 22.69
C GLU A 115 8.82 -6.55 22.61
N SER A 116 9.85 -5.72 22.76
CA SER A 116 11.21 -6.23 22.70
C SER A 116 12.19 -5.15 23.20
N GLY A 117 13.01 -5.54 24.15
CA GLY A 117 13.99 -4.62 24.71
C GLY A 117 13.31 -3.57 25.60
N PRO A 118 14.15 -2.65 26.14
CA PRO A 118 13.64 -1.60 27.01
C PRO A 118 12.93 -0.52 26.19
N SER A 119 13.60 -0.09 25.14
CA SER A 119 13.04 0.94 24.27
C SER A 119 12.53 2.12 25.11
N SER A 120 13.37 3.13 25.22
CA SER A 120 13.01 4.31 25.99
C SER A 120 12.18 5.27 25.13
N GLY A 121 11.01 5.62 25.65
CA GLY A 121 10.12 6.52 24.94
C GLY A 121 8.72 6.49 25.55
N GLY A 1 -31.41 20.57 -20.44
CA GLY A 1 -32.44 19.72 -21.02
C GLY A 1 -31.89 18.35 -21.40
N SER A 2 -32.79 17.46 -21.77
CA SER A 2 -32.40 16.11 -22.15
C SER A 2 -31.67 15.42 -21.00
N SER A 3 -32.45 14.73 -20.17
CA SER A 3 -31.90 14.02 -19.04
C SER A 3 -30.72 13.15 -19.47
N GLY A 4 -29.97 12.68 -18.49
CA GLY A 4 -28.82 11.84 -18.76
C GLY A 4 -28.82 10.60 -17.87
N SER A 5 -28.01 9.63 -18.26
CA SER A 5 -27.90 8.39 -17.51
C SER A 5 -26.82 8.52 -16.43
N SER A 6 -25.62 8.83 -16.88
CA SER A 6 -24.50 8.99 -15.97
C SER A 6 -23.25 9.41 -16.76
N GLY A 7 -22.91 8.60 -17.75
CA GLY A 7 -21.74 8.89 -18.56
C GLY A 7 -20.54 8.04 -18.13
N ARG A 8 -20.50 6.82 -18.67
CA ARG A 8 -19.42 5.90 -18.35
C ARG A 8 -18.42 5.83 -19.50
N SER A 9 -17.22 5.39 -19.17
CA SER A 9 -16.17 5.27 -20.16
C SER A 9 -15.71 3.81 -20.28
N ALA A 10 -16.36 3.10 -21.17
CA ALA A 10 -16.04 1.70 -21.39
C ALA A 10 -15.33 1.55 -22.74
N HIS A 11 -16.05 1.89 -23.79
CA HIS A 11 -15.51 1.80 -25.15
C HIS A 11 -14.24 2.65 -25.24
N LEU A 12 -13.39 2.26 -26.18
CA LEU A 12 -12.13 2.96 -26.39
C LEU A 12 -11.25 2.80 -25.14
N ARG A 13 -10.20 2.02 -25.30
CA ARG A 13 -9.27 1.78 -24.21
C ARG A 13 -8.48 3.05 -23.89
N VAL A 14 -8.83 3.67 -22.77
CA VAL A 14 -8.15 4.89 -22.35
C VAL A 14 -7.32 4.60 -21.11
N ARG A 15 -6.05 4.96 -21.19
CA ARG A 15 -5.13 4.75 -20.08
C ARG A 15 -5.38 5.79 -18.98
N GLN A 16 -6.29 5.44 -18.09
CA GLN A 16 -6.64 6.32 -16.98
C GLN A 16 -5.96 5.85 -15.69
N LEU A 17 -6.07 6.67 -14.67
CA LEU A 17 -5.47 6.36 -13.39
C LEU A 17 -6.03 5.02 -12.88
N PRO A 18 -5.13 4.22 -12.26
CA PRO A 18 -5.52 2.92 -11.74
C PRO A 18 -6.33 3.07 -10.44
N HIS A 19 -6.53 1.95 -9.77
CA HIS A 19 -7.29 1.94 -8.54
C HIS A 19 -6.40 1.44 -7.40
N ALA A 20 -6.79 1.79 -6.17
CA ALA A 20 -6.05 1.38 -5.00
C ALA A 20 -6.17 -0.13 -4.83
N PRO A 21 -5.27 -0.68 -3.97
CA PRO A 21 -5.27 -2.12 -3.71
C PRO A 21 -6.43 -2.51 -2.80
N GLU A 22 -7.01 -3.66 -3.11
CA GLU A 22 -8.13 -4.16 -2.33
C GLU A 22 -7.66 -5.26 -1.37
N HIS A 23 -8.57 -5.63 -0.48
CA HIS A 23 -8.25 -6.66 0.50
C HIS A 23 -6.90 -6.37 1.14
N PRO A 24 -6.74 -5.10 1.62
CA PRO A 24 -5.51 -4.68 2.26
C PRO A 24 -5.40 -5.26 3.67
N VAL A 25 -4.53 -6.25 3.81
CA VAL A 25 -4.31 -6.89 5.09
C VAL A 25 -2.89 -6.60 5.58
N ALA A 26 -2.74 -6.59 6.89
CA ALA A 26 -1.44 -6.32 7.49
C ALA A 26 -1.30 -7.14 8.78
N THR A 27 -0.48 -8.19 8.68
CA THR A 27 -0.26 -9.06 9.81
C THR A 27 1.24 -9.12 10.14
N LEU A 28 1.51 -9.26 11.43
CA LEU A 28 2.89 -9.33 11.89
C LEU A 28 3.66 -10.35 11.06
N SER A 29 4.96 -10.40 11.29
CA SER A 29 5.81 -11.32 10.56
C SER A 29 6.15 -12.53 11.43
N THR A 30 5.35 -13.58 11.28
CA THR A 30 5.56 -14.79 12.05
C THR A 30 6.76 -15.57 11.51
N VAL A 31 7.90 -14.89 11.46
CA VAL A 31 9.12 -15.50 10.97
C VAL A 31 10.24 -14.47 11.01
N GLU A 32 9.91 -13.26 10.59
CA GLU A 32 10.89 -12.18 10.57
C GLU A 32 10.58 -11.17 11.68
N ARG A 33 11.51 -11.07 12.63
CA ARG A 33 11.36 -10.16 13.74
C ARG A 33 11.36 -8.72 13.24
N ARG A 34 10.56 -7.89 13.89
CA ARG A 34 10.46 -6.48 13.53
C ARG A 34 10.04 -6.35 12.07
N ALA A 35 9.20 -7.27 11.64
CA ALA A 35 8.71 -7.26 10.27
C ALA A 35 7.20 -7.49 10.27
N ILE A 36 6.57 -7.12 9.15
CA ILE A 36 5.13 -7.29 9.02
C ILE A 36 4.81 -7.77 7.60
N ASN A 37 3.81 -8.63 7.52
CA ASN A 37 3.40 -9.18 6.24
C ASN A 37 2.13 -8.45 5.77
N LEU A 38 2.20 -7.97 4.53
CA LEU A 38 1.07 -7.26 3.94
C LEU A 38 0.64 -7.96 2.65
N THR A 39 -0.66 -8.09 2.48
CA THR A 39 -1.21 -8.72 1.30
C THR A 39 -2.49 -8.01 0.84
N TRP A 40 -2.49 -7.63 -0.43
CA TRP A 40 -3.64 -6.95 -1.00
C TRP A 40 -4.02 -7.66 -2.29
N THR A 41 -5.08 -7.16 -2.92
CA THR A 41 -5.57 -7.74 -4.16
C THR A 41 -5.12 -6.88 -5.34
N LYS A 42 -5.06 -7.52 -6.51
CA LYS A 42 -4.65 -6.85 -7.72
C LYS A 42 -5.82 -6.00 -8.24
N PRO A 43 -5.65 -4.65 -8.15
CA PRO A 43 -6.66 -3.73 -8.61
C PRO A 43 -6.70 -3.66 -10.14
N PHE A 44 -7.66 -2.90 -10.64
CA PHE A 44 -7.82 -2.74 -12.08
C PHE A 44 -7.18 -1.44 -12.55
N ASP A 45 -6.29 -1.58 -13.52
CA ASP A 45 -5.59 -0.42 -14.08
C ASP A 45 -6.42 0.15 -15.24
N GLY A 46 -6.40 1.46 -15.34
CA GLY A 46 -7.13 2.15 -16.39
C GLY A 46 -7.09 1.34 -17.69
N ASN A 47 -5.90 1.25 -18.27
CA ASN A 47 -5.71 0.53 -19.51
C ASN A 47 -4.22 0.40 -19.80
N SER A 48 -3.44 0.30 -18.74
CA SER A 48 -2.00 0.17 -18.86
C SER A 48 -1.45 -0.75 -17.77
N PRO A 49 -0.26 -1.33 -18.06
CA PRO A 49 0.38 -2.23 -17.11
C PRO A 49 0.97 -1.46 -15.93
N LEU A 50 0.54 -1.84 -14.73
CA LEU A 50 1.02 -1.19 -13.53
C LEU A 50 2.54 -1.01 -13.62
N ILE A 51 3.01 0.08 -13.04
CA ILE A 51 4.44 0.39 -13.05
C ILE A 51 5.04 -0.01 -11.70
N ARG A 52 4.51 0.58 -10.64
CA ARG A 52 4.98 0.30 -9.30
C ARG A 52 3.94 0.71 -8.26
N TYR A 53 4.30 0.53 -7.00
CA TYR A 53 3.40 0.88 -5.91
C TYR A 53 4.15 1.62 -4.81
N ILE A 54 3.54 2.71 -4.35
CA ILE A 54 4.13 3.52 -3.30
C ILE A 54 3.51 3.14 -1.96
N LEU A 55 4.29 2.42 -1.16
CA LEU A 55 3.82 1.99 0.15
C LEU A 55 4.22 3.03 1.20
N GLU A 56 3.21 3.55 1.88
CA GLU A 56 3.43 4.55 2.91
C GLU A 56 3.01 4.01 4.28
N MET A 57 3.95 4.09 5.22
CA MET A 57 3.68 3.62 6.57
C MET A 57 3.38 4.79 7.51
N SER A 58 2.44 4.55 8.41
CA SER A 58 2.05 5.58 9.37
C SER A 58 2.17 5.03 10.79
N GLU A 59 3.28 5.38 11.43
CA GLU A 59 3.54 4.94 12.79
C GLU A 59 2.47 5.49 13.73
N ASN A 60 2.86 5.63 15.00
CA ASN A 60 1.95 6.14 16.00
C ASN A 60 1.67 7.62 15.73
N ASN A 61 0.61 7.87 14.98
CA ASN A 61 0.23 9.23 14.65
C ASN A 61 1.28 9.83 13.73
N ALA A 62 2.07 8.96 13.13
CA ALA A 62 3.13 9.39 12.22
C ALA A 62 2.52 9.68 10.84
N PRO A 63 3.14 10.66 10.14
CA PRO A 63 2.67 11.03 8.81
C PRO A 63 3.09 9.99 7.77
N TRP A 64 2.20 9.78 6.80
CA TRP A 64 2.46 8.81 5.74
C TRP A 64 3.87 9.08 5.20
N THR A 65 4.78 8.16 5.51
CA THR A 65 6.15 8.28 5.06
C THR A 65 6.44 7.26 3.96
N VAL A 66 6.80 7.78 2.79
CA VAL A 66 7.10 6.92 1.66
C VAL A 66 8.21 5.94 2.04
N LEU A 67 7.78 4.72 2.35
CA LEU A 67 8.73 3.68 2.74
C LEU A 67 9.28 3.00 1.48
N LEU A 68 8.38 2.39 0.73
CA LEU A 68 8.76 1.70 -0.49
C LEU A 68 8.23 2.48 -1.69
N ALA A 69 9.16 3.07 -2.43
CA ALA A 69 8.81 3.85 -3.61
C ALA A 69 8.84 2.95 -4.84
N SER A 70 9.79 2.03 -4.83
CA SER A 70 9.95 1.10 -5.94
C SER A 70 9.44 -0.29 -5.53
N VAL A 71 8.23 -0.59 -5.97
CA VAL A 71 7.63 -1.88 -5.65
C VAL A 71 7.18 -2.55 -6.95
N ASP A 72 7.21 -3.87 -6.94
CA ASP A 72 6.81 -4.65 -8.10
C ASP A 72 5.30 -4.52 -8.30
N PRO A 73 4.91 -4.31 -9.59
CA PRO A 73 3.49 -4.17 -9.92
C PRO A 73 2.79 -5.53 -9.88
N LYS A 74 3.57 -6.58 -10.02
CA LYS A 74 3.04 -7.93 -10.01
C LYS A 74 3.06 -8.47 -8.58
N ALA A 75 3.36 -7.58 -7.65
CA ALA A 75 3.43 -7.94 -6.25
C ALA A 75 2.17 -7.45 -5.54
N THR A 76 1.54 -8.36 -4.80
CA THR A 76 0.33 -8.03 -4.08
C THR A 76 0.59 -8.08 -2.56
N SER A 77 1.79 -8.51 -2.21
CA SER A 77 2.18 -8.60 -0.82
C SER A 77 3.60 -8.07 -0.63
N VAL A 78 3.83 -7.50 0.54
CA VAL A 78 5.14 -6.96 0.85
C VAL A 78 5.45 -7.20 2.34
N THR A 79 6.73 -7.35 2.63
CA THR A 79 7.17 -7.58 4.00
C THR A 79 8.08 -6.44 4.47
N VAL A 80 7.56 -5.67 5.42
CA VAL A 80 8.33 -4.55 5.96
C VAL A 80 9.29 -5.07 7.02
N LYS A 81 10.41 -4.38 7.14
CA LYS A 81 11.43 -4.76 8.12
C LYS A 81 12.08 -3.50 8.68
N GLY A 82 12.53 -3.60 9.92
CA GLY A 82 13.18 -2.48 10.58
C GLY A 82 12.16 -1.67 11.40
N LEU A 83 11.10 -2.34 11.81
CA LEU A 83 10.06 -1.70 12.59
C LEU A 83 10.49 -1.64 14.06
N VAL A 84 9.89 -0.71 14.78
CA VAL A 84 10.20 -0.53 16.18
C VAL A 84 9.22 -1.35 17.03
N PRO A 85 9.78 -2.10 18.01
CA PRO A 85 8.97 -2.93 18.88
C PRO A 85 8.24 -2.07 19.92
N ALA A 86 7.01 -2.46 20.20
CA ALA A 86 6.19 -1.74 21.16
C ALA A 86 5.70 -0.44 20.54
N ARG A 87 5.21 -0.55 19.31
CA ARG A 87 4.71 0.61 18.60
C ARG A 87 3.75 0.18 17.49
N SER A 88 2.75 1.02 17.26
CA SER A 88 1.76 0.73 16.25
C SER A 88 2.29 1.13 14.86
N TYR A 89 1.78 0.45 13.85
CA TYR A 89 2.20 0.72 12.48
C TYR A 89 1.04 0.53 11.50
N GLN A 90 0.92 1.47 10.58
CA GLN A 90 -0.14 1.41 9.59
C GLN A 90 0.45 1.45 8.18
N PHE A 91 0.04 0.49 7.37
CA PHE A 91 0.53 0.40 6.01
C PHE A 91 -0.59 0.72 5.01
N ARG A 92 -0.18 1.16 3.83
CA ARG A 92 -1.12 1.51 2.79
C ARG A 92 -0.39 1.98 1.53
N LEU A 93 -0.52 1.18 0.47
CA LEU A 93 0.13 1.50 -0.79
C LEU A 93 -0.94 1.88 -1.82
N CYS A 94 -0.46 2.40 -2.94
CA CYS A 94 -1.36 2.81 -4.02
C CYS A 94 -0.87 2.17 -5.32
N ALA A 95 -1.65 2.37 -6.37
CA ALA A 95 -1.31 1.84 -7.67
C ALA A 95 -0.73 2.95 -8.55
N VAL A 96 0.50 2.75 -8.99
CA VAL A 96 1.17 3.72 -9.84
C VAL A 96 1.43 3.10 -11.21
N ASN A 97 1.02 3.82 -12.24
CA ASN A 97 1.21 3.36 -13.61
C ASN A 97 1.59 4.55 -14.49
N ASP A 98 2.00 4.23 -15.71
CA ASP A 98 2.39 5.25 -16.66
C ASP A 98 1.42 6.42 -16.57
N VAL A 99 0.15 6.10 -16.35
CA VAL A 99 -0.88 7.11 -16.24
C VAL A 99 -0.53 8.06 -15.09
N GLY A 100 -0.32 7.48 -13.93
CA GLY A 100 0.02 8.27 -12.75
C GLY A 100 -0.44 7.57 -11.47
N LYS A 101 -0.15 8.22 -10.35
CA LYS A 101 -0.53 7.68 -9.05
C LYS A 101 -2.05 7.72 -8.91
N GLY A 102 -2.59 6.68 -8.29
CA GLY A 102 -4.03 6.58 -8.09
C GLY A 102 -4.40 6.93 -6.65
N GLN A 103 -4.73 5.90 -5.90
CA GLN A 103 -5.11 6.09 -4.50
C GLN A 103 -4.46 5.00 -3.63
N PHE A 104 -4.42 5.29 -2.33
CA PHE A 104 -3.83 4.35 -1.39
C PHE A 104 -4.91 3.54 -0.69
N SER A 105 -4.58 2.28 -0.41
CA SER A 105 -5.51 1.38 0.27
C SER A 105 -5.68 1.80 1.73
N LYS A 106 -6.89 1.61 2.23
CA LYS A 106 -7.20 1.97 3.60
C LYS A 106 -6.05 1.52 4.50
N ASP A 107 -6.03 2.06 5.71
CA ASP A 107 -5.00 1.74 6.67
C ASP A 107 -5.32 0.39 7.33
N THR A 108 -4.54 -0.61 6.97
CA THR A 108 -4.73 -1.95 7.52
C THR A 108 -4.99 -1.88 9.02
N GLU A 109 -5.69 -2.89 9.52
CA GLU A 109 -6.01 -2.95 10.94
C GLU A 109 -4.78 -2.58 11.78
N ARG A 110 -5.01 -1.66 12.71
CA ARG A 110 -3.94 -1.21 13.58
C ARG A 110 -3.02 -2.38 13.96
N VAL A 111 -1.86 -2.39 13.34
CA VAL A 111 -0.89 -3.44 13.59
C VAL A 111 0.14 -2.95 14.61
N SER A 112 0.23 -3.66 15.72
CA SER A 112 1.16 -3.31 16.77
C SER A 112 2.29 -4.33 16.84
N LEU A 113 3.49 -3.82 17.11
CA LEU A 113 4.67 -4.67 17.20
C LEU A 113 4.89 -5.07 18.65
N PRO A 114 5.29 -6.35 18.84
CA PRO A 114 5.55 -6.87 20.18
C PRO A 114 6.88 -6.35 20.72
N GLU A 115 6.78 -5.58 21.80
CA GLU A 115 7.96 -5.02 22.43
C GLU A 115 9.13 -6.02 22.37
N SER A 116 10.33 -5.47 22.39
CA SER A 116 11.53 -6.30 22.34
C SER A 116 12.12 -6.46 23.75
N GLY A 117 12.54 -7.67 24.04
CA GLY A 117 13.13 -7.96 25.33
C GLY A 117 12.14 -7.65 26.47
N PRO A 118 12.38 -8.29 27.63
CA PRO A 118 11.54 -8.09 28.80
C PRO A 118 11.82 -6.73 29.44
N SER A 119 11.49 -5.68 28.71
CA SER A 119 11.71 -4.33 29.19
C SER A 119 10.52 -3.44 28.80
N SER A 120 9.85 -2.93 29.83
CA SER A 120 8.71 -2.06 29.61
C SER A 120 9.14 -0.59 29.65
N GLY A 121 9.51 -0.08 28.49
CA GLY A 121 9.94 1.30 28.39
C GLY A 121 10.61 1.57 27.03
N GLY A 1 -4.90 28.54 -30.85
CA GLY A 1 -6.24 28.03 -30.58
C GLY A 1 -6.99 28.93 -29.60
N SER A 2 -8.28 28.67 -29.48
CA SER A 2 -9.12 29.44 -28.58
C SER A 2 -10.18 28.53 -27.95
N SER A 3 -10.98 27.91 -28.80
CA SER A 3 -12.03 27.02 -28.34
C SER A 3 -11.50 25.59 -28.27
N GLY A 4 -12.05 24.82 -27.34
CA GLY A 4 -11.66 23.44 -27.16
C GLY A 4 -12.86 22.55 -26.87
N SER A 5 -12.61 21.26 -26.83
CA SER A 5 -13.67 20.30 -26.56
C SER A 5 -13.18 19.25 -25.56
N SER A 6 -14.13 18.74 -24.78
CA SER A 6 -13.81 17.74 -23.78
C SER A 6 -13.95 16.34 -24.37
N GLY A 7 -13.11 15.43 -23.89
CA GLY A 7 -13.12 14.07 -24.37
C GLY A 7 -14.55 13.50 -24.36
N ARG A 8 -14.89 12.83 -25.44
CA ARG A 8 -16.21 12.23 -25.57
C ARG A 8 -16.11 10.83 -26.18
N SER A 9 -15.51 10.77 -27.36
CA SER A 9 -15.36 9.51 -28.05
C SER A 9 -13.87 9.16 -28.18
N ALA A 10 -13.42 8.28 -27.29
CA ALA A 10 -12.03 7.87 -27.29
C ALA A 10 -11.67 7.28 -28.66
N HIS A 11 -10.38 7.23 -28.93
CA HIS A 11 -9.90 6.69 -30.19
C HIS A 11 -9.65 5.19 -30.05
N LEU A 12 -8.55 4.86 -29.39
CA LEU A 12 -8.18 3.47 -29.17
C LEU A 12 -8.52 3.07 -27.74
N ARG A 13 -7.85 3.74 -26.80
CA ARG A 13 -8.06 3.46 -25.39
C ARG A 13 -7.77 4.72 -24.56
N VAL A 14 -8.41 4.77 -23.39
CA VAL A 14 -8.23 5.91 -22.50
C VAL A 14 -7.39 5.48 -21.30
N ARG A 15 -6.28 6.17 -21.11
CA ARG A 15 -5.38 5.88 -20.01
C ARG A 15 -6.02 6.30 -18.68
N GLN A 16 -6.68 5.33 -18.04
CA GLN A 16 -7.33 5.59 -16.78
C GLN A 16 -6.38 5.26 -15.62
N LEU A 17 -6.65 5.90 -14.49
CA LEU A 17 -5.83 5.68 -13.31
C LEU A 17 -6.23 4.34 -12.65
N PRO A 18 -5.19 3.67 -12.07
CA PRO A 18 -5.42 2.39 -11.41
C PRO A 18 -6.12 2.58 -10.07
N HIS A 19 -6.89 1.57 -9.70
CA HIS A 19 -7.62 1.61 -8.43
C HIS A 19 -6.69 1.20 -7.30
N ALA A 20 -7.04 1.64 -6.09
CA ALA A 20 -6.25 1.33 -4.92
C ALA A 20 -6.26 -0.18 -4.69
N PRO A 21 -5.30 -0.64 -3.83
CA PRO A 21 -5.19 -2.05 -3.53
C PRO A 21 -6.29 -2.48 -2.56
N GLU A 22 -6.97 -3.56 -2.93
CA GLU A 22 -8.04 -4.09 -2.12
C GLU A 22 -7.50 -5.09 -1.09
N HIS A 23 -8.41 -5.63 -0.29
CA HIS A 23 -8.03 -6.58 0.73
C HIS A 23 -6.67 -6.21 1.31
N PRO A 24 -6.58 -4.94 1.80
CA PRO A 24 -5.35 -4.44 2.37
C PRO A 24 -5.13 -5.03 3.77
N VAL A 25 -4.66 -6.26 3.79
CA VAL A 25 -4.40 -6.94 5.06
C VAL A 25 -2.91 -6.80 5.41
N ALA A 26 -2.68 -6.49 6.68
CA ALA A 26 -1.32 -6.33 7.17
C ALA A 26 -1.15 -7.08 8.49
N THR A 27 -0.45 -8.21 8.40
CA THR A 27 -0.21 -9.03 9.57
C THR A 27 1.28 -9.13 9.86
N LEU A 28 1.60 -9.29 11.14
CA LEU A 28 2.99 -9.39 11.56
C LEU A 28 3.54 -10.75 11.15
N SER A 29 4.86 -10.87 11.19
CA SER A 29 5.52 -12.11 10.83
C SER A 29 5.69 -12.99 12.07
N THR A 30 5.14 -14.19 11.99
CA THR A 30 5.23 -15.13 13.09
C THR A 30 6.48 -15.99 12.97
N VAL A 31 7.49 -15.42 12.32
CA VAL A 31 8.75 -16.11 12.11
C VAL A 31 9.89 -15.10 12.16
N GLU A 32 9.71 -14.01 11.41
CA GLU A 32 10.72 -12.97 11.36
C GLU A 32 10.37 -11.83 12.32
N ARG A 33 11.29 -11.59 13.24
CA ARG A 33 11.09 -10.53 14.23
C ARG A 33 11.08 -9.16 13.56
N ARG A 34 10.28 -8.26 14.12
CA ARG A 34 10.17 -6.92 13.58
C ARG A 34 10.00 -6.97 12.06
N ALA A 35 8.95 -7.67 11.64
CA ALA A 35 8.65 -7.80 10.23
C ALA A 35 7.15 -8.03 10.04
N ILE A 36 6.56 -7.21 9.19
CA ILE A 36 5.14 -7.32 8.91
C ILE A 36 4.93 -7.82 7.49
N ASN A 37 3.94 -8.69 7.33
CA ASN A 37 3.63 -9.26 6.04
C ASN A 37 2.44 -8.51 5.43
N LEU A 38 2.75 -7.65 4.47
CA LEU A 38 1.72 -6.87 3.80
C LEU A 38 1.18 -7.67 2.62
N THR A 39 -0.14 -7.69 2.53
CA THR A 39 -0.80 -8.41 1.46
C THR A 39 -2.08 -7.68 1.03
N TRP A 40 -2.17 -7.41 -0.27
CA TRP A 40 -3.32 -6.71 -0.81
C TRP A 40 -3.78 -7.47 -2.06
N THR A 41 -4.84 -6.97 -2.66
CA THR A 41 -5.39 -7.58 -3.86
C THR A 41 -5.00 -6.77 -5.10
N LYS A 42 -5.00 -7.45 -6.24
CA LYS A 42 -4.64 -6.81 -7.49
C LYS A 42 -5.84 -6.00 -8.00
N PRO A 43 -5.66 -4.65 -8.00
CA PRO A 43 -6.72 -3.77 -8.46
C PRO A 43 -6.84 -3.78 -9.98
N PHE A 44 -7.83 -3.05 -10.47
CA PHE A 44 -8.05 -2.98 -11.91
C PHE A 44 -7.26 -1.81 -12.52
N ASP A 45 -6.46 -2.16 -13.53
CA ASP A 45 -5.66 -1.16 -14.21
C ASP A 45 -6.54 -0.38 -15.20
N GLY A 46 -6.50 0.93 -15.08
CA GLY A 46 -7.27 1.79 -15.96
C GLY A 46 -7.23 1.29 -17.40
N ASN A 47 -6.03 1.31 -17.96
CA ASN A 47 -5.83 0.87 -19.33
C ASN A 47 -4.33 0.79 -19.63
N SER A 48 -3.57 0.47 -18.59
CA SER A 48 -2.13 0.36 -18.73
C SER A 48 -1.57 -0.59 -17.67
N PRO A 49 -0.38 -1.18 -17.99
CA PRO A 49 0.27 -2.10 -17.08
C PRO A 49 0.92 -1.35 -15.91
N LEU A 50 0.59 -1.80 -14.71
CA LEU A 50 1.14 -1.19 -13.51
C LEU A 50 2.64 -0.92 -13.72
N ILE A 51 3.14 0.05 -12.97
CA ILE A 51 4.56 0.40 -13.05
C ILE A 51 5.23 0.11 -11.71
N ARG A 52 4.68 0.70 -10.66
CA ARG A 52 5.21 0.51 -9.32
C ARG A 52 4.14 0.81 -8.27
N TYR A 53 4.52 0.63 -7.02
CA TYR A 53 3.61 0.87 -5.92
C TYR A 53 4.28 1.71 -4.83
N ILE A 54 3.55 2.71 -4.35
CA ILE A 54 4.06 3.58 -3.31
C ILE A 54 3.41 3.21 -1.97
N LEU A 55 4.15 2.46 -1.17
CA LEU A 55 3.67 2.03 0.13
C LEU A 55 3.97 3.11 1.16
N GLU A 56 2.92 3.55 1.83
CA GLU A 56 3.07 4.58 2.85
C GLU A 56 2.77 3.99 4.24
N MET A 57 3.76 4.09 5.11
CA MET A 57 3.63 3.57 6.47
C MET A 57 3.38 4.71 7.46
N SER A 58 2.49 4.45 8.40
CA SER A 58 2.16 5.45 9.41
C SER A 58 2.36 4.85 10.80
N GLU A 59 3.33 5.42 11.51
CA GLU A 59 3.64 4.95 12.86
C GLU A 59 2.59 5.47 13.84
N ASN A 60 3.05 5.74 15.06
CA ASN A 60 2.17 6.24 16.10
C ASN A 60 1.82 7.70 15.81
N ASN A 61 0.65 7.88 15.21
CA ASN A 61 0.18 9.21 14.86
C ASN A 61 1.18 9.87 13.91
N ALA A 62 2.05 9.04 13.35
CA ALA A 62 3.07 9.53 12.43
C ALA A 62 2.41 9.82 11.08
N PRO A 63 2.98 10.83 10.37
CA PRO A 63 2.47 11.22 9.08
C PRO A 63 2.86 10.20 8.00
N TRP A 64 1.94 10.00 7.06
CA TRP A 64 2.17 9.05 5.99
C TRP A 64 3.59 9.27 5.46
N THR A 65 4.42 8.24 5.65
CA THR A 65 5.80 8.31 5.20
C THR A 65 6.06 7.24 4.13
N VAL A 66 6.27 7.72 2.91
CA VAL A 66 6.53 6.83 1.80
C VAL A 66 7.73 5.94 2.13
N LEU A 67 7.42 4.71 2.52
CA LEU A 67 8.46 3.75 2.87
C LEU A 67 9.09 3.20 1.60
N LEU A 68 8.26 2.54 0.81
CA LEU A 68 8.71 1.96 -0.44
C LEU A 68 8.14 2.75 -1.62
N ALA A 69 9.04 3.40 -2.34
CA ALA A 69 8.63 4.20 -3.49
C ALA A 69 8.62 3.32 -4.74
N SER A 70 9.65 2.49 -4.86
CA SER A 70 9.77 1.59 -5.99
C SER A 70 9.39 0.17 -5.58
N VAL A 71 8.18 -0.21 -5.97
CA VAL A 71 7.67 -1.53 -5.65
C VAL A 71 7.28 -2.25 -6.94
N ASP A 72 7.36 -3.58 -6.88
CA ASP A 72 7.02 -4.39 -8.04
C ASP A 72 5.51 -4.30 -8.28
N PRO A 73 5.14 -4.11 -9.58
CA PRO A 73 3.75 -4.01 -9.96
C PRO A 73 3.07 -5.38 -9.94
N LYS A 74 3.89 -6.41 -10.12
CA LYS A 74 3.40 -7.77 -10.14
C LYS A 74 3.45 -8.34 -8.72
N ALA A 75 3.53 -7.44 -7.75
CA ALA A 75 3.58 -7.84 -6.36
C ALA A 75 2.32 -7.34 -5.65
N THR A 76 1.78 -8.21 -4.81
CA THR A 76 0.58 -7.89 -4.06
C THR A 76 0.85 -7.95 -2.56
N SER A 77 2.09 -8.28 -2.23
CA SER A 77 2.48 -8.38 -0.83
C SER A 77 3.91 -7.86 -0.66
N VAL A 78 4.18 -7.34 0.53
CA VAL A 78 5.49 -6.80 0.83
C VAL A 78 5.79 -7.00 2.31
N THR A 79 7.07 -7.02 2.63
CA THR A 79 7.50 -7.22 4.01
C THR A 79 8.20 -5.95 4.52
N VAL A 80 7.79 -5.54 5.72
CA VAL A 80 8.36 -4.35 6.34
C VAL A 80 9.21 -4.77 7.53
N LYS A 81 10.52 -4.79 7.30
CA LYS A 81 11.46 -5.17 8.35
C LYS A 81 12.17 -3.92 8.86
N GLY A 82 12.42 -3.90 10.16
CA GLY A 82 13.10 -2.79 10.77
C GLY A 82 12.19 -2.08 11.79
N LEU A 83 10.93 -2.50 11.79
CA LEU A 83 9.96 -1.93 12.71
C LEU A 83 10.50 -2.01 14.14
N VAL A 84 9.95 -1.17 14.99
CA VAL A 84 10.35 -1.14 16.38
C VAL A 84 9.33 -1.89 17.23
N PRO A 85 9.84 -2.62 18.25
CA PRO A 85 8.98 -3.39 19.13
C PRO A 85 8.24 -2.47 20.12
N ALA A 86 6.98 -2.80 20.34
CA ALA A 86 6.16 -2.03 21.25
C ALA A 86 5.82 -0.68 20.60
N ARG A 87 5.42 -0.77 19.34
CA ARG A 87 5.06 0.43 18.59
C ARG A 87 4.01 0.09 17.52
N SER A 88 3.14 1.06 17.27
CA SER A 88 2.09 0.87 16.28
C SER A 88 2.59 1.33 14.90
N TYR A 89 2.12 0.63 13.87
CA TYR A 89 2.51 0.94 12.51
C TYR A 89 1.35 0.70 11.54
N GLN A 90 1.31 1.54 10.51
CA GLN A 90 0.25 1.44 9.52
C GLN A 90 0.86 1.25 8.12
N PHE A 91 0.01 0.87 7.19
CA PHE A 91 0.45 0.67 5.82
C PHE A 91 -0.68 0.97 4.83
N ARG A 92 -0.29 1.49 3.68
CA ARG A 92 -1.25 1.83 2.64
C ARG A 92 -0.53 2.20 1.34
N LEU A 93 -0.56 1.27 0.40
CA LEU A 93 0.09 1.48 -0.88
C LEU A 93 -0.97 1.86 -1.92
N CYS A 94 -0.49 2.32 -3.07
CA CYS A 94 -1.37 2.72 -4.15
C CYS A 94 -0.84 2.13 -5.45
N ALA A 95 -1.62 2.31 -6.50
CA ALA A 95 -1.24 1.80 -7.81
C ALA A 95 -0.70 2.95 -8.67
N VAL A 96 0.41 2.68 -9.34
CA VAL A 96 1.03 3.68 -10.19
C VAL A 96 1.42 3.03 -11.52
N ASN A 97 1.05 3.69 -12.60
CA ASN A 97 1.35 3.20 -13.93
C ASN A 97 1.78 4.37 -14.83
N ASP A 98 1.97 4.06 -16.10
CA ASP A 98 2.38 5.07 -17.06
C ASP A 98 1.41 6.26 -16.98
N VAL A 99 0.13 5.93 -17.06
CA VAL A 99 -0.91 6.95 -17.00
C VAL A 99 -0.60 7.92 -15.85
N GLY A 100 -0.37 7.34 -14.68
CA GLY A 100 -0.07 8.14 -13.51
C GLY A 100 -0.49 7.41 -12.24
N LYS A 101 -0.43 8.14 -11.13
CA LYS A 101 -0.80 7.57 -9.84
C LYS A 101 -2.32 7.44 -9.76
N GLY A 102 -2.76 6.48 -8.96
CA GLY A 102 -4.18 6.24 -8.78
C GLY A 102 -4.65 6.68 -7.39
N GLN A 103 -4.80 5.70 -6.52
CA GLN A 103 -5.24 5.97 -5.15
C GLN A 103 -4.67 4.91 -4.20
N PHE A 104 -4.51 5.33 -2.95
CA PHE A 104 -3.98 4.44 -1.93
C PHE A 104 -5.09 3.62 -1.28
N SER A 105 -4.68 2.67 -0.45
CA SER A 105 -5.64 1.82 0.24
C SER A 105 -5.87 2.33 1.65
N LYS A 106 -6.96 1.86 2.25
CA LYS A 106 -7.31 2.27 3.61
C LYS A 106 -6.19 1.85 4.56
N ASP A 107 -6.22 2.45 5.75
CA ASP A 107 -5.21 2.15 6.75
C ASP A 107 -5.42 0.72 7.26
N THR A 108 -4.44 -0.13 6.95
CA THR A 108 -4.49 -1.52 7.37
C THR A 108 -4.72 -1.62 8.87
N GLU A 109 -5.44 -2.66 9.26
CA GLU A 109 -5.73 -2.88 10.66
C GLU A 109 -4.54 -2.48 11.53
N ARG A 110 -4.80 -1.57 12.46
CA ARG A 110 -3.76 -1.08 13.35
C ARG A 110 -2.80 -2.23 13.71
N VAL A 111 -1.70 -2.29 12.99
CA VAL A 111 -0.70 -3.32 13.21
C VAL A 111 0.31 -2.82 14.25
N SER A 112 0.34 -3.51 15.37
CA SER A 112 1.26 -3.16 16.45
C SER A 112 2.47 -4.09 16.44
N LEU A 113 3.60 -3.55 16.89
CA LEU A 113 4.82 -4.32 16.93
C LEU A 113 4.87 -5.12 18.23
N PRO A 114 5.58 -6.28 18.16
CA PRO A 114 5.71 -7.14 19.33
C PRO A 114 6.69 -6.56 20.33
N GLU A 115 6.16 -6.19 21.49
CA GLU A 115 6.97 -5.62 22.55
C GLU A 115 8.35 -6.31 22.59
N SER A 116 8.31 -7.62 22.41
CA SER A 116 9.54 -8.40 22.42
C SER A 116 10.12 -8.43 23.83
N GLY A 117 10.59 -7.27 24.27
CA GLY A 117 11.17 -7.15 25.60
C GLY A 117 10.12 -6.70 26.62
N PRO A 118 10.55 -6.69 27.91
CA PRO A 118 9.66 -6.29 28.99
C PRO A 118 9.48 -4.78 29.02
N SER A 119 10.60 -4.07 28.97
CA SER A 119 10.58 -2.62 28.98
C SER A 119 11.85 -2.07 28.32
N SER A 120 11.74 -1.80 27.03
CA SER A 120 12.86 -1.27 26.28
C SER A 120 13.29 0.08 26.86
N GLY A 121 14.59 0.34 26.78
CA GLY A 121 15.14 1.57 27.29
C GLY A 121 14.38 2.78 26.74
N GLY A 1 -25.69 -15.59 -4.08
CA GLY A 1 -26.33 -14.50 -3.37
C GLY A 1 -25.60 -13.18 -3.62
N SER A 2 -26.29 -12.28 -4.32
CA SER A 2 -25.72 -10.98 -4.63
C SER A 2 -24.46 -11.15 -5.48
N SER A 3 -24.62 -10.91 -6.78
CA SER A 3 -23.52 -11.03 -7.70
C SER A 3 -23.21 -9.68 -8.33
N GLY A 4 -22.21 -9.01 -7.78
CA GLY A 4 -21.81 -7.70 -8.27
C GLY A 4 -20.53 -7.22 -7.58
N SER A 5 -19.40 -7.63 -8.13
CA SER A 5 -18.12 -7.24 -7.58
C SER A 5 -18.04 -5.72 -7.43
N SER A 6 -18.21 -5.05 -8.55
CA SER A 6 -18.17 -3.59 -8.56
C SER A 6 -18.95 -3.05 -9.76
N GLY A 7 -18.52 -3.47 -10.94
CA GLY A 7 -19.17 -3.04 -12.17
C GLY A 7 -18.13 -2.54 -13.18
N ARG A 8 -18.39 -1.35 -13.71
CA ARG A 8 -17.50 -0.75 -14.68
C ARG A 8 -17.42 -1.63 -15.93
N SER A 9 -17.52 -0.99 -17.09
CA SER A 9 -17.47 -1.69 -18.35
C SER A 9 -16.00 -1.88 -18.77
N ALA A 10 -15.70 -3.10 -19.20
CA ALA A 10 -14.35 -3.43 -19.63
C ALA A 10 -14.37 -3.75 -21.13
N HIS A 11 -13.75 -2.87 -21.90
CA HIS A 11 -13.68 -3.04 -23.34
C HIS A 11 -12.93 -1.88 -23.96
N LEU A 12 -13.46 -0.68 -23.75
CA LEU A 12 -12.85 0.52 -24.29
C LEU A 12 -11.51 0.76 -23.59
N ARG A 13 -10.49 0.09 -24.09
CA ARG A 13 -9.15 0.22 -23.53
C ARG A 13 -8.72 1.69 -23.52
N VAL A 14 -8.95 2.33 -22.39
CA VAL A 14 -8.59 3.73 -22.24
C VAL A 14 -7.55 3.87 -21.12
N ARG A 15 -6.50 4.62 -21.43
CA ARG A 15 -5.44 4.84 -20.46
C ARG A 15 -5.93 5.76 -19.34
N GLN A 16 -6.36 5.14 -18.25
CA GLN A 16 -6.85 5.89 -17.11
C GLN A 16 -6.08 5.49 -15.85
N LEU A 17 -6.35 6.22 -14.78
CA LEU A 17 -5.69 5.97 -13.51
C LEU A 17 -6.17 4.63 -12.95
N PRO A 18 -5.25 3.94 -12.22
CA PRO A 18 -5.58 2.65 -11.63
C PRO A 18 -6.46 2.83 -10.40
N HIS A 19 -6.56 1.75 -9.63
CA HIS A 19 -7.37 1.77 -8.42
C HIS A 19 -6.51 1.39 -7.21
N ALA A 20 -6.96 1.79 -6.04
CA ALA A 20 -6.25 1.49 -4.81
C ALA A 20 -6.23 -0.02 -4.59
N PRO A 21 -5.28 -0.47 -3.72
CA PRO A 21 -5.15 -1.87 -3.42
C PRO A 21 -6.27 -2.35 -2.50
N GLU A 22 -7.04 -3.31 -2.98
CA GLU A 22 -8.14 -3.86 -2.21
C GLU A 22 -7.64 -4.91 -1.24
N HIS A 23 -8.54 -5.36 -0.38
CA HIS A 23 -8.20 -6.37 0.61
C HIS A 23 -6.85 -6.03 1.25
N PRO A 24 -6.74 -4.76 1.72
CA PRO A 24 -5.52 -4.30 2.36
C PRO A 24 -5.37 -4.88 3.76
N VAL A 25 -4.57 -5.93 3.85
CA VAL A 25 -4.33 -6.59 5.13
C VAL A 25 -2.91 -6.28 5.60
N ALA A 26 -2.75 -6.28 6.92
CA ALA A 26 -1.45 -6.01 7.51
C ALA A 26 -1.29 -6.83 8.79
N THR A 27 -0.47 -7.87 8.68
CA THR A 27 -0.22 -8.75 9.82
C THR A 27 1.28 -8.82 10.11
N LEU A 28 1.58 -9.17 11.36
CA LEU A 28 2.97 -9.28 11.78
C LEU A 28 3.67 -10.36 10.95
N SER A 29 4.98 -10.35 11.01
CA SER A 29 5.79 -11.32 10.28
C SER A 29 6.23 -12.44 11.20
N THR A 30 5.53 -13.56 11.10
CA THR A 30 5.85 -14.72 11.93
C THR A 30 7.12 -15.40 11.42
N VAL A 31 7.67 -14.84 10.36
CA VAL A 31 8.89 -15.38 9.77
C VAL A 31 10.05 -14.42 10.03
N GLU A 32 9.74 -13.13 10.00
CA GLU A 32 10.73 -12.12 10.24
C GLU A 32 10.40 -11.33 11.51
N ARG A 33 11.44 -11.05 12.28
CA ARG A 33 11.27 -10.30 13.52
C ARG A 33 11.25 -8.80 13.24
N ARG A 34 10.39 -8.10 13.96
CA ARG A 34 10.27 -6.65 13.80
C ARG A 34 9.84 -6.32 12.37
N ALA A 35 9.18 -7.28 11.74
CA ALA A 35 8.70 -7.10 10.39
C ALA A 35 7.18 -7.25 10.36
N ILE A 36 6.59 -6.85 9.24
CA ILE A 36 5.16 -6.95 9.07
C ILE A 36 4.84 -7.39 7.63
N ASN A 37 3.85 -8.27 7.53
CA ASN A 37 3.44 -8.77 6.23
C ASN A 37 2.18 -8.03 5.77
N LEU A 38 2.20 -7.61 4.51
CA LEU A 38 1.07 -6.89 3.94
C LEU A 38 0.65 -7.59 2.64
N THR A 39 -0.66 -7.73 2.49
CA THR A 39 -1.21 -8.36 1.30
C THR A 39 -2.49 -7.64 0.86
N TRP A 40 -2.49 -7.23 -0.40
CA TRP A 40 -3.65 -6.54 -0.96
C TRP A 40 -4.08 -7.29 -2.22
N THR A 41 -5.20 -6.84 -2.77
CA THR A 41 -5.74 -7.45 -3.98
C THR A 41 -5.32 -6.65 -5.22
N LYS A 42 -5.33 -7.33 -6.36
CA LYS A 42 -4.96 -6.70 -7.61
C LYS A 42 -6.12 -5.85 -8.11
N PRO A 43 -5.91 -4.51 -8.10
CA PRO A 43 -6.94 -3.58 -8.55
C PRO A 43 -7.04 -3.59 -10.08
N PHE A 44 -8.01 -2.84 -10.58
CA PHE A 44 -8.24 -2.75 -12.01
C PHE A 44 -7.27 -1.77 -12.65
N ASP A 45 -6.57 -2.24 -13.68
CA ASP A 45 -5.61 -1.41 -14.38
C ASP A 45 -6.35 -0.54 -15.40
N GLY A 46 -5.93 0.72 -15.45
CA GLY A 46 -6.55 1.67 -16.36
C GLY A 46 -6.02 1.48 -17.79
N ASN A 47 -6.13 0.25 -18.26
CA ASN A 47 -5.68 -0.08 -19.60
C ASN A 47 -4.17 0.19 -19.70
N SER A 48 -3.54 0.30 -18.54
CA SER A 48 -2.11 0.55 -18.49
C SER A 48 -1.43 -0.47 -17.58
N PRO A 49 -0.18 -0.84 -17.96
CA PRO A 49 0.58 -1.80 -17.18
C PRO A 49 1.13 -1.17 -15.90
N LEU A 50 0.68 -1.72 -14.78
CA LEU A 50 1.12 -1.23 -13.49
C LEU A 50 2.62 -0.98 -13.51
N ILE A 51 3.02 0.13 -12.90
CA ILE A 51 4.42 0.50 -12.86
C ILE A 51 5.02 0.02 -11.53
N ARG A 52 4.45 0.53 -10.44
CA ARG A 52 4.92 0.16 -9.11
C ARG A 52 3.87 0.52 -8.07
N TYR A 53 4.29 0.52 -6.81
CA TYR A 53 3.40 0.83 -5.71
C TYR A 53 4.14 1.55 -4.59
N ILE A 54 3.61 2.72 -4.24
CA ILE A 54 4.21 3.52 -3.18
C ILE A 54 3.55 3.17 -1.84
N LEU A 55 4.27 2.40 -1.05
CA LEU A 55 3.78 2.00 0.25
C LEU A 55 4.20 3.02 1.31
N GLU A 56 3.20 3.59 1.97
CA GLU A 56 3.45 4.58 2.99
C GLU A 56 3.05 4.04 4.37
N MET A 57 4.01 4.02 5.27
CA MET A 57 3.78 3.53 6.62
C MET A 57 3.61 4.69 7.60
N SER A 58 2.79 4.45 8.61
CA SER A 58 2.52 5.46 9.62
C SER A 58 2.83 4.91 11.01
N GLU A 59 3.87 5.47 11.62
CA GLU A 59 4.28 5.05 12.94
C GLU A 59 3.36 5.65 14.01
N ASN A 60 2.39 4.86 14.43
CA ASN A 60 1.44 5.30 15.44
C ASN A 60 0.79 6.61 14.97
N ASN A 61 1.37 7.71 15.41
CA ASN A 61 0.85 9.02 15.04
C ASN A 61 1.85 9.72 14.13
N ALA A 62 2.47 8.93 13.26
CA ALA A 62 3.45 9.47 12.32
C ALA A 62 2.77 9.71 10.97
N PRO A 63 3.31 10.71 10.23
CA PRO A 63 2.77 11.05 8.93
C PRO A 63 3.18 10.01 7.87
N TRP A 64 2.27 9.76 6.95
CA TRP A 64 2.52 8.80 5.89
C TRP A 64 3.94 9.03 5.38
N THR A 65 4.81 8.07 5.68
CA THR A 65 6.20 8.15 5.25
C THR A 65 6.48 7.14 4.15
N VAL A 66 6.78 7.65 2.97
CA VAL A 66 7.07 6.80 1.83
C VAL A 66 8.21 5.85 2.19
N LEU A 67 7.84 4.62 2.50
CA LEU A 67 8.81 3.60 2.86
C LEU A 67 9.41 3.00 1.60
N LEU A 68 8.55 2.38 0.81
CA LEU A 68 8.98 1.76 -0.44
C LEU A 68 8.46 2.60 -1.62
N ALA A 69 9.40 3.23 -2.30
CA ALA A 69 9.06 4.06 -3.44
C ALA A 69 9.12 3.20 -4.71
N SER A 70 9.92 2.15 -4.65
CA SER A 70 10.07 1.25 -5.78
C SER A 70 9.56 -0.14 -5.41
N VAL A 71 8.35 -0.44 -5.85
CA VAL A 71 7.75 -1.73 -5.56
C VAL A 71 7.35 -2.39 -6.88
N ASP A 72 7.35 -3.72 -6.86
CA ASP A 72 6.98 -4.48 -8.04
C ASP A 72 5.48 -4.33 -8.30
N PRO A 73 5.13 -4.14 -9.61
CA PRO A 73 3.74 -3.99 -10.00
C PRO A 73 3.01 -5.32 -9.95
N LYS A 74 3.78 -6.39 -10.11
CA LYS A 74 3.21 -7.73 -10.10
C LYS A 74 3.24 -8.27 -8.67
N ALA A 75 3.31 -7.36 -7.72
CA ALA A 75 3.35 -7.73 -6.31
C ALA A 75 2.10 -7.21 -5.62
N THR A 76 1.48 -8.09 -4.83
CA THR A 76 0.28 -7.73 -4.10
C THR A 76 0.54 -7.77 -2.59
N SER A 77 1.76 -8.17 -2.24
CA SER A 77 2.15 -8.26 -0.84
C SER A 77 3.57 -7.74 -0.65
N VAL A 78 3.82 -7.20 0.53
CA VAL A 78 5.14 -6.67 0.85
C VAL A 78 5.43 -6.88 2.33
N THR A 79 6.72 -6.90 2.66
CA THR A 79 7.13 -7.10 4.03
C THR A 79 8.05 -5.95 4.48
N VAL A 80 7.61 -5.28 5.54
CA VAL A 80 8.38 -4.16 6.08
C VAL A 80 9.30 -4.67 7.18
N LYS A 81 10.50 -4.11 7.22
CA LYS A 81 11.49 -4.49 8.21
C LYS A 81 12.12 -3.23 8.80
N GLY A 82 12.53 -3.35 10.05
CA GLY A 82 13.17 -2.23 10.74
C GLY A 82 12.15 -1.48 11.60
N LEU A 83 11.17 -2.22 12.09
CA LEU A 83 10.13 -1.64 12.94
C LEU A 83 10.61 -1.63 14.39
N VAL A 84 9.73 -1.16 15.26
CA VAL A 84 10.04 -1.09 16.67
C VAL A 84 9.05 -1.94 17.46
N PRO A 85 9.58 -2.63 18.51
CA PRO A 85 8.75 -3.48 19.34
C PRO A 85 7.87 -2.65 20.28
N ALA A 86 6.65 -3.10 20.45
CA ALA A 86 5.70 -2.42 21.32
C ALA A 86 5.34 -1.06 20.69
N ARG A 87 5.02 -1.11 19.41
CA ARG A 87 4.65 0.10 18.69
C ARG A 87 3.71 -0.25 17.53
N SER A 88 2.72 0.62 17.33
CA SER A 88 1.76 0.42 16.27
C SER A 88 2.32 0.91 14.94
N TYR A 89 1.91 0.26 13.87
CA TYR A 89 2.37 0.63 12.54
C TYR A 89 1.26 0.43 11.50
N GLN A 90 1.06 1.46 10.69
CA GLN A 90 0.05 1.41 9.66
C GLN A 90 0.70 1.32 8.27
N PHE A 91 -0.05 0.75 7.34
CA PHE A 91 0.44 0.60 5.99
C PHE A 91 -0.66 0.89 4.96
N ARG A 92 -0.26 1.54 3.87
CA ARG A 92 -1.20 1.89 2.83
C ARG A 92 -0.46 2.26 1.55
N LEU A 93 -0.64 1.42 0.53
CA LEU A 93 0.01 1.64 -0.74
C LEU A 93 -1.04 1.99 -1.80
N CYS A 94 -0.56 2.52 -2.92
CA CYS A 94 -1.46 2.89 -4.00
C CYS A 94 -0.93 2.27 -5.29
N ALA A 95 -1.72 2.39 -6.34
CA ALA A 95 -1.35 1.86 -7.64
C ALA A 95 -0.80 2.98 -8.52
N VAL A 96 0.41 2.77 -9.02
CA VAL A 96 1.06 3.75 -9.87
C VAL A 96 1.48 3.09 -11.17
N ASN A 97 1.06 3.71 -12.28
CA ASN A 97 1.39 3.19 -13.59
C ASN A 97 1.88 4.34 -14.48
N ASP A 98 2.16 4.00 -15.73
CA ASP A 98 2.64 4.98 -16.68
C ASP A 98 1.69 6.18 -16.70
N VAL A 99 0.41 5.87 -16.89
CA VAL A 99 -0.60 6.91 -16.92
C VAL A 99 -0.36 7.89 -15.77
N GLY A 100 -0.12 7.34 -14.60
CA GLY A 100 0.13 8.15 -13.42
C GLY A 100 -0.08 7.34 -12.14
N LYS A 101 -0.43 8.05 -11.08
CA LYS A 101 -0.65 7.42 -9.80
C LYS A 101 -2.16 7.32 -9.53
N GLY A 102 -2.54 6.31 -8.77
CA GLY A 102 -3.93 6.09 -8.44
C GLY A 102 -4.20 6.39 -6.97
N GLN A 103 -5.30 5.84 -6.48
CA GLN A 103 -5.69 6.04 -5.09
C GLN A 103 -4.94 5.07 -4.19
N PHE A 104 -5.08 5.28 -2.88
CA PHE A 104 -4.43 4.43 -1.91
C PHE A 104 -5.44 3.51 -1.22
N SER A 105 -4.91 2.63 -0.38
CA SER A 105 -5.75 1.69 0.35
C SER A 105 -5.95 2.17 1.79
N LYS A 106 -7.10 1.84 2.34
CA LYS A 106 -7.43 2.22 3.70
C LYS A 106 -6.31 1.76 4.63
N ASP A 107 -6.26 2.38 5.80
CA ASP A 107 -5.24 2.04 6.79
C ASP A 107 -5.54 0.65 7.36
N THR A 108 -4.65 -0.28 7.04
CA THR A 108 -4.82 -1.64 7.52
C THR A 108 -5.15 -1.66 9.01
N GLU A 109 -5.43 -2.85 9.51
CA GLU A 109 -5.77 -3.02 10.91
C GLU A 109 -4.58 -2.66 11.79
N ARG A 110 -4.82 -1.75 12.73
CA ARG A 110 -3.77 -1.32 13.64
C ARG A 110 -2.83 -2.48 13.95
N VAL A 111 -1.72 -2.53 13.23
CA VAL A 111 -0.73 -3.57 13.43
C VAL A 111 0.26 -3.14 14.52
N SER A 112 0.28 -3.91 15.59
CA SER A 112 1.16 -3.63 16.70
C SER A 112 2.32 -4.64 16.73
N LEU A 113 3.49 -4.13 17.08
CA LEU A 113 4.68 -4.97 17.14
C LEU A 113 4.81 -5.54 18.55
N PRO A 114 5.53 -6.70 18.64
CA PRO A 114 5.74 -7.35 19.93
C PRO A 114 6.78 -6.60 20.76
N GLU A 115 6.49 -6.49 22.04
CA GLU A 115 7.39 -5.79 22.95
C GLU A 115 8.75 -6.50 23.00
N SER A 116 9.74 -5.77 23.46
CA SER A 116 11.09 -6.31 23.55
C SER A 116 11.69 -5.98 24.92
N GLY A 117 11.63 -6.95 25.81
CA GLY A 117 12.16 -6.78 27.16
C GLY A 117 12.41 -8.12 27.83
N PRO A 118 13.01 -8.06 29.05
CA PRO A 118 13.31 -9.26 29.80
C PRO A 118 12.04 -9.84 30.43
N SER A 119 12.06 -11.15 30.63
CA SER A 119 10.92 -11.83 31.21
C SER A 119 11.30 -12.40 32.58
N SER A 120 11.04 -11.62 33.61
CA SER A 120 11.34 -12.03 34.97
C SER A 120 10.28 -13.01 35.47
N GLY A 121 10.63 -14.28 35.44
CA GLY A 121 9.72 -15.32 35.89
C GLY A 121 10.46 -16.40 36.68
N GLY A 1 -20.83 8.18 0.54
CA GLY A 1 -20.28 8.37 -0.79
C GLY A 1 -21.38 8.27 -1.85
N SER A 2 -21.06 8.77 -3.04
CA SER A 2 -22.00 8.76 -4.14
C SER A 2 -21.38 9.43 -5.36
N SER A 3 -20.78 8.61 -6.22
CA SER A 3 -20.15 9.11 -7.42
C SER A 3 -20.42 8.16 -8.59
N GLY A 4 -20.77 8.75 -9.72
CA GLY A 4 -21.06 7.97 -10.91
C GLY A 4 -19.87 7.99 -11.88
N SER A 5 -20.04 7.29 -12.99
CA SER A 5 -19.00 7.21 -14.00
C SER A 5 -19.61 7.46 -15.39
N SER A 6 -18.90 8.28 -16.16
CA SER A 6 -19.35 8.61 -17.51
C SER A 6 -18.14 8.74 -18.44
N GLY A 7 -18.14 7.90 -19.47
CA GLY A 7 -17.06 7.92 -20.44
C GLY A 7 -17.59 8.17 -21.85
N ARG A 8 -16.66 8.34 -22.77
CA ARG A 8 -17.03 8.60 -24.16
C ARG A 8 -16.43 7.51 -25.07
N SER A 9 -16.94 7.46 -26.29
CA SER A 9 -16.48 6.48 -27.26
C SER A 9 -15.29 7.03 -28.04
N ALA A 10 -14.25 6.22 -28.13
CA ALA A 10 -13.05 6.61 -28.85
C ALA A 10 -12.38 5.37 -29.43
N HIS A 11 -11.55 5.60 -30.45
CA HIS A 11 -10.85 4.51 -31.10
C HIS A 11 -9.61 4.14 -30.28
N LEU A 12 -8.74 5.13 -30.11
CA LEU A 12 -7.51 4.92 -29.35
C LEU A 12 -7.86 4.61 -27.89
N ARG A 13 -7.10 3.70 -27.31
CA ARG A 13 -7.32 3.31 -25.93
C ARG A 13 -7.21 4.53 -25.02
N VAL A 14 -7.85 4.42 -23.86
CA VAL A 14 -7.84 5.50 -22.89
C VAL A 14 -6.91 5.14 -21.73
N ARG A 15 -6.09 6.10 -21.33
CA ARG A 15 -5.16 5.90 -20.25
C ARG A 15 -5.79 6.30 -18.92
N GLN A 16 -6.37 5.30 -18.25
CA GLN A 16 -7.01 5.53 -16.97
C GLN A 16 -6.03 5.27 -15.82
N LEU A 17 -6.40 5.75 -14.64
CA LEU A 17 -5.56 5.57 -13.48
C LEU A 17 -5.98 4.29 -12.74
N PRO A 18 -4.95 3.59 -12.20
CA PRO A 18 -5.20 2.36 -11.46
C PRO A 18 -5.79 2.64 -10.08
N HIS A 19 -6.91 1.97 -9.81
CA HIS A 19 -7.57 2.14 -8.53
C HIS A 19 -6.68 1.61 -7.40
N ALA A 20 -7.04 2.00 -6.18
CA ALA A 20 -6.27 1.57 -5.02
C ALA A 20 -6.40 0.06 -4.86
N PRO A 21 -5.49 -0.51 -4.02
CA PRO A 21 -5.50 -1.94 -3.77
C PRO A 21 -6.66 -2.34 -2.85
N GLU A 22 -7.13 -3.56 -3.05
CA GLU A 22 -8.23 -4.07 -2.26
C GLU A 22 -7.71 -5.03 -1.18
N HIS A 23 -8.64 -5.53 -0.37
CA HIS A 23 -8.29 -6.45 0.69
C HIS A 23 -6.94 -6.05 1.29
N PRO A 24 -6.86 -4.76 1.74
CA PRO A 24 -5.65 -4.25 2.33
C PRO A 24 -5.45 -4.78 3.76
N VAL A 25 -4.96 -6.01 3.82
CA VAL A 25 -4.72 -6.65 5.11
C VAL A 25 -3.25 -6.50 5.48
N ALA A 26 -3.01 -6.40 6.78
CA ALA A 26 -1.66 -6.27 7.28
C ALA A 26 -1.50 -7.06 8.57
N THR A 27 -0.52 -7.95 8.57
CA THR A 27 -0.26 -8.79 9.74
C THR A 27 1.24 -9.05 9.89
N LEU A 28 1.67 -9.04 11.14
CA LEU A 28 3.08 -9.26 11.44
C LEU A 28 3.57 -10.49 10.66
N SER A 29 4.87 -10.70 10.72
CA SER A 29 5.48 -11.83 10.03
C SER A 29 5.77 -12.96 11.02
N THR A 30 5.78 -12.60 12.30
CA THR A 30 6.05 -13.56 13.35
C THR A 30 7.25 -14.44 12.97
N VAL A 31 8.10 -13.89 12.13
CA VAL A 31 9.29 -14.61 11.70
C VAL A 31 10.47 -13.65 11.62
N GLU A 32 10.29 -12.61 10.80
CA GLU A 32 11.34 -11.61 10.63
C GLU A 32 11.29 -10.59 11.78
N ARG A 33 12.47 -10.24 12.25
CA ARG A 33 12.59 -9.29 13.34
C ARG A 33 11.89 -7.97 12.96
N ARG A 34 11.03 -7.52 13.86
CA ARG A 34 10.30 -6.28 13.63
C ARG A 34 9.93 -6.15 12.15
N ALA A 35 9.21 -7.15 11.67
CA ALA A 35 8.79 -7.16 10.28
C ALA A 35 7.29 -7.47 10.21
N ILE A 36 6.61 -6.79 9.30
CA ILE A 36 5.18 -6.98 9.13
C ILE A 36 4.91 -7.52 7.72
N ASN A 37 3.90 -8.38 7.63
CA ASN A 37 3.52 -8.97 6.36
C ASN A 37 2.27 -8.28 5.83
N LEU A 38 2.44 -7.59 4.71
CA LEU A 38 1.32 -6.89 4.09
C LEU A 38 0.78 -7.73 2.93
N THR A 39 -0.53 -7.64 2.75
CA THR A 39 -1.19 -8.38 1.68
C THR A 39 -2.41 -7.61 1.18
N TRP A 40 -2.42 -7.35 -0.12
CA TRP A 40 -3.53 -6.63 -0.73
C TRP A 40 -3.92 -7.38 -2.00
N THR A 41 -5.01 -6.92 -2.61
CA THR A 41 -5.51 -7.53 -3.82
C THR A 41 -5.13 -6.69 -5.04
N LYS A 42 -5.07 -7.36 -6.19
CA LYS A 42 -4.71 -6.69 -7.42
C LYS A 42 -5.93 -5.94 -7.96
N PRO A 43 -5.81 -4.58 -7.95
CA PRO A 43 -6.89 -3.74 -8.43
C PRO A 43 -6.97 -3.76 -9.96
N PHE A 44 -7.99 -3.09 -10.48
CA PHE A 44 -8.19 -3.03 -11.92
C PHE A 44 -7.37 -1.89 -12.54
N ASP A 45 -6.62 -2.25 -13.58
CA ASP A 45 -5.79 -1.27 -14.26
C ASP A 45 -6.66 -0.43 -15.21
N GLY A 46 -6.45 0.87 -15.15
CA GLY A 46 -7.21 1.78 -15.98
C GLY A 46 -7.22 1.32 -17.44
N ASN A 47 -6.11 0.70 -17.84
CA ASN A 47 -5.99 0.20 -19.19
C ASN A 47 -4.53 -0.19 -19.45
N SER A 48 -3.63 0.56 -18.83
CA SER A 48 -2.20 0.32 -18.98
C SER A 48 -1.71 -0.59 -17.86
N PRO A 49 -0.53 -1.22 -18.11
CA PRO A 49 0.06 -2.12 -17.14
C PRO A 49 0.68 -1.33 -15.98
N LEU A 50 0.28 -1.69 -14.77
CA LEU A 50 0.78 -1.03 -13.58
C LEU A 50 2.29 -0.80 -13.73
N ILE A 51 2.79 0.13 -12.94
CA ILE A 51 4.21 0.45 -12.97
C ILE A 51 4.85 0.09 -11.64
N ARG A 52 4.35 0.71 -10.59
CA ARG A 52 4.86 0.48 -9.25
C ARG A 52 3.82 0.87 -8.20
N TYR A 53 4.20 0.71 -6.94
CA TYR A 53 3.32 1.05 -5.85
C TYR A 53 4.07 1.80 -4.74
N ILE A 54 3.43 2.83 -4.21
CA ILE A 54 4.03 3.62 -3.16
C ILE A 54 3.39 3.24 -1.81
N LEU A 55 4.11 2.40 -1.08
CA LEU A 55 3.64 1.95 0.22
C LEU A 55 4.11 2.92 1.30
N GLU A 56 3.14 3.55 1.95
CA GLU A 56 3.43 4.51 3.00
C GLU A 56 3.03 3.94 4.37
N MET A 57 3.97 3.99 5.29
CA MET A 57 3.73 3.49 6.63
C MET A 57 3.51 4.64 7.62
N SER A 58 2.67 4.39 8.60
CA SER A 58 2.36 5.39 9.61
C SER A 58 2.70 4.84 11.00
N GLU A 59 3.78 5.37 11.57
CA GLU A 59 4.21 4.94 12.89
C GLU A 59 3.31 5.56 13.97
N ASN A 60 2.34 4.77 14.40
CA ASN A 60 1.41 5.21 15.42
C ASN A 60 0.73 6.50 14.95
N ASN A 61 1.33 7.62 15.34
CA ASN A 61 0.79 8.93 14.97
C ASN A 61 1.77 9.62 14.03
N ALA A 62 2.43 8.81 13.20
CA ALA A 62 3.40 9.34 12.26
C ALA A 62 2.70 9.57 10.91
N PRO A 63 3.20 10.60 10.18
CA PRO A 63 2.64 10.94 8.88
C PRO A 63 3.08 9.92 7.82
N TRP A 64 2.18 9.67 6.88
CA TRP A 64 2.46 8.73 5.80
C TRP A 64 3.88 9.00 5.30
N THR A 65 4.77 8.07 5.61
CA THR A 65 6.16 8.20 5.20
C THR A 65 6.48 7.19 4.10
N VAL A 66 6.81 7.72 2.93
CA VAL A 66 7.15 6.88 1.79
C VAL A 66 8.26 5.91 2.19
N LEU A 67 7.87 4.68 2.48
CA LEU A 67 8.82 3.65 2.87
C LEU A 67 9.35 2.96 1.62
N LEU A 68 8.43 2.40 0.85
CA LEU A 68 8.80 1.70 -0.38
C LEU A 68 8.26 2.47 -1.58
N ALA A 69 9.19 3.07 -2.32
CA ALA A 69 8.83 3.84 -3.49
C ALA A 69 8.73 2.91 -4.71
N SER A 70 9.81 2.19 -4.95
CA SER A 70 9.87 1.27 -6.06
C SER A 70 9.34 -0.11 -5.62
N VAL A 71 8.10 -0.37 -5.97
CA VAL A 71 7.47 -1.63 -5.63
C VAL A 71 6.99 -2.33 -6.91
N ASP A 72 7.04 -3.65 -6.88
CA ASP A 72 6.64 -4.45 -8.02
C ASP A 72 5.11 -4.33 -8.19
N PRO A 73 4.69 -4.13 -9.46
CA PRO A 73 3.28 -4.01 -9.77
C PRO A 73 2.58 -5.37 -9.72
N LYS A 74 3.36 -6.41 -9.97
CA LYS A 74 2.84 -7.77 -9.96
C LYS A 74 2.85 -8.30 -8.52
N ALA A 75 3.32 -7.45 -7.62
CA ALA A 75 3.39 -7.82 -6.21
C ALA A 75 2.14 -7.32 -5.49
N THR A 76 1.55 -8.21 -4.72
CA THR A 76 0.35 -7.88 -3.97
C THR A 76 0.61 -7.97 -2.47
N SER A 77 1.86 -8.28 -2.13
CA SER A 77 2.24 -8.41 -0.73
C SER A 77 3.68 -7.91 -0.55
N VAL A 78 3.95 -7.40 0.65
CA VAL A 78 5.27 -6.89 0.96
C VAL A 78 5.58 -7.15 2.44
N THR A 79 6.86 -7.21 2.74
CA THR A 79 7.31 -7.46 4.11
C THR A 79 8.22 -6.33 4.58
N VAL A 80 7.70 -5.55 5.52
CA VAL A 80 8.47 -4.45 6.07
C VAL A 80 9.46 -4.96 7.10
N LYS A 81 10.57 -4.26 7.22
CA LYS A 81 11.61 -4.65 8.16
C LYS A 81 12.25 -3.39 8.75
N GLY A 82 12.59 -3.47 10.03
CA GLY A 82 13.21 -2.36 10.73
C GLY A 82 12.20 -1.66 11.64
N LEU A 83 11.15 -2.39 11.99
CA LEU A 83 10.13 -1.86 12.85
C LEU A 83 10.60 -1.92 14.31
N VAL A 84 9.73 -1.49 15.21
CA VAL A 84 10.05 -1.48 16.62
C VAL A 84 8.99 -2.30 17.37
N PRO A 85 9.47 -3.01 18.44
CA PRO A 85 8.57 -3.82 19.24
C PRO A 85 7.73 -2.95 20.17
N ALA A 86 6.50 -3.39 20.39
CA ALA A 86 5.58 -2.66 21.25
C ALA A 86 5.28 -1.30 20.63
N ARG A 87 4.91 -1.34 19.35
CA ARG A 87 4.60 -0.11 18.63
C ARG A 87 3.64 -0.41 17.48
N SER A 88 2.71 0.52 17.27
CA SER A 88 1.73 0.37 16.21
C SER A 88 2.32 0.83 14.88
N TYR A 89 1.89 0.17 13.81
CA TYR A 89 2.37 0.51 12.49
C TYR A 89 1.26 0.34 11.44
N GLN A 90 1.08 1.38 10.64
CA GLN A 90 0.06 1.36 9.60
C GLN A 90 0.71 1.25 8.22
N PHE A 91 -0.07 0.77 7.28
CA PHE A 91 0.41 0.62 5.92
C PHE A 91 -0.69 0.94 4.90
N ARG A 92 -0.28 1.56 3.81
CA ARG A 92 -1.21 1.92 2.75
C ARG A 92 -0.47 2.26 1.47
N LEU A 93 -0.59 1.37 0.50
CA LEU A 93 0.07 1.57 -0.79
C LEU A 93 -0.98 1.93 -1.84
N CYS A 94 -0.50 2.51 -2.93
CA CYS A 94 -1.37 2.91 -4.02
C CYS A 94 -0.91 2.21 -5.29
N ALA A 95 -1.68 2.40 -6.35
CA ALA A 95 -1.36 1.81 -7.64
C ALA A 95 -0.86 2.89 -8.60
N VAL A 96 0.36 2.68 -9.07
CA VAL A 96 0.97 3.64 -9.99
C VAL A 96 1.31 2.92 -11.30
N ASN A 97 0.96 3.59 -12.40
CA ASN A 97 1.22 3.04 -13.72
C ASN A 97 1.84 4.11 -14.61
N ASP A 98 1.96 3.78 -15.88
CA ASP A 98 2.54 4.70 -16.84
C ASP A 98 1.65 5.94 -16.96
N VAL A 99 0.38 5.74 -16.63
CA VAL A 99 -0.59 6.83 -16.69
C VAL A 99 -0.27 7.85 -15.59
N GLY A 100 -0.31 7.37 -14.35
CA GLY A 100 -0.03 8.23 -13.22
C GLY A 100 -0.19 7.46 -11.90
N LYS A 101 -0.17 8.21 -10.81
CA LYS A 101 -0.31 7.61 -9.49
C LYS A 101 -1.79 7.49 -9.14
N GLY A 102 -2.22 6.25 -8.94
CA GLY A 102 -3.60 5.98 -8.59
C GLY A 102 -3.95 6.55 -7.22
N GLN A 103 -4.36 5.64 -6.34
CA GLN A 103 -4.72 6.04 -4.99
C GLN A 103 -4.28 4.97 -3.98
N PHE A 104 -4.12 5.40 -2.74
CA PHE A 104 -3.69 4.49 -1.69
C PHE A 104 -4.89 3.75 -1.09
N SER A 105 -4.59 2.62 -0.46
CA SER A 105 -5.62 1.81 0.16
C SER A 105 -5.91 2.30 1.58
N LYS A 106 -7.02 1.84 2.12
CA LYS A 106 -7.41 2.23 3.46
C LYS A 106 -6.32 1.82 4.45
N ASP A 107 -6.33 2.47 5.61
CA ASP A 107 -5.34 2.17 6.63
C ASP A 107 -5.52 0.74 7.12
N THR A 108 -4.57 -0.10 6.76
CA THR A 108 -4.61 -1.51 7.15
C THR A 108 -4.80 -1.63 8.66
N GLU A 109 -5.41 -2.74 9.06
CA GLU A 109 -5.66 -2.99 10.47
C GLU A 109 -4.41 -2.68 11.29
N ARG A 110 -4.53 -1.66 12.14
CA ARG A 110 -3.43 -1.27 12.99
C ARG A 110 -2.62 -2.49 13.42
N VAL A 111 -1.49 -2.68 12.75
CA VAL A 111 -0.62 -3.81 13.05
C VAL A 111 0.38 -3.40 14.14
N SER A 112 0.16 -3.95 15.33
CA SER A 112 1.03 -3.64 16.46
C SER A 112 2.12 -4.71 16.57
N LEU A 113 3.32 -4.25 16.92
CA LEU A 113 4.45 -5.14 17.07
C LEU A 113 4.55 -5.59 18.53
N PRO A 114 4.90 -6.89 18.71
CA PRO A 114 5.03 -7.45 20.04
C PRO A 114 6.33 -6.98 20.70
N GLU A 115 6.30 -6.94 22.03
CA GLU A 115 7.45 -6.51 22.79
C GLU A 115 8.53 -7.60 22.79
N SER A 116 9.73 -7.19 22.42
CA SER A 116 10.86 -8.12 22.36
C SER A 116 11.84 -7.81 23.49
N GLY A 117 12.51 -6.67 23.36
CA GLY A 117 13.49 -6.25 24.36
C GLY A 117 12.93 -5.11 25.20
N PRO A 118 13.59 -4.90 26.38
CA PRO A 118 13.18 -3.85 27.30
C PRO A 118 13.61 -2.47 26.77
N SER A 119 13.02 -2.09 25.64
CA SER A 119 13.34 -0.81 25.04
C SER A 119 12.89 0.33 25.95
N SER A 120 11.60 0.35 26.24
CA SER A 120 11.04 1.37 27.10
C SER A 120 11.18 0.95 28.56
N GLY A 121 12.05 1.65 29.27
CA GLY A 121 12.28 1.36 30.67
C GLY A 121 13.51 2.10 31.20
N GLY A 1 -3.94 22.37 -15.32
CA GLY A 1 -5.18 21.84 -14.78
C GLY A 1 -6.37 22.68 -15.23
N SER A 2 -7.33 22.01 -15.86
CA SER A 2 -8.53 22.68 -16.35
C SER A 2 -9.75 21.82 -16.07
N SER A 3 -10.92 22.44 -16.20
CA SER A 3 -12.17 21.75 -15.97
C SER A 3 -12.74 21.24 -17.30
N GLY A 4 -13.54 20.19 -17.21
CA GLY A 4 -14.16 19.61 -18.38
C GLY A 4 -15.61 20.09 -18.54
N SER A 5 -16.21 19.69 -19.64
CA SER A 5 -17.59 20.06 -19.92
C SER A 5 -18.38 18.85 -20.41
N SER A 6 -17.92 18.28 -21.52
CA SER A 6 -18.57 17.12 -22.09
C SER A 6 -17.82 15.85 -21.67
N GLY A 7 -18.59 14.78 -21.50
CA GLY A 7 -18.02 13.50 -21.10
C GLY A 7 -18.35 12.41 -22.12
N ARG A 8 -18.22 11.17 -21.68
CA ARG A 8 -18.51 10.04 -22.54
C ARG A 8 -17.61 10.08 -23.77
N SER A 9 -16.56 9.28 -23.73
CA SER A 9 -15.61 9.21 -24.83
C SER A 9 -14.85 7.88 -24.81
N ALA A 10 -15.23 7.01 -25.73
CA ALA A 10 -14.59 5.70 -25.81
C ALA A 10 -14.40 5.33 -27.28
N HIS A 11 -13.25 4.74 -27.56
CA HIS A 11 -12.92 4.34 -28.92
C HIS A 11 -11.93 3.17 -28.88
N LEU A 12 -10.88 3.35 -28.08
CA LEU A 12 -9.87 2.32 -27.94
C LEU A 12 -9.38 2.28 -26.49
N ARG A 13 -8.54 1.30 -26.21
CA ARG A 13 -8.00 1.13 -24.87
C ARG A 13 -7.68 2.49 -24.26
N VAL A 14 -8.34 2.77 -23.13
CA VAL A 14 -8.14 4.03 -22.45
C VAL A 14 -7.26 3.80 -21.20
N ARG A 15 -6.17 4.54 -21.15
CA ARG A 15 -5.24 4.42 -20.03
C ARG A 15 -5.76 5.21 -18.83
N GLN A 16 -6.53 4.53 -18.00
CA GLN A 16 -7.09 5.16 -16.81
C GLN A 16 -6.19 4.92 -15.60
N LEU A 17 -6.44 5.70 -14.56
CA LEU A 17 -5.65 5.58 -13.33
C LEU A 17 -6.07 4.32 -12.58
N PRO A 18 -5.04 3.60 -12.05
CA PRO A 18 -5.28 2.38 -11.31
C PRO A 18 -5.83 2.69 -9.92
N HIS A 19 -6.96 2.08 -9.61
CA HIS A 19 -7.60 2.28 -8.32
C HIS A 19 -6.68 1.75 -7.21
N ALA A 20 -6.99 2.16 -5.99
CA ALA A 20 -6.21 1.74 -4.84
C ALA A 20 -6.34 0.23 -4.67
N PRO A 21 -5.42 -0.34 -3.84
CA PRO A 21 -5.43 -1.77 -3.59
C PRO A 21 -6.57 -2.15 -2.63
N GLU A 22 -7.14 -3.32 -2.88
CA GLU A 22 -8.23 -3.81 -2.06
C GLU A 22 -7.71 -4.84 -1.04
N HIS A 23 -8.63 -5.33 -0.24
CA HIS A 23 -8.28 -6.31 0.77
C HIS A 23 -6.90 -6.00 1.34
N PRO A 24 -6.77 -4.74 1.85
CA PRO A 24 -5.50 -4.30 2.42
C PRO A 24 -5.28 -4.91 3.80
N VAL A 25 -4.84 -6.16 3.79
CA VAL A 25 -4.57 -6.87 5.04
C VAL A 25 -3.09 -6.77 5.38
N ALA A 26 -2.83 -6.47 6.65
CA ALA A 26 -1.46 -6.34 7.13
C ALA A 26 -1.30 -7.11 8.43
N THR A 27 -0.50 -8.17 8.37
CA THR A 27 -0.25 -8.99 9.53
C THR A 27 1.24 -9.07 9.84
N LEU A 28 1.55 -9.27 11.11
CA LEU A 28 2.93 -9.36 11.53
C LEU A 28 3.65 -10.45 10.72
N SER A 29 4.91 -10.65 11.05
CA SER A 29 5.71 -11.65 10.36
C SER A 29 5.99 -12.83 11.29
N THR A 30 5.18 -13.87 11.16
CA THR A 30 5.33 -15.06 11.98
C THR A 30 6.51 -15.90 11.48
N VAL A 31 7.67 -15.25 11.39
CA VAL A 31 8.86 -15.93 10.94
C VAL A 31 10.06 -14.97 11.06
N GLU A 32 9.82 -13.73 10.64
CA GLU A 32 10.87 -12.72 10.70
C GLU A 32 10.72 -11.88 11.97
N ARG A 33 11.78 -11.13 12.26
CA ARG A 33 11.78 -10.29 13.44
C ARG A 33 11.69 -8.81 13.05
N ARG A 34 10.72 -8.13 13.63
CA ARG A 34 10.52 -6.72 13.35
C ARG A 34 10.14 -6.53 11.87
N ALA A 35 9.13 -7.29 11.45
CA ALA A 35 8.66 -7.21 10.08
C ALA A 35 7.16 -7.53 10.05
N ILE A 36 6.51 -7.07 8.99
CA ILE A 36 5.09 -7.30 8.82
C ILE A 36 4.82 -7.76 7.39
N ASN A 37 3.88 -8.68 7.27
CA ASN A 37 3.52 -9.22 5.97
C ASN A 37 2.31 -8.45 5.43
N LEU A 38 2.56 -7.66 4.39
CA LEU A 38 1.52 -6.88 3.78
C LEU A 38 0.89 -7.66 2.63
N THR A 39 -0.43 -7.65 2.59
CA THR A 39 -1.16 -8.37 1.55
C THR A 39 -2.37 -7.57 1.11
N TRP A 40 -2.45 -7.33 -0.20
CA TRP A 40 -3.56 -6.58 -0.76
C TRP A 40 -4.00 -7.28 -2.04
N THR A 41 -5.03 -6.72 -2.67
CA THR A 41 -5.56 -7.28 -3.90
C THR A 41 -5.12 -6.44 -5.10
N LYS A 42 -5.11 -7.09 -6.26
CA LYS A 42 -4.72 -6.41 -7.48
C LYS A 42 -5.89 -5.57 -7.99
N PRO A 43 -5.71 -4.23 -7.95
CA PRO A 43 -6.74 -3.31 -8.40
C PRO A 43 -6.80 -3.28 -9.93
N PHE A 44 -7.77 -2.52 -10.43
CA PHE A 44 -7.95 -2.40 -11.87
C PHE A 44 -6.85 -1.55 -12.49
N ASP A 45 -5.86 -2.24 -13.05
CA ASP A 45 -4.74 -1.56 -13.68
C ASP A 45 -5.26 -0.34 -14.45
N GLY A 46 -6.34 -0.55 -15.17
CA GLY A 46 -6.95 0.52 -15.96
C GLY A 46 -6.88 0.21 -17.45
N ASN A 47 -5.73 -0.30 -17.86
CA ASN A 47 -5.52 -0.66 -19.26
C ASN A 47 -4.03 -0.84 -19.53
N SER A 48 -3.23 -0.11 -18.76
CA SER A 48 -1.79 -0.19 -18.89
C SER A 48 -1.20 -1.05 -17.78
N PRO A 49 0.03 -1.57 -18.04
CA PRO A 49 0.71 -2.41 -17.07
C PRO A 49 1.26 -1.58 -15.91
N LEU A 50 0.79 -1.90 -14.72
CA LEU A 50 1.21 -1.19 -13.52
C LEU A 50 2.73 -0.94 -13.61
N ILE A 51 3.15 0.13 -12.95
CA ILE A 51 4.55 0.50 -12.94
C ILE A 51 5.16 0.14 -11.59
N ARG A 52 4.57 0.69 -10.54
CA ARG A 52 5.04 0.42 -9.19
C ARG A 52 3.98 0.85 -8.17
N TYR A 53 4.34 0.70 -6.90
CA TYR A 53 3.44 1.06 -5.82
C TYR A 53 4.19 1.76 -4.69
N ILE A 54 3.56 2.82 -4.18
CA ILE A 54 4.16 3.59 -3.11
C ILE A 54 3.47 3.23 -1.79
N LEU A 55 4.15 2.39 -1.02
CA LEU A 55 3.62 1.95 0.25
C LEU A 55 4.02 2.96 1.34
N GLU A 56 3.01 3.61 1.89
CA GLU A 56 3.23 4.60 2.93
C GLU A 56 2.82 4.05 4.29
N MET A 57 3.72 4.18 5.25
CA MET A 57 3.47 3.69 6.60
C MET A 57 3.18 4.86 7.55
N SER A 58 2.25 4.61 8.47
CA SER A 58 1.88 5.62 9.44
C SER A 58 2.05 5.07 10.86
N GLU A 59 3.21 5.36 11.43
CA GLU A 59 3.51 4.91 12.78
C GLU A 59 2.47 5.44 13.77
N ASN A 60 2.89 5.57 15.02
CA ASN A 60 2.00 6.06 16.06
C ASN A 60 1.73 7.54 15.83
N ASN A 61 0.60 7.80 15.16
CA ASN A 61 0.21 9.17 14.87
C ASN A 61 1.22 9.79 13.90
N ALA A 62 2.07 8.94 13.37
CA ALA A 62 3.09 9.39 12.43
C ALA A 62 2.44 9.69 11.08
N PRO A 63 3.02 10.71 10.38
CA PRO A 63 2.50 11.10 9.08
C PRO A 63 2.89 10.09 8.00
N TRP A 64 1.97 9.87 7.08
CA TRP A 64 2.20 8.93 5.99
C TRP A 64 3.61 9.18 5.45
N THR A 65 4.50 8.24 5.73
CA THR A 65 5.88 8.34 5.27
C THR A 65 6.15 7.33 4.17
N VAL A 66 6.57 7.85 3.03
CA VAL A 66 6.88 7.00 1.88
C VAL A 66 7.90 5.94 2.29
N LEU A 67 7.38 4.74 2.54
CA LEU A 67 8.23 3.63 2.94
C LEU A 67 8.88 3.02 1.71
N LEU A 68 8.05 2.44 0.86
CA LEU A 68 8.54 1.81 -0.36
C LEU A 68 8.13 2.67 -1.56
N ALA A 69 9.13 3.28 -2.17
CA ALA A 69 8.89 4.14 -3.33
C ALA A 69 8.91 3.28 -4.59
N SER A 70 9.74 2.24 -4.56
CA SER A 70 9.86 1.35 -5.69
C SER A 70 9.35 -0.04 -5.32
N VAL A 71 8.15 -0.34 -5.78
CA VAL A 71 7.52 -1.63 -5.51
C VAL A 71 7.16 -2.30 -6.82
N ASP A 72 7.13 -3.63 -6.77
CA ASP A 72 6.79 -4.41 -7.96
C ASP A 72 5.32 -4.19 -8.31
N PRO A 73 5.04 -4.10 -9.63
CA PRO A 73 3.69 -3.89 -10.11
C PRO A 73 2.87 -5.18 -10.00
N LYS A 74 3.54 -6.30 -10.25
CA LYS A 74 2.89 -7.60 -10.19
C LYS A 74 3.05 -8.16 -8.78
N ALA A 75 3.07 -7.26 -7.80
CA ALA A 75 3.22 -7.68 -6.42
C ALA A 75 2.00 -7.18 -5.62
N THR A 76 1.36 -8.13 -4.95
CA THR A 76 0.19 -7.82 -4.15
C THR A 76 0.48 -8.04 -2.65
N SER A 77 1.77 -8.16 -2.35
CA SER A 77 2.20 -8.37 -0.98
C SER A 77 3.63 -7.87 -0.80
N VAL A 78 3.91 -7.41 0.41
CA VAL A 78 5.24 -6.90 0.73
C VAL A 78 5.54 -7.18 2.21
N THR A 79 6.84 -7.26 2.51
CA THR A 79 7.27 -7.53 3.86
C THR A 79 8.08 -6.34 4.40
N VAL A 80 7.45 -5.63 5.34
CA VAL A 80 8.09 -4.47 5.94
C VAL A 80 9.16 -4.95 6.94
N LYS A 81 10.21 -4.15 7.06
CA LYS A 81 11.30 -4.47 7.97
C LYS A 81 11.78 -3.20 8.66
N GLY A 82 12.80 -3.36 9.49
CA GLY A 82 13.36 -2.24 10.22
C GLY A 82 12.28 -1.52 11.04
N LEU A 83 11.55 -2.32 11.81
CA LEU A 83 10.49 -1.77 12.65
C LEU A 83 10.92 -1.83 14.12
N VAL A 84 10.10 -1.25 14.97
CA VAL A 84 10.37 -1.23 16.39
C VAL A 84 9.29 -2.01 17.14
N PRO A 85 9.75 -2.83 18.12
CA PRO A 85 8.83 -3.64 18.90
C PRO A 85 8.08 -2.78 19.93
N ALA A 86 6.80 -3.06 20.06
CA ALA A 86 5.97 -2.33 20.99
C ALA A 86 5.61 -0.97 20.39
N ARG A 87 5.26 -1.00 19.11
CA ARG A 87 4.89 0.22 18.41
C ARG A 87 3.89 -0.10 17.31
N SER A 88 2.92 0.81 17.16
CA SER A 88 1.90 0.64 16.14
C SER A 88 2.42 1.09 14.78
N TYR A 89 2.04 0.34 13.76
CA TYR A 89 2.46 0.65 12.40
C TYR A 89 1.32 0.49 11.41
N GLN A 90 1.23 1.43 10.48
CA GLN A 90 0.19 1.39 9.47
C GLN A 90 0.80 1.20 8.07
N PHE A 91 -0.06 0.84 7.13
CA PHE A 91 0.38 0.63 5.76
C PHE A 91 -0.72 0.98 4.77
N ARG A 92 -0.30 1.60 3.67
CA ARG A 92 -1.25 2.01 2.64
C ARG A 92 -0.51 2.33 1.34
N LEU A 93 -0.55 1.39 0.42
CA LEU A 93 0.11 1.55 -0.86
C LEU A 93 -0.93 1.88 -1.93
N CYS A 94 -0.48 2.55 -2.98
CA CYS A 94 -1.36 2.93 -4.07
C CYS A 94 -0.82 2.31 -5.37
N ALA A 95 -1.62 2.41 -6.41
CA ALA A 95 -1.24 1.85 -7.70
C ALA A 95 -0.72 2.99 -8.59
N VAL A 96 0.53 2.82 -9.03
CA VAL A 96 1.15 3.81 -9.88
C VAL A 96 1.44 3.19 -11.25
N ASN A 97 1.07 3.92 -12.29
CA ASN A 97 1.28 3.45 -13.65
C ASN A 97 1.66 4.64 -14.53
N ASP A 98 2.14 4.31 -15.73
CA ASP A 98 2.53 5.35 -16.68
C ASP A 98 1.55 6.51 -16.62
N VAL A 99 0.28 6.15 -16.43
CA VAL A 99 -0.77 7.16 -16.35
C VAL A 99 -0.43 8.15 -15.24
N GLY A 100 -0.40 7.63 -14.02
CA GLY A 100 -0.10 8.46 -12.86
C GLY A 100 -0.45 7.74 -11.56
N LYS A 101 -0.13 8.40 -10.45
CA LYS A 101 -0.39 7.83 -9.14
C LYS A 101 -1.91 7.80 -8.91
N GLY A 102 -2.40 6.61 -8.55
CA GLY A 102 -3.82 6.44 -8.30
C GLY A 102 -4.18 6.90 -6.88
N GLN A 103 -4.60 5.93 -6.07
CA GLN A 103 -4.98 6.21 -4.70
C GLN A 103 -4.41 5.15 -3.76
N PHE A 104 -4.32 5.51 -2.48
CA PHE A 104 -3.80 4.59 -1.48
C PHE A 104 -4.94 3.83 -0.79
N SER A 105 -4.62 2.62 -0.39
CA SER A 105 -5.59 1.77 0.28
C SER A 105 -5.84 2.29 1.70
N LYS A 106 -6.96 1.86 2.27
CA LYS A 106 -7.33 2.27 3.61
C LYS A 106 -6.19 1.91 4.57
N ASP A 107 -6.18 2.58 5.71
CA ASP A 107 -5.17 2.34 6.72
C ASP A 107 -5.36 0.94 7.31
N THR A 108 -4.44 0.05 6.94
CA THR A 108 -4.49 -1.32 7.44
C THR A 108 -4.75 -1.34 8.94
N GLU A 109 -5.58 -2.29 9.35
CA GLU A 109 -5.91 -2.44 10.76
C GLU A 109 -4.69 -2.13 11.62
N ARG A 110 -4.90 -1.25 12.59
CA ARG A 110 -3.82 -0.87 13.50
C ARG A 110 -2.96 -2.07 13.83
N VAL A 111 -1.84 -2.18 13.12
CA VAL A 111 -0.91 -3.27 13.32
C VAL A 111 0.15 -2.86 14.34
N SER A 112 0.25 -3.66 15.40
CA SER A 112 1.21 -3.38 16.45
C SER A 112 2.27 -4.48 16.49
N LEU A 113 3.49 -4.07 16.76
CA LEU A 113 4.61 -5.01 16.82
C LEU A 113 4.72 -5.55 18.25
N PRO A 114 5.36 -6.75 18.36
CA PRO A 114 5.55 -7.38 19.66
C PRO A 114 6.63 -6.68 20.46
N GLU A 115 6.32 -6.42 21.72
CA GLU A 115 7.27 -5.77 22.60
C GLU A 115 8.57 -6.56 22.67
N SER A 116 9.66 -5.82 22.87
CA SER A 116 10.98 -6.44 22.96
C SER A 116 11.95 -5.50 23.68
N GLY A 117 11.99 -4.26 23.20
CA GLY A 117 12.87 -3.26 23.78
C GLY A 117 12.07 -2.12 24.41
N PRO A 118 12.78 -1.30 25.23
CA PRO A 118 12.14 -0.17 25.89
C PRO A 118 11.88 0.97 24.90
N SER A 119 10.70 1.57 25.02
CA SER A 119 10.32 2.66 24.15
C SER A 119 10.14 3.95 24.97
N SER A 120 11.14 4.80 24.87
CA SER A 120 11.10 6.08 25.59
C SER A 120 10.59 7.18 24.68
N GLY A 121 9.42 7.70 25.03
CA GLY A 121 8.81 8.76 24.25
C GLY A 121 7.60 8.25 23.46
N GLY A 1 -3.86 21.02 -8.91
CA GLY A 1 -5.08 20.60 -8.24
C GLY A 1 -6.31 21.13 -8.97
N SER A 2 -7.18 20.20 -9.35
CA SER A 2 -8.39 20.56 -10.05
C SER A 2 -8.06 21.33 -11.33
N SER A 3 -9.03 21.37 -12.23
CA SER A 3 -8.85 22.07 -13.50
C SER A 3 -10.12 21.96 -14.35
N GLY A 4 -10.17 22.77 -15.39
CA GLY A 4 -11.32 22.78 -16.27
C GLY A 4 -11.43 21.45 -17.04
N SER A 5 -12.02 21.53 -18.23
CA SER A 5 -12.19 20.36 -19.06
C SER A 5 -11.01 20.22 -20.02
N SER A 6 -10.74 21.28 -20.75
CA SER A 6 -9.65 21.29 -21.70
C SER A 6 -9.91 20.27 -22.81
N GLY A 7 -9.22 20.46 -23.93
CA GLY A 7 -9.37 19.56 -25.06
C GLY A 7 -8.76 18.19 -24.76
N ARG A 8 -9.58 17.17 -24.94
CA ARG A 8 -9.14 15.80 -24.70
C ARG A 8 -9.80 14.84 -25.70
N SER A 9 -8.99 13.92 -26.20
CA SER A 9 -9.48 12.94 -27.15
C SER A 9 -8.67 11.64 -27.04
N ALA A 10 -9.38 10.54 -27.12
CA ALA A 10 -8.74 9.23 -27.02
C ALA A 10 -8.63 8.63 -28.42
N HIS A 11 -7.40 8.25 -28.76
CA HIS A 11 -7.13 7.66 -30.07
C HIS A 11 -6.51 6.28 -29.89
N LEU A 12 -5.34 6.28 -29.26
CA LEU A 12 -4.62 5.04 -29.01
C LEU A 12 -4.80 4.62 -27.56
N ARG A 13 -5.97 4.06 -27.27
CA ARG A 13 -6.28 3.62 -25.93
C ARG A 13 -6.33 4.81 -24.98
N VAL A 14 -7.05 4.62 -23.88
CA VAL A 14 -7.20 5.67 -22.89
C VAL A 14 -6.31 5.35 -21.68
N ARG A 15 -5.75 6.40 -21.10
CA ARG A 15 -4.89 6.24 -19.94
C ARG A 15 -5.66 6.55 -18.66
N GLN A 16 -6.32 5.53 -18.15
CA GLN A 16 -7.10 5.69 -16.93
C GLN A 16 -6.23 5.35 -15.70
N LEU A 17 -6.58 5.98 -14.58
CA LEU A 17 -5.85 5.76 -13.35
C LEU A 17 -6.25 4.40 -12.77
N PRO A 18 -5.25 3.75 -12.11
CA PRO A 18 -5.50 2.45 -11.50
C PRO A 18 -6.31 2.58 -10.21
N HIS A 19 -6.74 1.44 -9.71
CA HIS A 19 -7.52 1.41 -8.48
C HIS A 19 -6.63 1.04 -7.30
N ALA A 20 -7.05 1.44 -6.11
CA ALA A 20 -6.30 1.15 -4.90
C ALA A 20 -6.27 -0.36 -4.68
N PRO A 21 -5.31 -0.79 -3.82
CA PRO A 21 -5.17 -2.21 -3.51
C PRO A 21 -6.28 -2.68 -2.56
N GLU A 22 -7.05 -3.64 -3.04
CA GLU A 22 -8.15 -4.18 -2.26
C GLU A 22 -7.62 -5.22 -1.26
N HIS A 23 -8.52 -5.69 -0.42
CA HIS A 23 -8.16 -6.68 0.59
C HIS A 23 -6.81 -6.32 1.20
N PRO A 24 -6.70 -5.06 1.68
CA PRO A 24 -5.47 -4.58 2.28
C PRO A 24 -5.30 -5.15 3.69
N VAL A 25 -4.52 -6.23 3.77
CA VAL A 25 -4.27 -6.88 5.03
C VAL A 25 -2.85 -6.56 5.50
N ALA A 26 -2.68 -6.51 6.81
CA ALA A 26 -1.38 -6.22 7.39
C ALA A 26 -1.22 -6.99 8.70
N THR A 27 -0.42 -8.04 8.64
CA THR A 27 -0.18 -8.87 9.81
C THR A 27 1.31 -8.87 10.15
N LEU A 28 1.60 -9.35 11.35
CA LEU A 28 2.98 -9.42 11.82
C LEU A 28 3.68 -10.61 11.15
N SER A 29 4.99 -10.68 11.36
CA SER A 29 5.78 -11.75 10.79
C SER A 29 6.12 -12.77 11.88
N THR A 30 5.62 -13.99 11.68
CA THR A 30 5.87 -15.06 12.63
C THR A 30 7.12 -15.84 12.23
N VAL A 31 8.09 -15.12 11.70
CA VAL A 31 9.34 -15.73 11.28
C VAL A 31 10.44 -14.67 11.23
N GLU A 32 10.08 -13.52 10.65
CA GLU A 32 11.02 -12.42 10.54
C GLU A 32 10.83 -11.43 11.70
N ARG A 33 11.86 -11.36 12.53
CA ARG A 33 11.81 -10.47 13.68
C ARG A 33 11.55 -9.03 13.23
N ARG A 34 10.64 -8.37 13.93
CA ARG A 34 10.29 -7.00 13.61
C ARG A 34 9.95 -6.88 12.13
N ALA A 35 9.10 -7.78 11.67
CA ALA A 35 8.70 -7.78 10.26
C ALA A 35 7.18 -7.97 10.19
N ILE A 36 6.57 -7.24 9.26
CA ILE A 36 5.14 -7.30 9.08
C ILE A 36 4.84 -7.76 7.64
N ASN A 37 3.81 -8.59 7.53
CA ASN A 37 3.40 -9.11 6.24
C ASN A 37 2.17 -8.35 5.74
N LEU A 38 2.25 -7.89 4.50
CA LEU A 38 1.16 -7.15 3.91
C LEU A 38 0.73 -7.83 2.61
N THR A 39 -0.57 -7.97 2.43
CA THR A 39 -1.11 -8.59 1.25
C THR A 39 -2.40 -7.89 0.81
N TRP A 40 -2.43 -7.50 -0.45
CA TRP A 40 -3.59 -6.82 -1.00
C TRP A 40 -4.03 -7.58 -2.25
N THR A 41 -5.11 -7.09 -2.84
CA THR A 41 -5.65 -7.71 -4.05
C THR A 41 -5.25 -6.89 -5.28
N LYS A 42 -5.26 -7.57 -6.42
CA LYS A 42 -4.90 -6.93 -7.67
C LYS A 42 -6.08 -6.10 -8.18
N PRO A 43 -5.90 -4.76 -8.16
CA PRO A 43 -6.95 -3.86 -8.62
C PRO A 43 -7.07 -3.86 -10.15
N PHE A 44 -8.05 -3.11 -10.64
CA PHE A 44 -8.28 -3.03 -12.06
C PHE A 44 -7.43 -1.91 -12.68
N ASP A 45 -6.67 -2.28 -13.71
CA ASP A 45 -5.83 -1.32 -14.39
C ASP A 45 -6.69 -0.46 -15.32
N GLY A 46 -6.48 0.84 -15.24
CA GLY A 46 -7.22 1.77 -16.06
C GLY A 46 -7.13 1.40 -17.54
N ASN A 47 -5.93 1.03 -17.95
CA ASN A 47 -5.69 0.64 -19.33
C ASN A 47 -4.23 0.24 -19.50
N SER A 48 -3.35 0.95 -18.80
CA SER A 48 -1.93 0.68 -18.87
C SER A 48 -1.53 -0.26 -17.73
N PRO A 49 -0.35 -0.90 -17.91
CA PRO A 49 0.16 -1.83 -16.91
C PRO A 49 0.71 -1.08 -15.69
N LEU A 50 0.60 -1.72 -14.54
CA LEU A 50 1.08 -1.14 -13.31
C LEU A 50 2.60 -0.98 -13.37
N ILE A 51 3.08 0.15 -12.90
CA ILE A 51 4.50 0.42 -12.89
C ILE A 51 5.09 0.06 -11.53
N ARG A 52 4.41 0.52 -10.49
CA ARG A 52 4.85 0.24 -9.12
C ARG A 52 3.77 0.70 -8.13
N TYR A 53 4.17 0.72 -6.86
CA TYR A 53 3.26 1.12 -5.80
C TYR A 53 4.00 1.83 -4.68
N ILE A 54 3.45 2.96 -4.26
CA ILE A 54 4.05 3.75 -3.21
C ILE A 54 3.45 3.34 -1.86
N LEU A 55 4.19 2.52 -1.14
CA LEU A 55 3.74 2.04 0.15
C LEU A 55 4.23 2.99 1.24
N GLU A 56 3.28 3.59 1.93
CA GLU A 56 3.60 4.53 3.01
C GLU A 56 3.24 3.93 4.37
N MET A 57 4.12 4.14 5.32
CA MET A 57 3.91 3.62 6.67
C MET A 57 3.78 4.77 7.68
N SER A 58 2.93 4.54 8.67
CA SER A 58 2.71 5.53 9.70
C SER A 58 3.04 4.96 11.07
N GLU A 59 4.01 5.57 11.73
CA GLU A 59 4.43 5.12 13.04
C GLU A 59 3.84 6.03 14.13
N ASN A 60 2.68 5.62 14.63
CA ASN A 60 2.01 6.39 15.67
C ASN A 60 1.79 7.81 15.17
N ASN A 61 0.52 8.16 14.98
CA ASN A 61 0.17 9.48 14.51
C ASN A 61 1.31 10.05 13.68
N ALA A 62 1.83 9.22 12.80
CA ALA A 62 2.93 9.63 11.93
C ALA A 62 2.40 9.88 10.52
N PRO A 63 3.06 10.84 9.82
CA PRO A 63 2.67 11.18 8.47
C PRO A 63 3.11 10.10 7.47
N TRP A 64 2.20 9.78 6.56
CA TRP A 64 2.48 8.77 5.55
C TRP A 64 3.90 9.01 5.02
N THR A 65 4.80 8.13 5.41
CA THR A 65 6.18 8.24 4.99
C THR A 65 6.49 7.21 3.89
N VAL A 66 6.85 7.71 2.73
CA VAL A 66 7.18 6.85 1.60
C VAL A 66 8.30 5.88 2.00
N LEU A 67 7.90 4.67 2.34
CA LEU A 67 8.86 3.65 2.73
C LEU A 67 9.44 2.99 1.49
N LEU A 68 8.55 2.40 0.70
CA LEU A 68 8.96 1.73 -0.51
C LEU A 68 8.47 2.52 -1.72
N ALA A 69 9.41 3.13 -2.42
CA ALA A 69 9.09 3.93 -3.59
C ALA A 69 9.00 3.02 -4.82
N SER A 70 9.98 2.13 -4.91
CA SER A 70 10.03 1.19 -6.03
C SER A 70 9.48 -0.16 -5.59
N VAL A 71 8.21 -0.39 -5.93
CA VAL A 71 7.55 -1.64 -5.58
C VAL A 71 7.14 -2.37 -6.86
N ASP A 72 7.10 -3.69 -6.76
CA ASP A 72 6.71 -4.51 -7.90
C ASP A 72 5.23 -4.31 -8.20
N PRO A 73 4.93 -4.07 -9.50
CA PRO A 73 3.56 -3.86 -9.94
C PRO A 73 2.78 -5.18 -9.97
N LYS A 74 3.54 -6.28 -10.04
CA LYS A 74 2.94 -7.59 -10.07
C LYS A 74 2.93 -8.18 -8.66
N ALA A 75 3.33 -7.35 -7.71
CA ALA A 75 3.37 -7.77 -6.32
C ALA A 75 2.10 -7.30 -5.61
N THR A 76 1.53 -8.20 -4.81
CA THR A 76 0.32 -7.89 -4.08
C THR A 76 0.58 -7.93 -2.58
N SER A 77 1.81 -8.29 -2.23
CA SER A 77 2.21 -8.37 -0.83
C SER A 77 3.62 -7.82 -0.66
N VAL A 78 3.87 -7.33 0.55
CA VAL A 78 5.18 -6.77 0.86
C VAL A 78 5.46 -6.97 2.35
N THR A 79 6.75 -6.94 2.68
CA THR A 79 7.19 -7.12 4.06
C THR A 79 7.92 -5.88 4.55
N VAL A 80 7.59 -5.46 5.76
CA VAL A 80 8.22 -4.29 6.36
C VAL A 80 9.15 -4.75 7.49
N LYS A 81 10.44 -4.74 7.18
CA LYS A 81 11.44 -5.14 8.15
C LYS A 81 12.03 -3.89 8.81
N GLY A 82 12.54 -4.09 10.02
CA GLY A 82 13.13 -3.00 10.78
C GLY A 82 12.04 -2.09 11.36
N LEU A 83 11.41 -2.59 12.41
CA LEU A 83 10.36 -1.85 13.07
C LEU A 83 10.64 -1.78 14.57
N VAL A 84 9.92 -0.88 15.24
CA VAL A 84 10.09 -0.71 16.68
C VAL A 84 9.08 -1.58 17.41
N PRO A 85 9.56 -2.25 18.49
CA PRO A 85 8.71 -3.12 19.28
C PRO A 85 7.77 -2.29 20.18
N ALA A 86 6.60 -2.84 20.41
CA ALA A 86 5.60 -2.18 21.24
C ALA A 86 5.27 -0.82 20.63
N ARG A 87 4.92 -0.85 19.35
CA ARG A 87 4.57 0.37 18.64
C ARG A 87 3.61 0.05 17.48
N SER A 88 2.71 0.99 17.24
CA SER A 88 1.72 0.83 16.18
C SER A 88 2.35 1.17 14.83
N TYR A 89 1.91 0.46 13.80
CA TYR A 89 2.43 0.68 12.46
C TYR A 89 1.32 0.48 11.42
N GLN A 90 1.14 1.51 10.59
CA GLN A 90 0.13 1.46 9.55
C GLN A 90 0.79 1.32 8.18
N PHE A 91 0.02 0.78 7.24
CA PHE A 91 0.51 0.60 5.89
C PHE A 91 -0.58 0.86 4.86
N ARG A 92 -0.21 1.60 3.82
CA ARG A 92 -1.16 1.93 2.77
C ARG A 92 -0.41 2.31 1.48
N LEU A 93 -0.61 1.51 0.46
CA LEU A 93 0.03 1.74 -0.82
C LEU A 93 -1.04 2.02 -1.89
N CYS A 94 -0.60 2.66 -2.97
CA CYS A 94 -1.51 2.98 -4.06
C CYS A 94 -0.92 2.41 -5.36
N ALA A 95 -1.76 2.36 -6.37
CA ALA A 95 -1.34 1.85 -7.67
C ALA A 95 -0.81 2.99 -8.52
N VAL A 96 0.39 2.80 -9.04
CA VAL A 96 1.02 3.81 -9.87
C VAL A 96 1.45 3.17 -11.19
N ASN A 97 1.03 3.80 -12.28
CA ASN A 97 1.36 3.30 -13.61
C ASN A 97 1.81 4.48 -14.48
N ASP A 98 2.06 4.17 -15.75
CA ASP A 98 2.50 5.19 -16.70
C ASP A 98 1.57 6.40 -16.61
N VAL A 99 0.29 6.14 -16.82
CA VAL A 99 -0.71 7.20 -16.77
C VAL A 99 -0.42 8.09 -15.56
N GLY A 100 -0.26 7.45 -14.41
CA GLY A 100 0.01 8.18 -13.18
C GLY A 100 -0.27 7.31 -11.96
N LYS A 101 -0.79 7.94 -10.92
CA LYS A 101 -1.11 7.25 -9.69
C LYS A 101 -2.61 7.35 -9.42
N GLY A 102 -3.16 6.28 -8.86
CA GLY A 102 -4.57 6.24 -8.54
C GLY A 102 -4.83 6.67 -7.10
N GLN A 103 -5.30 5.72 -6.31
CA GLN A 103 -5.58 5.99 -4.91
C GLN A 103 -4.90 4.94 -4.01
N PHE A 104 -4.92 5.22 -2.72
CA PHE A 104 -4.31 4.32 -1.76
C PHE A 104 -5.37 3.43 -1.10
N SER A 105 -4.88 2.41 -0.40
CA SER A 105 -5.76 1.48 0.27
C SER A 105 -6.00 1.91 1.72
N LYS A 106 -7.14 1.50 2.25
CA LYS A 106 -7.49 1.85 3.61
C LYS A 106 -6.34 1.48 4.54
N ASP A 107 -6.34 2.09 5.72
CA ASP A 107 -5.32 1.83 6.70
C ASP A 107 -5.51 0.42 7.28
N THR A 108 -4.58 -0.46 6.96
CA THR A 108 -4.64 -1.83 7.44
C THR A 108 -4.85 -1.86 8.95
N GLU A 109 -5.48 -2.93 9.41
CA GLU A 109 -5.75 -3.09 10.83
C GLU A 109 -4.53 -2.65 11.65
N ARG A 110 -4.76 -1.67 12.51
CA ARG A 110 -3.70 -1.15 13.36
C ARG A 110 -2.74 -2.29 13.76
N VAL A 111 -1.65 -2.39 13.03
CA VAL A 111 -0.66 -3.42 13.30
C VAL A 111 0.36 -2.89 14.31
N SER A 112 0.39 -3.53 15.47
CA SER A 112 1.30 -3.12 16.53
C SER A 112 2.37 -4.19 16.71
N LEU A 113 3.59 -3.73 16.96
CA LEU A 113 4.71 -4.64 17.16
C LEU A 113 4.84 -4.95 18.65
N PRO A 114 5.30 -6.20 18.94
CA PRO A 114 5.47 -6.64 20.31
C PRO A 114 6.72 -6.01 20.92
N GLU A 115 6.61 -5.65 22.19
CA GLU A 115 7.71 -5.03 22.91
C GLU A 115 8.98 -5.88 22.74
N SER A 116 8.77 -7.17 22.54
CA SER A 116 9.88 -8.09 22.36
C SER A 116 10.75 -8.10 23.62
N GLY A 117 11.15 -9.31 24.00
CA GLY A 117 11.99 -9.48 25.18
C GLY A 117 12.83 -10.75 25.08
N PRO A 118 13.92 -10.78 25.89
CA PRO A 118 14.81 -11.93 25.90
C PRO A 118 14.18 -13.13 26.62
N SER A 119 14.24 -14.26 25.96
CA SER A 119 13.68 -15.48 26.54
C SER A 119 14.54 -16.68 26.16
N SER A 120 14.95 -17.43 27.17
CA SER A 120 15.78 -18.60 26.97
C SER A 120 14.94 -19.74 26.40
N GLY A 121 14.91 -19.82 25.08
CA GLY A 121 14.15 -20.86 24.41
C GLY A 121 12.89 -20.28 23.77
N GLY A 1 -20.15 -8.23 -8.95
CA GLY A 1 -20.50 -6.83 -8.87
C GLY A 1 -20.31 -6.14 -10.22
N SER A 2 -21.37 -6.13 -11.01
CA SER A 2 -21.33 -5.51 -12.32
C SER A 2 -22.59 -4.68 -12.55
N SER A 3 -22.44 -3.63 -13.35
CA SER A 3 -23.56 -2.77 -13.66
C SER A 3 -23.55 -2.40 -15.14
N GLY A 4 -24.64 -1.80 -15.58
CA GLY A 4 -24.77 -1.40 -16.98
C GLY A 4 -23.64 -0.45 -17.38
N SER A 5 -23.42 -0.36 -18.68
CA SER A 5 -22.38 0.50 -19.21
C SER A 5 -23.00 1.61 -20.07
N SER A 6 -22.27 2.72 -20.16
CA SER A 6 -22.73 3.85 -20.94
C SER A 6 -21.61 4.86 -21.12
N GLY A 7 -21.12 4.93 -22.35
CA GLY A 7 -20.02 5.85 -22.68
C GLY A 7 -20.01 6.17 -24.18
N ARG A 8 -18.85 6.61 -24.63
CA ARG A 8 -18.69 6.96 -26.04
C ARG A 8 -17.44 6.28 -26.61
N SER A 9 -17.35 6.30 -27.93
CA SER A 9 -16.22 5.71 -28.61
C SER A 9 -15.05 6.68 -28.64
N ALA A 10 -13.91 6.18 -29.10
CA ALA A 10 -12.71 7.00 -29.18
C ALA A 10 -11.61 6.21 -29.90
N HIS A 11 -10.51 6.90 -30.16
CA HIS A 11 -9.38 6.28 -30.84
C HIS A 11 -8.26 6.02 -29.84
N LEU A 12 -7.45 5.01 -30.15
CA LEU A 12 -6.34 4.66 -29.29
C LEU A 12 -6.87 4.28 -27.90
N ARG A 13 -5.97 3.80 -27.05
CA ARG A 13 -6.33 3.40 -25.71
C ARG A 13 -6.31 4.62 -24.77
N VAL A 14 -7.22 4.60 -23.81
CA VAL A 14 -7.32 5.69 -22.85
C VAL A 14 -6.51 5.33 -21.59
N ARG A 15 -5.67 6.25 -21.18
CA ARG A 15 -4.84 6.05 -20.01
C ARG A 15 -5.59 6.47 -18.74
N GLN A 16 -6.32 5.52 -18.18
CA GLN A 16 -7.09 5.78 -16.98
C GLN A 16 -6.26 5.44 -15.73
N LEU A 17 -6.52 6.18 -14.67
CA LEU A 17 -5.81 5.97 -13.41
C LEU A 17 -6.27 4.66 -12.79
N PRO A 18 -5.30 3.94 -12.16
CA PRO A 18 -5.60 2.67 -11.51
C PRO A 18 -6.35 2.89 -10.20
N HIS A 19 -6.76 1.77 -9.61
CA HIS A 19 -7.50 1.83 -8.34
C HIS A 19 -6.59 1.36 -7.21
N ALA A 20 -6.90 1.82 -6.00
CA ALA A 20 -6.12 1.46 -4.84
C ALA A 20 -6.24 -0.05 -4.60
N PRO A 21 -5.31 -0.57 -3.75
CA PRO A 21 -5.29 -1.98 -3.45
C PRO A 21 -6.41 -2.34 -2.47
N GLU A 22 -6.99 -3.52 -2.69
CA GLU A 22 -8.08 -3.98 -1.85
C GLU A 22 -7.56 -5.03 -0.85
N HIS A 23 -8.47 -5.50 -0.02
CA HIS A 23 -8.13 -6.49 0.99
C HIS A 23 -6.75 -6.18 1.57
N PRO A 24 -6.59 -4.90 2.03
CA PRO A 24 -5.34 -4.46 2.60
C PRO A 24 -5.15 -5.04 4.02
N VAL A 25 -4.82 -6.32 4.05
CA VAL A 25 -4.61 -7.00 5.32
C VAL A 25 -3.11 -7.03 5.64
N ALA A 26 -2.78 -6.56 6.83
CA ALA A 26 -1.39 -6.54 7.27
C ALA A 26 -1.23 -7.40 8.52
N THR A 27 -0.32 -8.36 8.42
CA THR A 27 -0.07 -9.26 9.53
C THR A 27 1.44 -9.43 9.75
N LEU A 28 1.81 -9.63 11.00
CA LEU A 28 3.21 -9.79 11.35
C LEU A 28 3.82 -10.90 10.48
N SER A 29 5.08 -11.18 10.75
CA SER A 29 5.78 -12.21 10.00
C SER A 29 5.82 -13.52 10.79
N THR A 30 5.50 -13.40 12.08
CA THR A 30 5.49 -14.55 12.97
C THR A 30 6.67 -15.47 12.65
N VAL A 31 7.86 -14.87 12.63
CA VAL A 31 9.07 -15.62 12.34
C VAL A 31 10.26 -14.67 12.32
N GLU A 32 10.10 -13.59 11.56
CA GLU A 32 11.15 -12.59 11.45
C GLU A 32 11.00 -11.53 12.53
N ARG A 33 12.04 -10.73 12.69
CA ARG A 33 12.04 -9.67 13.68
C ARG A 33 10.89 -8.70 13.42
N ARG A 34 11.19 -7.42 13.61
CA ARG A 34 10.18 -6.38 13.39
C ARG A 34 9.80 -6.30 11.91
N ALA A 35 9.32 -7.44 11.41
CA ALA A 35 8.91 -7.52 10.02
C ALA A 35 7.42 -7.84 9.94
N ILE A 36 6.72 -7.10 9.10
CA ILE A 36 5.29 -7.30 8.93
C ILE A 36 5.01 -7.74 7.49
N ASN A 37 4.15 -8.73 7.37
CA ASN A 37 3.78 -9.25 6.05
C ASN A 37 2.54 -8.52 5.55
N LEU A 38 2.74 -7.71 4.52
CA LEU A 38 1.65 -6.96 3.95
C LEU A 38 1.02 -7.76 2.80
N THR A 39 -0.31 -7.78 2.79
CA THR A 39 -1.04 -8.50 1.77
C THR A 39 -2.26 -7.71 1.32
N TRP A 40 -2.31 -7.46 0.02
CA TRP A 40 -3.42 -6.70 -0.57
C TRP A 40 -3.88 -7.43 -1.83
N THR A 41 -4.94 -6.91 -2.42
CA THR A 41 -5.49 -7.50 -3.63
C THR A 41 -5.09 -6.66 -4.85
N LYS A 42 -5.07 -7.33 -6.00
CA LYS A 42 -4.71 -6.67 -7.24
C LYS A 42 -5.92 -5.90 -7.77
N PRO A 43 -5.80 -4.54 -7.78
CA PRO A 43 -6.87 -3.69 -8.25
C PRO A 43 -6.96 -3.72 -9.77
N PHE A 44 -7.97 -3.03 -10.29
CA PHE A 44 -8.17 -2.98 -11.73
C PHE A 44 -7.39 -1.81 -12.35
N ASP A 45 -6.62 -2.15 -13.38
CA ASP A 45 -5.82 -1.15 -14.07
C ASP A 45 -6.72 -0.33 -15.00
N GLY A 46 -6.55 0.98 -14.93
CA GLY A 46 -7.33 1.88 -15.76
C GLY A 46 -7.30 1.44 -17.23
N ASN A 47 -6.10 1.10 -17.69
CA ASN A 47 -5.92 0.65 -19.06
C ASN A 47 -4.49 0.17 -19.26
N SER A 48 -3.56 0.90 -18.64
CA SER A 48 -2.15 0.56 -18.73
C SER A 48 -1.75 -0.33 -17.56
N PRO A 49 -0.63 -1.08 -17.75
CA PRO A 49 -0.13 -1.96 -16.72
C PRO A 49 0.56 -1.17 -15.60
N LEU A 50 0.46 -1.70 -14.39
CA LEU A 50 1.07 -1.05 -13.25
C LEU A 50 2.57 -0.91 -13.48
N ILE A 51 3.11 0.18 -12.97
CA ILE A 51 4.54 0.45 -13.11
C ILE A 51 5.24 0.19 -11.78
N ARG A 52 4.59 0.62 -10.71
CA ARG A 52 5.14 0.43 -9.37
C ARG A 52 4.09 0.78 -8.31
N TYR A 53 4.45 0.51 -7.07
CA TYR A 53 3.55 0.79 -5.96
C TYR A 53 4.23 1.62 -4.88
N ILE A 54 3.51 2.61 -4.38
CA ILE A 54 4.04 3.48 -3.35
C ILE A 54 3.39 3.12 -2.01
N LEU A 55 4.15 2.40 -1.20
CA LEU A 55 3.68 1.98 0.10
C LEU A 55 4.03 3.06 1.13
N GLU A 56 3.02 3.47 1.89
CA GLU A 56 3.21 4.49 2.91
C GLU A 56 2.83 3.94 4.28
N MET A 57 3.78 4.02 5.20
CA MET A 57 3.56 3.54 6.56
C MET A 57 3.39 4.70 7.53
N SER A 58 2.57 4.47 8.54
CA SER A 58 2.32 5.48 9.56
C SER A 58 2.68 4.95 10.94
N GLU A 59 3.76 5.50 11.49
CA GLU A 59 4.22 5.08 12.80
C GLU A 59 3.36 5.71 13.89
N ASN A 60 2.32 4.97 14.28
CA ASN A 60 1.41 5.44 15.31
C ASN A 60 0.79 6.77 14.86
N ASN A 61 1.39 7.85 15.30
CA ASN A 61 0.91 9.18 14.96
C ASN A 61 1.88 9.83 13.97
N ALA A 62 2.48 9.00 13.14
CA ALA A 62 3.42 9.48 12.15
C ALA A 62 2.70 9.68 10.82
N PRO A 63 3.19 10.69 10.04
CA PRO A 63 2.60 11.01 8.75
C PRO A 63 3.00 9.96 7.70
N TRP A 64 2.06 9.70 6.81
CA TRP A 64 2.30 8.72 5.75
C TRP A 64 3.71 8.96 5.19
N THR A 65 4.61 8.05 5.50
CA THR A 65 5.98 8.15 5.03
C THR A 65 6.26 7.09 3.96
N VAL A 66 6.54 7.59 2.76
CA VAL A 66 6.83 6.70 1.65
C VAL A 66 8.00 5.78 2.02
N LEU A 67 7.66 4.56 2.38
CA LEU A 67 8.68 3.59 2.76
C LEU A 67 9.28 2.97 1.50
N LEU A 68 8.41 2.39 0.69
CA LEU A 68 8.84 1.76 -0.55
C LEU A 68 8.26 2.54 -1.74
N ALA A 69 9.16 3.19 -2.46
CA ALA A 69 8.75 3.98 -3.62
C ALA A 69 8.50 3.04 -4.80
N SER A 70 9.59 2.43 -5.28
CA SER A 70 9.51 1.52 -6.40
C SER A 70 9.21 0.10 -5.89
N VAL A 71 7.97 -0.33 -6.12
CA VAL A 71 7.56 -1.65 -5.70
C VAL A 71 7.11 -2.46 -6.92
N ASP A 72 7.23 -3.77 -6.80
CA ASP A 72 6.85 -4.66 -7.89
C ASP A 72 5.33 -4.63 -8.05
N PRO A 73 4.90 -4.38 -9.32
CA PRO A 73 3.49 -4.32 -9.63
C PRO A 73 2.87 -5.73 -9.66
N LYS A 74 3.74 -6.71 -9.87
CA LYS A 74 3.31 -8.09 -9.93
C LYS A 74 3.30 -8.69 -8.51
N ALA A 75 3.45 -7.80 -7.54
CA ALA A 75 3.47 -8.22 -6.15
C ALA A 75 2.24 -7.66 -5.44
N THR A 76 1.64 -8.50 -4.61
CA THR A 76 0.46 -8.10 -3.86
C THR A 76 0.75 -8.09 -2.35
N SER A 77 2.00 -8.36 -2.03
CA SER A 77 2.43 -8.38 -0.64
C SER A 77 3.86 -7.85 -0.52
N VAL A 78 4.13 -7.22 0.62
CA VAL A 78 5.45 -6.67 0.87
C VAL A 78 5.77 -6.78 2.37
N THR A 79 7.05 -6.86 2.65
CA THR A 79 7.50 -6.97 4.03
C THR A 79 8.06 -5.64 4.52
N VAL A 80 7.64 -5.26 5.72
CA VAL A 80 8.09 -4.01 6.31
C VAL A 80 9.05 -4.31 7.47
N LYS A 81 10.33 -4.17 7.18
CA LYS A 81 11.36 -4.42 8.17
C LYS A 81 11.82 -3.09 8.78
N GLY A 82 12.58 -3.20 9.85
CA GLY A 82 13.08 -2.02 10.53
C GLY A 82 11.99 -1.36 11.39
N LEU A 83 11.11 -2.20 11.92
CA LEU A 83 10.03 -1.72 12.74
C LEU A 83 10.45 -1.77 14.22
N VAL A 84 9.73 -1.01 15.03
CA VAL A 84 10.02 -0.97 16.45
C VAL A 84 8.99 -1.81 17.20
N PRO A 85 9.50 -2.56 18.22
CA PRO A 85 8.64 -3.42 19.02
C PRO A 85 7.80 -2.60 20.00
N ALA A 86 6.56 -3.04 20.18
CA ALA A 86 5.66 -2.35 21.08
C ALA A 86 5.27 -1.00 20.48
N ARG A 87 4.90 -1.03 19.21
CA ARG A 87 4.51 0.18 18.52
C ARG A 87 3.54 -0.15 17.37
N SER A 88 2.61 0.75 17.14
CA SER A 88 1.62 0.56 16.09
C SER A 88 2.23 0.96 14.75
N TYR A 89 1.79 0.26 13.71
CA TYR A 89 2.27 0.53 12.36
C TYR A 89 1.17 0.32 11.33
N GLN A 90 0.98 1.32 10.49
CA GLN A 90 -0.03 1.26 9.45
C GLN A 90 0.61 1.12 8.08
N PHE A 91 -0.16 0.61 7.13
CA PHE A 91 0.33 0.43 5.78
C PHE A 91 -0.76 0.75 4.75
N ARG A 92 -0.36 1.46 3.72
CA ARG A 92 -1.28 1.84 2.66
C ARG A 92 -0.52 2.17 1.38
N LEU A 93 -0.62 1.27 0.41
CA LEU A 93 0.06 1.46 -0.86
C LEU A 93 -0.98 1.83 -1.92
N CYS A 94 -0.48 2.42 -3.00
CA CYS A 94 -1.33 2.84 -4.10
C CYS A 94 -0.81 2.21 -5.39
N ALA A 95 -1.58 2.40 -6.46
CA ALA A 95 -1.21 1.86 -7.75
C ALA A 95 -0.71 2.99 -8.65
N VAL A 96 0.47 2.80 -9.21
CA VAL A 96 1.06 3.79 -10.09
C VAL A 96 1.46 3.12 -11.41
N ASN A 97 1.05 3.75 -12.50
CA ASN A 97 1.35 3.23 -13.82
C ASN A 97 1.81 4.37 -14.72
N ASP A 98 2.00 4.05 -15.99
CA ASP A 98 2.44 5.04 -16.96
C ASP A 98 1.47 6.22 -16.94
N VAL A 99 0.19 5.90 -16.91
CA VAL A 99 -0.84 6.93 -16.90
C VAL A 99 -0.57 7.88 -15.73
N GLY A 100 -0.22 7.31 -14.60
CA GLY A 100 0.07 8.10 -13.40
C GLY A 100 -0.18 7.28 -12.13
N LYS A 101 -0.53 7.99 -11.07
CA LYS A 101 -0.79 7.34 -9.80
C LYS A 101 -2.27 7.48 -9.45
N GLY A 102 -2.82 6.43 -8.87
CA GLY A 102 -4.22 6.41 -8.49
C GLY A 102 -4.40 6.89 -7.04
N GLN A 103 -4.74 5.93 -6.18
CA GLN A 103 -4.95 6.23 -4.78
C GLN A 103 -4.37 5.12 -3.91
N PHE A 104 -4.29 5.40 -2.61
CA PHE A 104 -3.76 4.43 -1.67
C PHE A 104 -4.90 3.70 -0.95
N SER A 105 -4.55 2.54 -0.40
CA SER A 105 -5.53 1.74 0.33
C SER A 105 -5.72 2.30 1.74
N LYS A 106 -6.87 1.98 2.31
CA LYS A 106 -7.19 2.45 3.65
C LYS A 106 -6.12 1.95 4.62
N ASP A 107 -6.07 2.61 5.78
CA ASP A 107 -5.10 2.25 6.80
C ASP A 107 -5.35 0.81 7.26
N THR A 108 -4.54 -0.09 6.74
CA THR A 108 -4.66 -1.50 7.08
C THR A 108 -4.92 -1.66 8.59
N GLU A 109 -5.62 -2.74 8.92
CA GLU A 109 -5.94 -3.02 10.32
C GLU A 109 -4.77 -2.61 11.22
N ARG A 110 -5.06 -1.66 12.10
CA ARG A 110 -4.05 -1.18 13.02
C ARG A 110 -3.15 -2.33 13.48
N VAL A 111 -2.00 -2.43 12.83
CA VAL A 111 -1.05 -3.48 13.16
C VAL A 111 -0.04 -2.95 14.17
N SER A 112 0.23 -3.76 15.18
CA SER A 112 1.17 -3.38 16.22
C SER A 112 2.24 -4.47 16.38
N LEU A 113 3.46 -4.02 16.62
CA LEU A 113 4.58 -4.92 16.78
C LEU A 113 4.65 -5.37 18.25
N PRO A 114 5.28 -6.56 18.45
CA PRO A 114 5.42 -7.10 19.79
C PRO A 114 6.51 -6.36 20.58
N GLU A 115 6.34 -6.35 21.89
CA GLU A 115 7.30 -5.68 22.76
C GLU A 115 8.64 -6.40 22.73
N SER A 116 9.66 -5.70 23.22
CA SER A 116 11.00 -6.27 23.25
C SER A 116 11.38 -6.64 24.69
N GLY A 117 11.24 -7.91 25.00
CA GLY A 117 11.55 -8.40 26.33
C GLY A 117 11.10 -9.85 26.51
N PRO A 118 11.45 -10.43 27.69
CA PRO A 118 11.08 -11.79 28.00
C PRO A 118 9.59 -11.90 28.35
N SER A 119 8.85 -12.57 27.49
CA SER A 119 7.43 -12.74 27.71
C SER A 119 6.73 -11.38 27.72
N SER A 120 5.52 -11.36 27.17
CA SER A 120 4.75 -10.13 27.12
C SER A 120 4.35 -9.70 28.53
N GLY A 121 4.45 -8.41 28.76
CA GLY A 121 4.10 -7.85 30.05
C GLY A 121 4.48 -6.36 30.14
N GLY A 1 -22.59 4.10 -9.36
CA GLY A 1 -21.75 4.81 -10.31
C GLY A 1 -21.83 6.32 -10.09
N SER A 2 -22.88 6.91 -10.66
CA SER A 2 -23.08 8.34 -10.55
C SER A 2 -22.00 9.09 -11.33
N SER A 3 -20.79 9.06 -10.79
CA SER A 3 -19.68 9.73 -11.43
C SER A 3 -19.02 8.80 -12.45
N GLY A 4 -18.58 9.40 -13.55
CA GLY A 4 -17.94 8.64 -14.61
C GLY A 4 -18.37 9.15 -15.99
N SER A 5 -19.01 8.25 -16.73
CA SER A 5 -19.48 8.61 -18.07
C SER A 5 -18.29 8.85 -19.00
N SER A 6 -18.57 8.85 -20.29
CA SER A 6 -17.53 9.07 -21.29
C SER A 6 -17.67 10.47 -21.89
N GLY A 7 -16.62 10.90 -22.55
CA GLY A 7 -16.60 12.21 -23.18
C GLY A 7 -15.17 12.71 -23.39
N ARG A 8 -14.36 11.85 -23.97
CA ARG A 8 -12.96 12.20 -24.23
C ARG A 8 -12.56 11.75 -25.64
N SER A 9 -11.46 12.32 -26.10
CA SER A 9 -10.95 11.99 -27.43
C SER A 9 -10.20 10.67 -27.38
N ALA A 10 -10.44 9.85 -28.39
CA ALA A 10 -9.79 8.55 -28.49
C ALA A 10 -8.35 8.74 -28.98
N HIS A 11 -7.41 8.47 -28.09
CA HIS A 11 -6.01 8.61 -28.43
C HIS A 11 -5.27 7.30 -28.11
N LEU A 12 -5.67 6.26 -28.81
CA LEU A 12 -5.05 4.95 -28.61
C LEU A 12 -5.27 4.51 -27.16
N ARG A 13 -6.46 4.02 -26.89
CA ARG A 13 -6.80 3.57 -25.54
C ARG A 13 -6.71 4.73 -24.56
N VAL A 14 -7.68 4.78 -23.66
CA VAL A 14 -7.73 5.82 -22.64
C VAL A 14 -6.88 5.39 -21.44
N ARG A 15 -5.97 6.27 -21.05
CA ARG A 15 -5.11 6.01 -19.92
C ARG A 15 -5.80 6.38 -18.61
N GLN A 16 -6.45 5.38 -18.02
CA GLN A 16 -7.16 5.59 -16.77
C GLN A 16 -6.25 5.28 -15.58
N LEU A 17 -6.56 5.92 -14.46
CA LEU A 17 -5.77 5.72 -13.25
C LEU A 17 -6.25 4.44 -12.55
N PRO A 18 -5.25 3.67 -12.04
CA PRO A 18 -5.55 2.43 -11.35
C PRO A 18 -6.09 2.70 -9.95
N HIS A 19 -7.19 2.00 -9.63
CA HIS A 19 -7.82 2.16 -8.34
C HIS A 19 -6.87 1.66 -7.23
N ALA A 20 -7.17 2.05 -6.01
CA ALA A 20 -6.36 1.66 -4.87
C ALA A 20 -6.46 0.14 -4.68
N PRO A 21 -5.51 -0.41 -3.88
CA PRO A 21 -5.48 -1.83 -3.62
C PRO A 21 -6.57 -2.22 -2.63
N GLU A 22 -7.01 -3.47 -2.73
CA GLU A 22 -8.04 -3.98 -1.86
C GLU A 22 -7.46 -5.02 -0.89
N HIS A 23 -8.33 -5.53 -0.03
CA HIS A 23 -7.92 -6.53 0.95
C HIS A 23 -6.55 -6.14 1.53
N PRO A 24 -6.49 -4.87 2.01
CA PRO A 24 -5.25 -4.36 2.60
C PRO A 24 -5.03 -4.95 4.00
N VAL A 25 -4.47 -6.15 4.01
CA VAL A 25 -4.20 -6.82 5.27
C VAL A 25 -2.74 -6.59 5.68
N ALA A 26 -2.56 -6.26 6.94
CA ALA A 26 -1.23 -6.00 7.47
C ALA A 26 -1.10 -6.61 8.87
N THR A 27 -0.35 -7.70 8.93
CA THR A 27 -0.15 -8.38 10.20
C THR A 27 1.35 -8.54 10.49
N LEU A 28 1.65 -8.84 11.74
CA LEU A 28 3.04 -9.01 12.15
C LEU A 28 3.67 -10.14 11.33
N SER A 29 4.99 -10.19 11.39
CA SER A 29 5.74 -11.21 10.66
C SER A 29 6.00 -12.41 11.57
N THR A 30 5.35 -13.51 11.25
CA THR A 30 5.51 -14.73 12.02
C THR A 30 6.74 -15.51 11.54
N VAL A 31 7.53 -14.84 10.71
CA VAL A 31 8.74 -15.46 10.17
C VAL A 31 9.93 -14.55 10.44
N GLU A 32 9.76 -13.27 10.11
CA GLU A 32 10.81 -12.29 10.31
C GLU A 32 10.49 -11.42 11.52
N ARG A 33 11.50 -11.27 12.39
CA ARG A 33 11.33 -10.47 13.58
C ARG A 33 11.34 -8.98 13.23
N ARG A 34 10.47 -8.24 13.91
CA ARG A 34 10.37 -6.80 13.67
C ARG A 34 9.95 -6.54 12.23
N ALA A 35 9.20 -7.47 11.67
CA ALA A 35 8.72 -7.34 10.31
C ALA A 35 7.19 -7.46 10.29
N ILE A 36 6.62 -7.15 9.14
CA ILE A 36 5.17 -7.22 8.99
C ILE A 36 4.84 -7.78 7.60
N ASN A 37 3.83 -8.62 7.58
CA ASN A 37 3.40 -9.25 6.33
C ASN A 37 2.30 -8.38 5.69
N LEU A 38 2.69 -7.69 4.63
CA LEU A 38 1.76 -6.83 3.92
C LEU A 38 1.16 -7.60 2.74
N THR A 39 -0.18 -7.63 2.71
CA THR A 39 -0.88 -8.33 1.64
C THR A 39 -2.10 -7.53 1.21
N TRP A 40 -2.15 -7.23 -0.08
CA TRP A 40 -3.26 -6.47 -0.63
C TRP A 40 -3.76 -7.21 -1.87
N THR A 41 -4.79 -6.65 -2.49
CA THR A 41 -5.37 -7.24 -3.67
C THR A 41 -4.93 -6.48 -4.92
N LYS A 42 -5.02 -7.16 -6.06
CA LYS A 42 -4.62 -6.56 -7.32
C LYS A 42 -5.71 -5.59 -7.79
N PRO A 43 -5.35 -4.28 -7.80
CA PRO A 43 -6.29 -3.25 -8.22
C PRO A 43 -6.46 -3.25 -9.73
N PHE A 44 -7.65 -2.87 -10.16
CA PHE A 44 -7.97 -2.83 -11.58
C PHE A 44 -7.15 -1.74 -12.29
N ASP A 45 -6.50 -2.15 -13.37
CA ASP A 45 -5.69 -1.23 -14.14
C ASP A 45 -6.59 -0.38 -15.04
N GLY A 46 -6.38 0.93 -14.98
CA GLY A 46 -7.17 1.85 -15.78
C GLY A 46 -7.14 1.45 -17.26
N ASN A 47 -5.99 0.94 -17.68
CA ASN A 47 -5.81 0.52 -19.05
C ASN A 47 -4.36 0.10 -19.29
N SER A 48 -3.47 0.82 -18.61
CA SER A 48 -2.04 0.54 -18.72
C SER A 48 -1.61 -0.40 -17.59
N PRO A 49 -0.46 -1.10 -17.84
CA PRO A 49 0.07 -2.02 -16.86
C PRO A 49 0.74 -1.27 -15.71
N LEU A 50 0.62 -1.84 -14.52
CA LEU A 50 1.21 -1.23 -13.33
C LEU A 50 2.71 -1.05 -13.55
N ILE A 51 3.23 0.03 -12.98
CA ILE A 51 4.65 0.34 -13.11
C ILE A 51 5.35 0.02 -11.79
N ARG A 52 4.79 0.56 -10.71
CA ARG A 52 5.35 0.34 -9.39
C ARG A 52 4.28 0.60 -8.32
N TYR A 53 4.70 0.42 -7.07
CA TYR A 53 3.80 0.63 -5.95
C TYR A 53 4.48 1.46 -4.85
N ILE A 54 3.72 2.40 -4.31
CA ILE A 54 4.23 3.27 -3.27
C ILE A 54 3.49 2.96 -1.96
N LEU A 55 4.16 2.20 -1.11
CA LEU A 55 3.58 1.83 0.18
C LEU A 55 3.93 2.89 1.21
N GLU A 56 2.90 3.54 1.73
CA GLU A 56 3.09 4.58 2.73
C GLU A 56 2.69 4.07 4.11
N MET A 57 3.67 4.04 5.01
CA MET A 57 3.43 3.58 6.36
C MET A 57 3.29 4.75 7.33
N SER A 58 2.38 4.58 8.27
CA SER A 58 2.13 5.62 9.26
C SER A 58 2.29 5.04 10.67
N GLU A 59 3.38 5.43 11.32
CA GLU A 59 3.66 4.96 12.66
C GLU A 59 2.65 5.56 13.65
N ASN A 60 3.02 5.50 14.93
CA ASN A 60 2.17 6.03 15.97
C ASN A 60 1.85 7.50 15.68
N ASN A 61 0.68 7.72 15.11
CA ASN A 61 0.24 9.06 14.78
C ASN A 61 1.26 9.70 13.83
N ALA A 62 2.07 8.84 13.23
CA ALA A 62 3.09 9.31 12.29
C ALA A 62 2.45 9.58 10.94
N PRO A 63 3.03 10.58 10.22
CA PRO A 63 2.52 10.95 8.91
C PRO A 63 2.92 9.91 7.85
N TRP A 64 2.00 9.69 6.92
CA TRP A 64 2.24 8.73 5.85
C TRP A 64 3.66 8.93 5.34
N THR A 65 4.51 7.95 5.62
CA THR A 65 5.90 8.02 5.19
C THR A 65 6.17 6.97 4.11
N VAL A 66 6.45 7.46 2.91
CA VAL A 66 6.73 6.59 1.79
C VAL A 66 7.88 5.65 2.15
N LEU A 67 7.53 4.42 2.50
CA LEU A 67 8.51 3.44 2.88
C LEU A 67 9.15 2.85 1.61
N LEU A 68 8.33 2.15 0.84
CA LEU A 68 8.79 1.54 -0.39
C LEU A 68 8.20 2.31 -1.58
N ALA A 69 9.09 3.01 -2.28
CA ALA A 69 8.68 3.79 -3.43
C ALA A 69 8.67 2.89 -4.68
N SER A 70 9.77 2.17 -4.85
CA SER A 70 9.90 1.28 -5.98
C SER A 70 9.52 -0.14 -5.57
N VAL A 71 8.30 -0.52 -5.92
CA VAL A 71 7.80 -1.84 -5.59
C VAL A 71 7.36 -2.55 -6.88
N ASP A 72 7.42 -3.87 -6.84
CA ASP A 72 7.02 -4.67 -7.98
C ASP A 72 5.51 -4.57 -8.18
N PRO A 73 5.12 -4.38 -9.46
CA PRO A 73 3.70 -4.27 -9.80
C PRO A 73 3.01 -5.64 -9.75
N LYS A 74 3.81 -6.67 -10.01
CA LYS A 74 3.29 -8.02 -10.01
C LYS A 74 3.30 -8.56 -8.57
N ALA A 75 3.61 -7.67 -7.65
CA ALA A 75 3.65 -8.04 -6.24
C ALA A 75 2.42 -7.46 -5.52
N THR A 76 1.70 -8.34 -4.84
CA THR A 76 0.51 -7.94 -4.12
C THR A 76 0.78 -7.96 -2.61
N SER A 77 1.98 -8.36 -2.26
CA SER A 77 2.37 -8.43 -0.86
C SER A 77 3.82 -7.98 -0.69
N VAL A 78 4.17 -7.69 0.55
CA VAL A 78 5.52 -7.24 0.86
C VAL A 78 5.82 -7.49 2.34
N THR A 79 7.10 -7.64 2.65
CA THR A 79 7.52 -7.89 4.02
C THR A 79 8.38 -6.73 4.52
N VAL A 80 7.81 -5.96 5.42
CA VAL A 80 8.50 -4.82 6.00
C VAL A 80 9.47 -5.31 7.08
N LYS A 81 10.60 -4.63 7.17
CA LYS A 81 11.61 -4.99 8.16
C LYS A 81 12.12 -3.71 8.84
N GLY A 82 12.85 -3.92 9.93
CA GLY A 82 13.40 -2.80 10.68
C GLY A 82 12.28 -1.89 11.21
N LEU A 83 11.54 -2.43 12.17
CA LEU A 83 10.45 -1.69 12.78
C LEU A 83 10.72 -1.53 14.27
N VAL A 84 9.92 -0.66 14.89
CA VAL A 84 10.06 -0.41 16.31
C VAL A 84 9.08 -1.29 17.09
N PRO A 85 9.62 -1.98 18.12
CA PRO A 85 8.80 -2.87 18.94
C PRO A 85 7.91 -2.05 19.89
N ALA A 86 6.74 -2.61 20.17
CA ALA A 86 5.79 -1.96 21.06
C ALA A 86 5.33 -0.64 20.43
N ARG A 87 4.87 -0.74 19.19
CA ARG A 87 4.40 0.44 18.47
C ARG A 87 3.43 0.03 17.36
N SER A 88 2.44 0.87 17.15
CA SER A 88 1.44 0.61 16.12
C SER A 88 1.99 1.01 14.75
N TYR A 89 1.46 0.36 13.72
CA TYR A 89 1.88 0.64 12.36
C TYR A 89 0.72 0.52 11.39
N GLN A 90 0.68 1.44 10.43
CA GLN A 90 -0.37 1.44 9.43
C GLN A 90 0.22 1.49 8.02
N PHE A 91 -0.22 0.54 7.21
CA PHE A 91 0.26 0.46 5.84
C PHE A 91 -0.84 0.82 4.84
N ARG A 92 -0.43 1.33 3.70
CA ARG A 92 -1.37 1.71 2.66
C ARG A 92 -0.63 2.10 1.38
N LEU A 93 -0.65 1.20 0.41
CA LEU A 93 0.01 1.44 -0.86
C LEU A 93 -1.03 1.79 -1.92
N CYS A 94 -0.55 2.35 -3.01
CA CYS A 94 -1.43 2.74 -4.11
C CYS A 94 -0.91 2.09 -5.39
N ALA A 95 -1.67 2.27 -6.46
CA ALA A 95 -1.29 1.72 -7.75
C ALA A 95 -0.79 2.85 -8.66
N VAL A 96 0.44 2.70 -9.11
CA VAL A 96 1.05 3.69 -9.99
C VAL A 96 1.45 3.02 -11.31
N ASN A 97 1.06 3.66 -12.40
CA ASN A 97 1.37 3.14 -13.72
C ASN A 97 1.78 4.31 -14.63
N ASP A 98 2.01 3.98 -15.89
CA ASP A 98 2.40 4.97 -16.88
C ASP A 98 1.51 6.20 -16.74
N VAL A 99 0.21 5.97 -16.92
CA VAL A 99 -0.76 7.04 -16.81
C VAL A 99 -0.40 7.94 -15.64
N GLY A 100 -0.17 7.31 -14.49
CA GLY A 100 0.18 8.04 -13.29
C GLY A 100 -0.14 7.22 -12.04
N LYS A 101 -0.53 7.94 -10.99
CA LYS A 101 -0.88 7.29 -9.74
C LYS A 101 -2.37 7.48 -9.46
N GLY A 102 -2.95 6.47 -8.82
CA GLY A 102 -4.36 6.51 -8.49
C GLY A 102 -4.58 6.94 -7.05
N GLN A 103 -5.04 5.98 -6.24
CA GLN A 103 -5.29 6.25 -4.83
C GLN A 103 -4.70 5.12 -3.97
N PHE A 104 -4.59 5.41 -2.68
CA PHE A 104 -4.06 4.42 -1.75
C PHE A 104 -5.18 3.64 -1.08
N SER A 105 -4.79 2.55 -0.42
CA SER A 105 -5.74 1.71 0.28
C SER A 105 -5.98 2.23 1.70
N LYS A 106 -7.08 1.78 2.28
CA LYS A 106 -7.43 2.19 3.63
C LYS A 106 -6.35 1.69 4.60
N ASP A 107 -6.28 2.35 5.74
CA ASP A 107 -5.31 1.98 6.76
C ASP A 107 -5.54 0.54 7.19
N THR A 108 -4.61 -0.31 6.80
CA THR A 108 -4.69 -1.72 7.14
C THR A 108 -4.91 -1.90 8.64
N GLU A 109 -5.48 -3.05 8.99
CA GLU A 109 -5.75 -3.35 10.38
C GLU A 109 -4.58 -2.89 11.27
N ARG A 110 -4.84 -1.87 12.07
CA ARG A 110 -3.83 -1.33 12.96
C ARG A 110 -2.95 -2.45 13.50
N VAL A 111 -1.80 -2.63 12.85
CA VAL A 111 -0.87 -3.67 13.25
C VAL A 111 0.12 -3.09 14.27
N SER A 112 0.32 -3.83 15.34
CA SER A 112 1.23 -3.40 16.39
C SER A 112 2.39 -4.40 16.53
N LEU A 113 3.57 -3.86 16.77
CA LEU A 113 4.75 -4.69 16.91
C LEU A 113 4.90 -5.11 18.38
N PRO A 114 5.63 -6.24 18.59
CA PRO A 114 5.85 -6.75 19.92
C PRO A 114 6.87 -5.90 20.68
N GLU A 115 6.65 -5.76 21.98
CA GLU A 115 7.54 -4.98 22.82
C GLU A 115 8.97 -5.52 22.73
N SER A 116 9.06 -6.84 22.69
CA SER A 116 10.37 -7.49 22.59
C SER A 116 11.23 -7.10 23.79
N GLY A 117 12.17 -7.97 24.12
CA GLY A 117 13.07 -7.73 25.23
C GLY A 117 13.24 -8.99 26.07
N PRO A 118 14.49 -9.15 26.62
CA PRO A 118 14.78 -10.31 27.44
C PRO A 118 14.16 -10.18 28.83
N SER A 119 14.61 -11.04 29.73
CA SER A 119 14.10 -11.03 31.10
C SER A 119 14.89 -12.02 31.96
N SER A 120 15.83 -11.47 32.71
CA SER A 120 16.65 -12.30 33.58
C SER A 120 15.79 -12.94 34.67
N GLY A 121 15.26 -14.11 34.35
CA GLY A 121 14.43 -14.84 35.29
C GLY A 121 13.15 -15.35 34.61
N GLY A 1 -32.23 15.37 -10.57
CA GLY A 1 -31.39 14.88 -11.65
C GLY A 1 -29.99 15.49 -11.57
N SER A 2 -29.86 16.68 -12.12
CA SER A 2 -28.59 17.38 -12.12
C SER A 2 -27.56 16.61 -12.96
N SER A 3 -27.41 17.04 -14.20
CA SER A 3 -26.48 16.39 -15.11
C SER A 3 -26.84 14.92 -15.27
N GLY A 4 -26.18 14.28 -16.23
CA GLY A 4 -26.42 12.88 -16.50
C GLY A 4 -26.57 12.62 -18.00
N SER A 5 -27.47 11.69 -18.32
CA SER A 5 -27.72 11.35 -19.71
C SER A 5 -26.42 10.93 -20.40
N SER A 6 -26.19 9.63 -20.42
CA SER A 6 -25.00 9.09 -21.04
C SER A 6 -23.75 9.58 -20.29
N GLY A 7 -22.62 8.97 -20.61
CA GLY A 7 -21.37 9.34 -19.98
C GLY A 7 -20.74 10.55 -20.68
N ARG A 8 -19.46 10.43 -20.96
CA ARG A 8 -18.73 11.50 -21.62
C ARG A 8 -17.61 10.93 -22.49
N SER A 9 -17.98 10.57 -23.71
CA SER A 9 -17.02 10.00 -24.65
C SER A 9 -16.15 8.95 -23.94
N ALA A 10 -16.69 7.76 -23.85
CA ALA A 10 -15.98 6.66 -23.20
C ALA A 10 -16.13 5.40 -24.05
N HIS A 11 -15.18 5.21 -24.94
CA HIS A 11 -15.19 4.04 -25.82
C HIS A 11 -13.75 3.60 -26.09
N LEU A 12 -13.61 2.32 -26.42
CA LEU A 12 -12.31 1.76 -26.70
C LEU A 12 -11.44 1.82 -25.45
N ARG A 13 -10.45 0.95 -25.40
CA ARG A 13 -9.54 0.91 -24.26
C ARG A 13 -8.91 2.28 -24.03
N VAL A 14 -9.35 2.91 -22.94
CA VAL A 14 -8.85 4.22 -22.59
C VAL A 14 -7.91 4.10 -21.39
N ARG A 15 -6.73 4.69 -21.52
CA ARG A 15 -5.75 4.65 -20.45
C ARG A 15 -6.13 5.62 -19.35
N GLN A 16 -6.82 5.10 -18.34
CA GLN A 16 -7.25 5.91 -17.21
C GLN A 16 -6.42 5.57 -15.97
N LEU A 17 -6.56 6.44 -14.97
CA LEU A 17 -5.82 6.25 -13.73
C LEU A 17 -6.26 4.93 -13.08
N PRO A 18 -5.28 4.26 -12.42
CA PRO A 18 -5.56 3.00 -11.76
C PRO A 18 -6.32 3.22 -10.45
N HIS A 19 -6.58 2.13 -9.76
CA HIS A 19 -7.30 2.20 -8.49
C HIS A 19 -6.42 1.61 -7.37
N ALA A 20 -6.76 1.99 -6.15
CA ALA A 20 -6.02 1.52 -4.99
C ALA A 20 -6.19 0.00 -4.86
N PRO A 21 -5.30 -0.60 -4.03
CA PRO A 21 -5.35 -2.04 -3.81
C PRO A 21 -6.52 -2.42 -2.90
N GLU A 22 -6.97 -3.65 -3.06
CA GLU A 22 -8.08 -4.16 -2.28
C GLU A 22 -7.57 -5.13 -1.20
N HIS A 23 -8.50 -5.62 -0.40
CA HIS A 23 -8.17 -6.56 0.65
C HIS A 23 -6.81 -6.19 1.24
N PRO A 24 -6.69 -4.92 1.71
CA PRO A 24 -5.45 -4.44 2.30
C PRO A 24 -5.25 -5.02 3.69
N VAL A 25 -4.74 -6.24 3.74
CA VAL A 25 -4.50 -6.91 5.01
C VAL A 25 -3.03 -6.73 5.40
N ALA A 26 -2.81 -6.50 6.68
CA ALA A 26 -1.46 -6.32 7.19
C ALA A 26 -1.32 -7.09 8.50
N THR A 27 -0.35 -8.00 8.50
CA THR A 27 -0.09 -8.82 9.67
C THR A 27 1.42 -8.98 9.88
N LEU A 28 1.81 -8.99 11.15
CA LEU A 28 3.21 -9.14 11.49
C LEU A 28 3.74 -10.45 10.90
N SER A 29 5.06 -10.55 10.89
CA SER A 29 5.71 -11.74 10.34
C SER A 29 5.86 -12.79 11.43
N THR A 30 5.06 -13.85 11.32
CA THR A 30 5.10 -14.93 12.29
C THR A 30 6.31 -15.82 12.05
N VAL A 31 7.08 -15.45 11.03
CA VAL A 31 8.28 -16.21 10.68
C VAL A 31 9.51 -15.36 10.94
N GLU A 32 9.35 -14.05 10.74
CA GLU A 32 10.45 -13.12 10.95
C GLU A 32 10.12 -12.19 12.12
N ARG A 33 11.17 -11.72 12.78
CA ARG A 33 11.02 -10.82 13.90
C ARG A 33 11.07 -9.36 13.43
N ARG A 34 10.38 -8.51 14.17
CA ARG A 34 10.34 -7.10 13.85
C ARG A 34 10.09 -6.91 12.35
N ALA A 35 9.28 -7.79 11.80
CA ALA A 35 8.95 -7.73 10.38
C ALA A 35 7.43 -7.88 10.21
N ILE A 36 6.88 -7.01 9.38
CA ILE A 36 5.45 -7.03 9.12
C ILE A 36 5.20 -7.58 7.72
N ASN A 37 4.08 -8.28 7.59
CA ASN A 37 3.72 -8.86 6.31
C ASN A 37 2.45 -8.20 5.80
N LEU A 38 2.58 -7.53 4.66
CA LEU A 38 1.46 -6.84 4.05
C LEU A 38 0.94 -7.66 2.87
N THR A 39 -0.38 -7.71 2.76
CA THR A 39 -1.01 -8.47 1.69
C THR A 39 -2.25 -7.72 1.18
N TRP A 40 -2.23 -7.44 -0.12
CA TRP A 40 -3.34 -6.73 -0.75
C TRP A 40 -3.69 -7.46 -2.05
N THR A 41 -4.82 -7.08 -2.62
CA THR A 41 -5.28 -7.69 -3.86
C THR A 41 -4.86 -6.82 -5.05
N LYS A 42 -4.78 -7.46 -6.20
CA LYS A 42 -4.41 -6.77 -7.42
C LYS A 42 -5.61 -6.00 -7.96
N PRO A 43 -5.49 -4.64 -7.92
CA PRO A 43 -6.56 -3.78 -8.41
C PRO A 43 -6.61 -3.78 -9.94
N PHE A 44 -7.63 -3.09 -10.46
CA PHE A 44 -7.80 -3.00 -11.89
C PHE A 44 -7.10 -1.76 -12.45
N ASP A 45 -6.24 -2.00 -13.44
CA ASP A 45 -5.50 -0.91 -14.06
C ASP A 45 -6.33 -0.33 -15.20
N GLY A 46 -6.30 0.99 -15.30
CA GLY A 46 -7.04 1.69 -16.34
C GLY A 46 -7.04 0.88 -17.64
N ASN A 47 -5.89 0.85 -18.28
CA ASN A 47 -5.73 0.12 -19.53
C ASN A 47 -4.25 -0.07 -19.84
N SER A 48 -3.47 -0.15 -18.77
CA SER A 48 -2.02 -0.32 -18.91
C SER A 48 -1.48 -1.12 -17.72
N PRO A 49 -0.28 -1.72 -17.94
CA PRO A 49 0.35 -2.51 -16.90
C PRO A 49 0.96 -1.60 -15.82
N LEU A 50 0.53 -1.84 -14.59
CA LEU A 50 1.02 -1.05 -13.46
C LEU A 50 2.52 -0.82 -13.63
N ILE A 51 3.00 0.22 -12.96
CA ILE A 51 4.41 0.57 -13.02
C ILE A 51 5.06 0.28 -11.66
N ARG A 52 4.45 0.83 -10.62
CA ARG A 52 4.96 0.64 -9.28
C ARG A 52 3.92 1.07 -8.24
N TYR A 53 4.25 0.86 -6.98
CA TYR A 53 3.36 1.22 -5.90
C TYR A 53 4.11 1.95 -4.79
N ILE A 54 3.50 3.03 -4.31
CA ILE A 54 4.10 3.83 -3.25
C ILE A 54 3.49 3.42 -1.92
N LEU A 55 4.23 2.60 -1.19
CA LEU A 55 3.78 2.12 0.11
C LEU A 55 4.19 3.14 1.18
N GLU A 56 3.19 3.65 1.87
CA GLU A 56 3.43 4.63 2.92
C GLU A 56 3.14 4.01 4.29
N MET A 57 4.10 4.16 5.19
CA MET A 57 3.96 3.62 6.54
C MET A 57 3.62 4.74 7.54
N SER A 58 2.72 4.42 8.44
CA SER A 58 2.29 5.37 9.46
C SER A 58 2.48 4.77 10.85
N GLU A 59 3.52 5.23 11.52
CA GLU A 59 3.81 4.75 12.87
C GLU A 59 2.78 5.28 13.87
N ASN A 60 3.20 5.41 15.11
CA ASN A 60 2.33 5.90 16.16
C ASN A 60 1.97 7.36 15.87
N ASN A 61 0.82 7.54 15.24
CA ASN A 61 0.36 8.88 14.91
C ASN A 61 1.34 9.53 13.93
N ALA A 62 2.22 8.70 13.39
CA ALA A 62 3.22 9.18 12.45
C ALA A 62 2.55 9.43 11.09
N PRO A 63 3.09 10.45 10.37
CA PRO A 63 2.55 10.80 9.07
C PRO A 63 2.98 9.79 8.00
N TRP A 64 2.08 9.54 7.07
CA TRP A 64 2.36 8.59 6.01
C TRP A 64 3.77 8.87 5.48
N THR A 65 4.67 7.94 5.78
CA THR A 65 6.05 8.07 5.35
C THR A 65 6.35 7.09 4.22
N VAL A 66 6.65 7.66 3.06
CA VAL A 66 6.96 6.84 1.90
C VAL A 66 8.12 5.89 2.23
N LEU A 67 7.76 4.65 2.50
CA LEU A 67 8.76 3.65 2.84
C LEU A 67 9.37 3.09 1.55
N LEU A 68 8.49 2.59 0.69
CA LEU A 68 8.93 2.03 -0.57
C LEU A 68 8.33 2.84 -1.72
N ALA A 69 9.20 3.56 -2.41
CA ALA A 69 8.78 4.38 -3.53
C ALA A 69 8.73 3.52 -4.80
N SER A 70 9.62 2.56 -4.86
CA SER A 70 9.69 1.67 -6.00
C SER A 70 9.26 0.26 -5.59
N VAL A 71 8.02 -0.06 -5.94
CA VAL A 71 7.47 -1.37 -5.62
C VAL A 71 7.06 -2.08 -6.91
N ASP A 72 7.17 -3.40 -6.88
CA ASP A 72 6.82 -4.21 -8.04
C ASP A 72 5.30 -4.16 -8.24
N PRO A 73 4.90 -4.01 -9.54
CA PRO A 73 3.49 -3.95 -9.87
C PRO A 73 2.85 -5.34 -9.81
N LYS A 74 3.70 -6.35 -9.90
CA LYS A 74 3.23 -7.72 -9.85
C LYS A 74 3.25 -8.22 -8.39
N ALA A 75 3.73 -7.34 -7.52
CA ALA A 75 3.81 -7.67 -6.10
C ALA A 75 2.53 -7.21 -5.40
N THR A 76 1.92 -8.13 -4.68
CA THR A 76 0.69 -7.84 -3.97
C THR A 76 0.95 -7.87 -2.45
N SER A 77 2.19 -8.15 -2.09
CA SER A 77 2.56 -8.20 -0.69
C SER A 77 3.97 -7.63 -0.50
N VAL A 78 4.19 -7.06 0.67
CA VAL A 78 5.48 -6.48 0.99
C VAL A 78 5.82 -6.74 2.46
N THR A 79 7.10 -6.70 2.77
CA THR A 79 7.55 -6.93 4.13
C THR A 79 8.32 -5.71 4.65
N VAL A 80 8.03 -5.36 5.89
CA VAL A 80 8.69 -4.21 6.52
C VAL A 80 9.56 -4.70 7.66
N LYS A 81 10.85 -4.76 7.40
CA LYS A 81 11.81 -5.21 8.40
C LYS A 81 12.31 -4.00 9.20
N GLY A 82 12.91 -4.29 10.34
CA GLY A 82 13.44 -3.24 11.19
C GLY A 82 12.31 -2.40 11.80
N LEU A 83 11.57 -3.03 12.70
CA LEU A 83 10.45 -2.36 13.35
C LEU A 83 10.72 -2.31 14.86
N VAL A 84 10.11 -1.31 15.50
CA VAL A 84 10.27 -1.15 16.93
C VAL A 84 9.15 -1.91 17.65
N PRO A 85 9.55 -2.63 18.72
CA PRO A 85 8.59 -3.40 19.50
C PRO A 85 7.74 -2.49 20.40
N ALA A 86 6.49 -2.87 20.56
CA ALA A 86 5.56 -2.11 21.38
C ALA A 86 5.32 -0.75 20.72
N ARG A 87 5.01 -0.79 19.43
CA ARG A 87 4.76 0.42 18.68
C ARG A 87 3.74 0.16 17.57
N SER A 88 2.91 1.16 17.32
CA SER A 88 1.89 1.04 16.29
C SER A 88 2.50 1.29 14.91
N TYR A 89 2.00 0.55 13.94
CA TYR A 89 2.50 0.68 12.57
C TYR A 89 1.36 0.50 11.57
N GLN A 90 1.33 1.38 10.60
CA GLN A 90 0.30 1.34 9.56
C GLN A 90 0.94 1.33 8.17
N PHE A 91 0.13 0.97 7.19
CA PHE A 91 0.62 0.92 5.81
C PHE A 91 -0.52 1.22 4.83
N ARG A 92 -0.12 1.71 3.66
CA ARG A 92 -1.09 2.04 2.63
C ARG A 92 -0.37 2.40 1.33
N LEU A 93 -0.52 1.51 0.35
CA LEU A 93 0.11 1.71 -0.95
C LEU A 93 -0.96 2.00 -1.99
N CYS A 94 -0.55 2.68 -3.05
CA CYS A 94 -1.47 3.03 -4.13
C CYS A 94 -0.96 2.38 -5.41
N ALA A 95 -1.75 2.54 -6.47
CA ALA A 95 -1.40 1.98 -7.76
C ALA A 95 -0.86 3.10 -8.66
N VAL A 96 0.36 2.90 -9.13
CA VAL A 96 1.00 3.87 -10.00
C VAL A 96 1.31 3.22 -11.35
N ASN A 97 0.82 3.84 -12.41
CA ASN A 97 1.04 3.34 -13.75
C ASN A 97 1.40 4.50 -14.68
N ASP A 98 1.82 4.14 -15.88
CA ASP A 98 2.19 5.14 -16.87
C ASP A 98 1.21 6.31 -16.81
N VAL A 99 -0.07 5.97 -16.93
CA VAL A 99 -1.11 6.98 -16.89
C VAL A 99 -0.86 7.92 -15.71
N GLY A 100 -0.59 7.33 -14.56
CA GLY A 100 -0.34 8.09 -13.36
C GLY A 100 -0.63 7.26 -12.11
N LYS A 101 -0.82 7.97 -11.00
CA LYS A 101 -1.11 7.31 -9.74
C LYS A 101 -2.59 7.52 -9.38
N GLY A 102 -3.17 6.47 -8.83
CA GLY A 102 -4.58 6.51 -8.45
C GLY A 102 -4.72 6.96 -6.98
N GLN A 103 -5.06 6.00 -6.14
CA GLN A 103 -5.24 6.28 -4.72
C GLN A 103 -4.60 5.17 -3.88
N PHE A 104 -4.51 5.43 -2.58
CA PHE A 104 -3.92 4.47 -1.67
C PHE A 104 -5.01 3.69 -0.91
N SER A 105 -4.70 2.42 -0.65
CA SER A 105 -5.64 1.56 0.05
C SER A 105 -5.86 2.09 1.48
N LYS A 106 -7.02 1.74 2.02
CA LYS A 106 -7.37 2.16 3.36
C LYS A 106 -6.23 1.76 4.33
N ASP A 107 -6.25 2.40 5.49
CA ASP A 107 -5.24 2.13 6.50
C ASP A 107 -5.40 0.69 7.00
N THR A 108 -4.40 -0.12 6.69
CA THR A 108 -4.41 -1.52 7.10
C THR A 108 -4.63 -1.62 8.61
N GLU A 109 -5.32 -2.69 9.00
CA GLU A 109 -5.59 -2.92 10.41
C GLU A 109 -4.40 -2.50 11.27
N ARG A 110 -4.60 -1.44 12.02
CA ARG A 110 -3.55 -0.92 12.88
C ARG A 110 -2.65 -2.07 13.36
N VAL A 111 -1.53 -2.23 12.67
CA VAL A 111 -0.58 -3.27 13.00
C VAL A 111 0.39 -2.75 14.05
N SER A 112 0.32 -3.31 15.24
CA SER A 112 1.18 -2.91 16.34
C SER A 112 2.32 -3.92 16.49
N LEU A 113 3.50 -3.40 16.80
CA LEU A 113 4.66 -4.24 16.99
C LEU A 113 4.59 -4.92 18.36
N PRO A 114 4.92 -6.23 18.38
CA PRO A 114 4.90 -7.00 19.62
C PRO A 114 6.09 -6.66 20.50
N GLU A 115 5.79 -6.36 21.75
CA GLU A 115 6.83 -6.00 22.71
C GLU A 115 7.84 -7.16 22.83
N SER A 116 9.10 -6.78 22.99
CA SER A 116 10.17 -7.75 23.12
C SER A 116 10.15 -8.35 24.53
N GLY A 117 9.62 -9.56 24.62
CA GLY A 117 9.54 -10.25 25.90
C GLY A 117 8.89 -9.38 26.95
N PRO A 118 9.51 -9.36 28.16
CA PRO A 118 8.99 -8.57 29.26
C PRO A 118 9.30 -7.09 29.07
N SER A 119 10.58 -6.77 29.12
CA SER A 119 11.03 -5.40 28.94
C SER A 119 10.08 -4.44 29.69
N SER A 120 10.32 -4.33 30.98
CA SER A 120 9.50 -3.47 31.82
C SER A 120 9.60 -2.02 31.33
N GLY A 121 8.52 -1.57 30.69
CA GLY A 121 8.48 -0.21 30.17
C GLY A 121 7.21 0.51 30.63
N GLY A 1 8.25 22.13 -8.02
CA GLY A 1 7.65 22.92 -6.96
C GLY A 1 7.62 24.40 -7.33
N SER A 2 6.75 24.74 -8.28
CA SER A 2 6.61 26.10 -8.73
C SER A 2 5.46 26.22 -9.73
N SER A 3 5.58 25.46 -10.80
CA SER A 3 4.56 25.47 -11.84
C SER A 3 4.68 24.21 -12.70
N GLY A 4 3.61 23.93 -13.44
CA GLY A 4 3.58 22.76 -14.30
C GLY A 4 2.15 22.47 -14.77
N SER A 5 2.08 21.70 -15.85
CA SER A 5 0.78 21.34 -16.41
C SER A 5 0.94 20.13 -17.34
N SER A 6 -0.20 19.53 -17.66
CA SER A 6 -0.20 18.37 -18.54
C SER A 6 -1.65 17.90 -18.78
N GLY A 7 -1.85 17.29 -19.94
CA GLY A 7 -3.17 16.80 -20.30
C GLY A 7 -3.08 15.41 -20.91
N ARG A 8 -4.17 15.00 -21.55
CA ARG A 8 -4.22 13.69 -22.17
C ARG A 8 -4.49 13.83 -23.68
N SER A 9 -4.26 12.74 -24.39
CA SER A 9 -4.47 12.73 -25.83
C SER A 9 -4.97 11.35 -26.27
N ALA A 10 -4.18 10.34 -25.95
CA ALA A 10 -4.53 8.97 -26.31
C ALA A 10 -4.74 8.89 -27.83
N HIS A 11 -4.92 7.66 -28.30
CA HIS A 11 -5.13 7.42 -29.71
C HIS A 11 -5.75 6.04 -29.92
N LEU A 12 -5.04 5.03 -29.44
CA LEU A 12 -5.50 3.66 -29.57
C LEU A 12 -6.18 3.23 -28.27
N ARG A 13 -5.41 3.29 -27.19
CA ARG A 13 -5.92 2.91 -25.89
C ARG A 13 -5.97 4.14 -24.96
N VAL A 14 -6.99 4.16 -24.12
CA VAL A 14 -7.16 5.26 -23.18
C VAL A 14 -6.37 4.97 -21.91
N ARG A 15 -5.54 5.92 -21.54
CA ARG A 15 -4.72 5.77 -20.34
C ARG A 15 -5.51 6.21 -19.10
N GLN A 16 -6.12 5.22 -18.46
CA GLN A 16 -6.92 5.49 -17.26
C GLN A 16 -6.05 5.35 -16.02
N LEU A 17 -6.59 5.82 -14.90
CA LEU A 17 -5.87 5.74 -13.64
C LEU A 17 -6.29 4.46 -12.90
N PRO A 18 -5.28 3.82 -12.25
CA PRO A 18 -5.52 2.60 -11.50
C PRO A 18 -6.23 2.90 -10.19
N HIS A 19 -6.76 1.84 -9.59
CA HIS A 19 -7.47 1.96 -8.33
C HIS A 19 -6.60 1.43 -7.19
N ALA A 20 -6.93 1.86 -5.99
CA ALA A 20 -6.18 1.43 -4.81
C ALA A 20 -6.37 -0.07 -4.60
N PRO A 21 -5.48 -0.66 -3.76
CA PRO A 21 -5.55 -2.08 -3.47
C PRO A 21 -6.71 -2.39 -2.53
N GLU A 22 -7.20 -3.63 -2.63
CA GLU A 22 -8.31 -4.06 -1.80
C GLU A 22 -7.80 -5.03 -0.71
N HIS A 23 -8.72 -5.42 0.16
CA HIS A 23 -8.39 -6.33 1.23
C HIS A 23 -6.95 -6.08 1.70
N PRO A 24 -6.69 -4.80 2.09
CA PRO A 24 -5.36 -4.43 2.55
C PRO A 24 -5.10 -4.95 3.96
N VAL A 25 -4.72 -6.21 4.03
CA VAL A 25 -4.43 -6.84 5.30
C VAL A 25 -2.93 -6.79 5.57
N ALA A 26 -2.59 -6.61 6.84
CA ALA A 26 -1.19 -6.53 7.24
C ALA A 26 -0.99 -7.36 8.51
N THR A 27 -0.35 -8.51 8.34
CA THR A 27 -0.08 -9.39 9.45
C THR A 27 1.40 -9.35 9.83
N LEU A 28 1.66 -9.49 11.12
CA LEU A 28 3.03 -9.48 11.61
C LEU A 28 3.83 -10.57 10.89
N SER A 29 5.11 -10.62 11.22
CA SER A 29 6.00 -11.60 10.62
C SER A 29 6.62 -12.48 11.71
N THR A 30 5.76 -13.25 12.36
CA THR A 30 6.21 -14.15 13.43
C THR A 30 7.55 -14.77 13.07
N VAL A 31 7.77 -14.93 11.76
CA VAL A 31 9.00 -15.52 11.27
C VAL A 31 10.13 -14.49 11.38
N GLU A 32 9.88 -13.32 10.83
CA GLU A 32 10.85 -12.25 10.86
C GLU A 32 10.54 -11.27 11.99
N ARG A 33 11.49 -11.11 12.87
CA ARG A 33 11.33 -10.20 14.01
C ARG A 33 11.37 -8.75 13.53
N ARG A 34 10.36 -8.00 13.95
CA ARG A 34 10.26 -6.60 13.58
C ARG A 34 9.92 -6.47 12.10
N ALA A 35 9.04 -7.35 11.65
CA ALA A 35 8.62 -7.33 10.26
C ALA A 35 7.11 -7.57 10.19
N ILE A 36 6.53 -7.19 9.06
CA ILE A 36 5.10 -7.35 8.85
C ILE A 36 4.85 -7.81 7.41
N ASN A 37 4.02 -8.83 7.28
CA ASN A 37 3.68 -9.37 5.97
C ASN A 37 2.47 -8.62 5.42
N LEU A 38 2.74 -7.75 4.45
CA LEU A 38 1.68 -6.97 3.83
C LEU A 38 1.06 -7.79 2.69
N THR A 39 -0.27 -7.83 2.69
CA THR A 39 -0.99 -8.56 1.66
C THR A 39 -2.20 -7.75 1.19
N TRP A 40 -2.30 -7.62 -0.12
CA TRP A 40 -3.39 -6.87 -0.73
C TRP A 40 -3.77 -7.57 -2.03
N THR A 41 -4.82 -7.04 -2.66
CA THR A 41 -5.30 -7.60 -3.91
C THR A 41 -4.88 -6.72 -5.08
N LYS A 42 -4.81 -7.33 -6.25
CA LYS A 42 -4.41 -6.62 -7.45
C LYS A 42 -5.61 -5.83 -7.98
N PRO A 43 -5.50 -4.48 -7.91
CA PRO A 43 -6.55 -3.61 -8.38
C PRO A 43 -6.60 -3.56 -9.90
N PHE A 44 -7.60 -2.85 -10.42
CA PHE A 44 -7.76 -2.73 -11.86
C PHE A 44 -6.92 -1.57 -12.40
N ASP A 45 -6.14 -1.88 -13.42
CA ASP A 45 -5.29 -0.88 -14.04
C ASP A 45 -6.08 -0.13 -15.12
N GLY A 46 -5.65 1.11 -15.35
CA GLY A 46 -6.32 1.94 -16.34
C GLY A 46 -5.81 1.62 -17.76
N ASN A 47 -6.18 0.44 -18.22
CA ASN A 47 -5.77 -0.01 -19.54
C ASN A 47 -4.30 -0.42 -19.52
N SER A 48 -3.48 0.48 -18.99
CA SER A 48 -2.05 0.22 -18.88
C SER A 48 -1.74 -0.50 -17.58
N PRO A 49 -0.71 -1.39 -17.64
CA PRO A 49 -0.31 -2.14 -16.46
C PRO A 49 0.47 -1.26 -15.49
N LEU A 50 0.04 -1.30 -14.23
CA LEU A 50 0.68 -0.51 -13.19
C LEU A 50 2.20 -0.60 -13.36
N ILE A 51 2.87 0.47 -12.97
CA ILE A 51 4.32 0.52 -13.07
C ILE A 51 4.94 0.08 -11.74
N ARG A 52 4.49 0.72 -10.67
CA ARG A 52 4.97 0.40 -9.34
C ARG A 52 3.94 0.77 -8.29
N TYR A 53 4.34 0.66 -7.03
CA TYR A 53 3.46 0.97 -5.92
C TYR A 53 4.21 1.74 -4.83
N ILE A 54 3.55 2.76 -4.29
CA ILE A 54 4.15 3.57 -3.24
C ILE A 54 3.49 3.21 -1.90
N LEU A 55 4.18 2.37 -1.14
CA LEU A 55 3.69 1.94 0.16
C LEU A 55 4.16 2.94 1.22
N GLU A 56 3.18 3.60 1.84
CA GLU A 56 3.48 4.56 2.88
C GLU A 56 2.96 4.07 4.23
N MET A 57 3.80 4.25 5.24
CA MET A 57 3.44 3.83 6.59
C MET A 57 3.21 5.03 7.50
N SER A 58 2.29 4.86 8.44
CA SER A 58 1.97 5.92 9.38
C SER A 58 2.09 5.41 10.82
N GLU A 59 3.29 5.53 11.35
CA GLU A 59 3.55 5.08 12.71
C GLU A 59 2.71 5.88 13.70
N ASN A 60 3.03 5.71 14.98
CA ASN A 60 2.32 6.42 16.03
C ASN A 60 2.07 7.86 15.60
N ASN A 61 0.82 8.13 15.25
CA ASN A 61 0.43 9.47 14.82
C ASN A 61 1.52 10.03 13.89
N ALA A 62 2.19 9.13 13.20
CA ALA A 62 3.24 9.51 12.28
C ALA A 62 2.64 9.74 10.89
N PRO A 63 3.25 10.71 10.16
CA PRO A 63 2.79 11.04 8.81
C PRO A 63 3.21 9.96 7.81
N TRP A 64 2.30 9.69 6.89
CA TRP A 64 2.56 8.68 5.87
C TRP A 64 3.98 8.90 5.34
N THR A 65 4.80 7.87 5.51
CA THR A 65 6.18 7.94 5.06
C THR A 65 6.43 6.91 3.96
N VAL A 66 7.00 7.38 2.86
CA VAL A 66 7.30 6.52 1.74
C VAL A 66 8.40 5.53 2.13
N LEU A 67 7.99 4.32 2.46
CA LEU A 67 8.92 3.28 2.85
C LEU A 67 9.48 2.60 1.61
N LEU A 68 8.57 2.05 0.81
CA LEU A 68 8.95 1.36 -0.41
C LEU A 68 8.45 2.15 -1.62
N ALA A 69 9.39 2.75 -2.33
CA ALA A 69 9.04 3.53 -3.51
C ALA A 69 8.94 2.61 -4.72
N SER A 70 10.05 1.97 -5.04
CA SER A 70 10.09 1.05 -6.16
C SER A 70 9.54 -0.31 -5.76
N VAL A 71 8.28 -0.54 -6.12
CA VAL A 71 7.63 -1.79 -5.80
C VAL A 71 7.09 -2.42 -7.08
N ASP A 72 7.08 -3.75 -7.10
CA ASP A 72 6.59 -4.48 -8.25
C ASP A 72 5.08 -4.31 -8.37
N PRO A 73 4.62 -4.10 -9.63
CA PRO A 73 3.19 -3.91 -9.88
C PRO A 73 2.45 -5.25 -9.79
N LYS A 74 3.13 -6.29 -10.21
CA LYS A 74 2.54 -7.62 -10.18
C LYS A 74 2.61 -8.18 -8.76
N ALA A 75 3.21 -7.39 -7.89
CA ALA A 75 3.34 -7.79 -6.49
C ALA A 75 2.10 -7.36 -5.72
N THR A 76 1.57 -8.29 -4.93
CA THR A 76 0.38 -8.01 -4.14
C THR A 76 0.68 -8.22 -2.66
N SER A 77 1.95 -8.44 -2.36
CA SER A 77 2.37 -8.65 -0.99
C SER A 77 3.80 -8.16 -0.79
N VAL A 78 4.07 -7.65 0.40
CA VAL A 78 5.38 -7.13 0.72
C VAL A 78 5.67 -7.36 2.21
N THR A 79 6.95 -7.45 2.53
CA THR A 79 7.36 -7.66 3.92
C THR A 79 8.22 -6.50 4.39
N VAL A 80 7.69 -5.76 5.35
CA VAL A 80 8.40 -4.62 5.91
C VAL A 80 9.33 -5.10 7.03
N LYS A 81 10.44 -4.38 7.18
CA LYS A 81 11.41 -4.73 8.20
C LYS A 81 12.01 -3.44 8.77
N GLY A 82 12.57 -3.56 9.97
CA GLY A 82 13.17 -2.42 10.63
C GLY A 82 12.14 -1.65 11.46
N LEU A 83 11.08 -2.35 11.82
CA LEU A 83 10.01 -1.75 12.61
C LEU A 83 10.42 -1.75 14.08
N VAL A 84 9.77 -0.89 14.85
CA VAL A 84 10.04 -0.79 16.27
C VAL A 84 9.04 -1.65 17.05
N PRO A 85 9.59 -2.41 18.04
CA PRO A 85 8.77 -3.28 18.85
C PRO A 85 7.96 -2.47 19.88
N ALA A 86 6.74 -2.93 20.11
CA ALA A 86 5.85 -2.27 21.05
C ALA A 86 5.39 -0.93 20.45
N ARG A 87 4.98 -0.99 19.19
CA ARG A 87 4.51 0.20 18.50
C ARG A 87 3.56 -0.19 17.36
N SER A 88 2.63 0.71 17.08
CA SER A 88 1.66 0.48 16.02
C SER A 88 2.25 0.91 14.68
N TYR A 89 1.80 0.23 13.63
CA TYR A 89 2.26 0.53 12.28
C TYR A 89 1.14 0.33 11.27
N GLN A 90 0.82 1.41 10.57
CA GLN A 90 -0.23 1.38 9.57
C GLN A 90 0.37 1.49 8.17
N PHE A 91 0.00 0.55 7.31
CA PHE A 91 0.50 0.54 5.95
C PHE A 91 -0.63 0.86 4.95
N ARG A 92 -0.23 1.42 3.82
CA ARG A 92 -1.18 1.78 2.79
C ARG A 92 -0.45 2.15 1.49
N LEU A 93 -0.61 1.30 0.49
CA LEU A 93 0.03 1.53 -0.80
C LEU A 93 -1.04 1.88 -1.83
N CYS A 94 -0.58 2.46 -2.92
CA CYS A 94 -1.48 2.85 -3.99
C CYS A 94 -0.97 2.23 -5.30
N ALA A 95 -1.76 2.42 -6.35
CA ALA A 95 -1.40 1.88 -7.65
C ALA A 95 -0.89 3.02 -8.55
N VAL A 96 0.34 2.85 -9.01
CA VAL A 96 0.95 3.86 -9.87
C VAL A 96 1.19 3.25 -11.26
N ASN A 97 0.80 4.00 -12.27
CA ASN A 97 0.97 3.55 -13.65
C ASN A 97 1.43 4.73 -14.51
N ASP A 98 1.91 4.39 -15.70
CA ASP A 98 2.37 5.42 -16.63
C ASP A 98 1.45 6.63 -16.56
N VAL A 99 0.15 6.35 -16.61
CA VAL A 99 -0.85 7.40 -16.56
C VAL A 99 -0.56 8.31 -15.36
N GLY A 100 -0.59 7.72 -14.18
CA GLY A 100 -0.33 8.46 -12.97
C GLY A 100 -0.76 7.67 -11.74
N LYS A 101 -0.70 8.34 -10.58
CA LYS A 101 -1.07 7.70 -9.34
C LYS A 101 -2.59 7.47 -9.31
N GLY A 102 -2.98 6.38 -8.67
CA GLY A 102 -4.39 6.04 -8.57
C GLY A 102 -4.96 6.42 -7.20
N GLN A 103 -5.24 5.40 -6.41
CA GLN A 103 -5.78 5.61 -5.09
C GLN A 103 -5.01 4.77 -4.06
N PHE A 104 -5.07 5.21 -2.82
CA PHE A 104 -4.39 4.51 -1.74
C PHE A 104 -5.37 3.65 -0.94
N SER A 105 -4.88 2.49 -0.51
CA SER A 105 -5.70 1.57 0.26
C SER A 105 -5.84 2.09 1.70
N LYS A 106 -6.98 1.77 2.29
CA LYS A 106 -7.25 2.19 3.66
C LYS A 106 -6.10 1.75 4.56
N ASP A 107 -6.03 2.38 5.73
CA ASP A 107 -4.98 2.07 6.69
C ASP A 107 -5.19 0.65 7.23
N THR A 108 -4.24 -0.22 6.92
CA THR A 108 -4.31 -1.60 7.37
C THR A 108 -4.61 -1.66 8.86
N GLU A 109 -5.38 -2.67 9.24
CA GLU A 109 -5.76 -2.86 10.63
C GLU A 109 -4.59 -2.50 11.55
N ARG A 110 -4.87 -1.63 12.50
CA ARG A 110 -3.86 -1.19 13.44
C ARG A 110 -2.95 -2.36 13.83
N VAL A 111 -1.82 -2.42 13.14
CA VAL A 111 -0.85 -3.48 13.40
C VAL A 111 0.10 -3.04 14.51
N SER A 112 0.10 -3.81 15.59
CA SER A 112 0.95 -3.51 16.72
C SER A 112 2.12 -4.51 16.78
N LEU A 113 3.30 -3.96 17.03
CA LEU A 113 4.49 -4.78 17.10
C LEU A 113 4.73 -5.19 18.56
N PRO A 114 5.17 -6.47 18.72
CA PRO A 114 5.44 -7.00 20.05
C PRO A 114 6.75 -6.45 20.62
N GLU A 115 6.77 -6.32 21.94
CA GLU A 115 7.96 -5.80 22.61
C GLU A 115 9.09 -6.82 22.57
N SER A 116 10.27 -6.35 22.21
CA SER A 116 11.44 -7.21 22.13
C SER A 116 12.13 -7.28 23.49
N GLY A 117 12.57 -6.11 23.95
CA GLY A 117 13.25 -6.03 25.23
C GLY A 117 13.57 -4.57 25.58
N PRO A 118 13.79 -4.34 26.90
CA PRO A 118 14.11 -3.00 27.38
C PRO A 118 15.55 -2.63 27.04
N SER A 119 15.75 -1.34 26.75
CA SER A 119 17.06 -0.84 26.42
C SER A 119 17.78 -0.36 27.68
N SER A 120 17.16 0.59 28.35
CA SER A 120 17.73 1.15 29.57
C SER A 120 17.18 0.39 30.78
N GLY A 121 18.10 -0.23 31.51
CA GLY A 121 17.73 -0.98 32.69
C GLY A 121 18.84 -0.93 33.76
N GLY A 1 -12.56 25.10 -13.10
CA GLY A 1 -11.84 24.37 -14.13
C GLY A 1 -12.29 22.91 -14.17
N SER A 2 -12.93 22.55 -15.27
CA SER A 2 -13.42 21.18 -15.44
C SER A 2 -14.45 20.86 -14.36
N SER A 3 -15.60 20.37 -14.82
CA SER A 3 -16.67 20.01 -13.91
C SER A 3 -17.87 19.49 -14.69
N GLY A 4 -18.64 18.64 -14.02
CA GLY A 4 -19.83 18.05 -14.65
C GLY A 4 -19.86 16.54 -14.44
N SER A 5 -20.78 15.90 -15.15
CA SER A 5 -20.93 14.46 -15.05
C SER A 5 -19.57 13.78 -15.17
N SER A 6 -19.56 12.48 -14.86
CA SER A 6 -18.33 11.71 -14.93
C SER A 6 -18.58 10.39 -15.66
N GLY A 7 -17.49 9.81 -16.14
CA GLY A 7 -17.59 8.55 -16.86
C GLY A 7 -16.21 8.14 -17.42
N ARG A 8 -15.86 6.89 -17.18
CA ARG A 8 -14.60 6.36 -17.64
C ARG A 8 -14.75 5.78 -19.06
N SER A 9 -14.90 6.68 -20.02
CA SER A 9 -15.06 6.29 -21.40
C SER A 9 -14.85 7.48 -22.33
N ALA A 10 -14.52 7.19 -23.57
CA ALA A 10 -14.29 8.23 -24.56
C ALA A 10 -14.33 7.62 -25.96
N HIS A 11 -13.42 6.69 -26.20
CA HIS A 11 -13.35 6.02 -27.49
C HIS A 11 -12.22 5.00 -27.47
N LEU A 12 -11.00 5.50 -27.29
CA LEU A 12 -9.83 4.63 -27.25
C LEU A 12 -9.31 4.54 -25.82
N ARG A 13 -8.39 3.63 -25.61
CA ARG A 13 -7.80 3.43 -24.29
C ARG A 13 -7.42 4.78 -23.68
N VAL A 14 -7.92 5.00 -22.46
CA VAL A 14 -7.64 6.24 -21.76
C VAL A 14 -6.72 5.95 -20.58
N ARG A 15 -5.68 6.77 -20.46
CA ARG A 15 -4.72 6.62 -19.39
C ARG A 15 -5.37 6.97 -18.05
N GLN A 16 -6.25 6.08 -17.60
CA GLN A 16 -6.94 6.29 -16.34
C GLN A 16 -6.20 5.60 -15.20
N LEU A 17 -6.13 6.27 -14.07
CA LEU A 17 -5.45 5.73 -12.91
C LEU A 17 -6.07 4.39 -12.54
N PRO A 18 -5.22 3.48 -11.99
CA PRO A 18 -5.68 2.16 -11.59
C PRO A 18 -6.49 2.23 -10.30
N HIS A 19 -6.86 1.06 -9.80
CA HIS A 19 -7.63 0.98 -8.58
C HIS A 19 -6.71 0.69 -7.40
N ALA A 20 -7.08 1.22 -6.25
CA ALA A 20 -6.30 1.02 -5.04
C ALA A 20 -6.29 -0.47 -4.67
N PRO A 21 -5.34 -0.84 -3.78
CA PRO A 21 -5.22 -2.21 -3.34
C PRO A 21 -6.33 -2.57 -2.35
N GLU A 22 -7.11 -3.57 -2.73
CA GLU A 22 -8.20 -4.04 -1.89
C GLU A 22 -7.71 -5.06 -0.88
N HIS A 23 -8.62 -5.48 -0.01
CA HIS A 23 -8.29 -6.47 1.00
C HIS A 23 -6.88 -6.21 1.53
N PRO A 24 -6.65 -4.93 1.95
CA PRO A 24 -5.35 -4.54 2.48
C PRO A 24 -5.15 -5.09 3.91
N VAL A 25 -4.83 -6.37 3.97
CA VAL A 25 -4.61 -7.03 5.24
C VAL A 25 -3.11 -7.07 5.54
N ALA A 26 -2.75 -6.59 6.72
CA ALA A 26 -1.36 -6.56 7.14
C ALA A 26 -1.17 -7.50 8.34
N THR A 27 -0.29 -8.47 8.15
CA THR A 27 -0.01 -9.43 9.21
C THR A 27 1.46 -9.33 9.64
N LEU A 28 1.69 -9.63 10.91
CA LEU A 28 3.03 -9.58 11.46
C LEU A 28 3.89 -10.67 10.81
N SER A 29 5.14 -10.70 11.20
CA SER A 29 6.08 -11.68 10.66
C SER A 29 6.44 -12.69 11.74
N THR A 30 5.78 -13.85 11.68
CA THR A 30 6.02 -14.90 12.64
C THR A 30 7.36 -15.60 12.35
N VAL A 31 7.96 -15.20 11.23
CA VAL A 31 9.23 -15.77 10.82
C VAL A 31 10.34 -14.73 11.00
N GLU A 32 10.09 -13.55 10.44
CA GLU A 32 11.05 -12.46 10.53
C GLU A 32 10.68 -11.53 11.68
N ARG A 33 11.64 -11.34 12.58
CA ARG A 33 11.43 -10.48 13.73
C ARG A 33 11.41 -9.02 13.30
N ARG A 34 10.52 -8.26 13.91
CA ARG A 34 10.37 -6.85 13.59
C ARG A 34 10.03 -6.67 12.11
N ALA A 35 9.18 -7.56 11.61
CA ALA A 35 8.78 -7.50 10.22
C ALA A 35 7.25 -7.69 10.14
N ILE A 36 6.67 -7.10 9.10
CA ILE A 36 5.24 -7.20 8.90
C ILE A 36 4.97 -7.58 7.44
N ASN A 37 4.20 -8.64 7.26
CA ASN A 37 3.86 -9.11 5.94
C ASN A 37 2.54 -8.49 5.50
N LEU A 38 2.61 -7.67 4.47
CA LEU A 38 1.44 -7.00 3.95
C LEU A 38 0.85 -7.83 2.79
N THR A 39 -0.47 -7.80 2.70
CA THR A 39 -1.16 -8.54 1.66
C THR A 39 -2.43 -7.80 1.23
N TRP A 40 -2.47 -7.47 -0.06
CA TRP A 40 -3.61 -6.76 -0.60
C TRP A 40 -4.09 -7.52 -1.85
N THR A 41 -5.07 -6.94 -2.52
CA THR A 41 -5.62 -7.54 -3.72
C THR A 41 -5.16 -6.78 -4.96
N LYS A 42 -5.15 -7.49 -6.08
CA LYS A 42 -4.73 -6.89 -7.34
C LYS A 42 -5.89 -6.08 -7.92
N PRO A 43 -5.70 -4.74 -7.97
CA PRO A 43 -6.72 -3.85 -8.50
C PRO A 43 -6.76 -3.92 -10.02
N PHE A 44 -7.73 -3.21 -10.59
CA PHE A 44 -7.89 -3.18 -12.03
C PHE A 44 -7.01 -2.10 -12.67
N ASP A 45 -6.64 -2.35 -13.91
CA ASP A 45 -5.80 -1.40 -14.64
C ASP A 45 -6.68 -0.51 -15.52
N GLY A 46 -6.52 0.79 -15.35
CA GLY A 46 -7.28 1.75 -16.13
C GLY A 46 -7.16 1.47 -17.62
N ASN A 47 -5.94 1.13 -18.03
CA ASN A 47 -5.66 0.84 -19.43
C ASN A 47 -4.20 0.43 -19.58
N SER A 48 -3.35 1.09 -18.81
CA SER A 48 -1.92 0.81 -18.86
C SER A 48 -1.56 -0.21 -17.78
N PRO A 49 -0.40 -0.89 -17.99
CA PRO A 49 0.07 -1.89 -17.05
C PRO A 49 0.65 -1.23 -15.80
N LEU A 50 0.60 -1.98 -14.70
CA LEU A 50 1.12 -1.48 -13.43
C LEU A 50 2.64 -1.32 -13.53
N ILE A 51 3.12 -0.20 -13.02
CA ILE A 51 4.54 0.08 -13.04
C ILE A 51 5.15 -0.27 -11.68
N ARG A 52 4.54 0.27 -10.64
CA ARG A 52 5.00 0.01 -9.28
C ARG A 52 3.95 0.45 -8.27
N TYR A 53 4.36 0.47 -7.01
CA TYR A 53 3.46 0.87 -5.93
C TYR A 53 4.21 1.67 -4.87
N ILE A 54 3.50 2.65 -4.31
CA ILE A 54 4.07 3.49 -3.28
C ILE A 54 3.45 3.13 -1.92
N LEU A 55 4.20 2.35 -1.16
CA LEU A 55 3.74 1.93 0.15
C LEU A 55 4.17 2.95 1.19
N GLU A 56 3.19 3.52 1.86
CA GLU A 56 3.46 4.52 2.89
C GLU A 56 3.08 3.98 4.27
N MET A 57 4.06 3.98 5.16
CA MET A 57 3.86 3.50 6.51
C MET A 57 3.72 4.67 7.50
N SER A 58 2.77 4.52 8.41
CA SER A 58 2.54 5.55 9.41
C SER A 58 2.59 4.94 10.81
N GLU A 59 3.54 5.42 11.60
CA GLU A 59 3.69 4.93 12.96
C GLU A 59 3.85 6.10 13.94
N ASN A 60 3.17 5.97 15.07
CA ASN A 60 3.21 7.02 16.08
C ASN A 60 2.60 8.30 15.52
N ASN A 61 1.29 8.25 15.31
CA ASN A 61 0.58 9.40 14.79
C ASN A 61 1.47 10.12 13.76
N ALA A 62 2.24 9.33 13.04
CA ALA A 62 3.13 9.88 12.03
C ALA A 62 2.40 9.92 10.68
N PRO A 63 2.80 10.91 9.85
CA PRO A 63 2.20 11.07 8.53
C PRO A 63 2.70 10.01 7.56
N TRP A 64 1.82 9.62 6.66
CA TRP A 64 2.16 8.61 5.67
C TRP A 64 3.57 8.90 5.15
N THR A 65 4.51 8.05 5.55
CA THR A 65 5.89 8.21 5.13
C THR A 65 6.24 7.20 4.04
N VAL A 66 6.52 7.72 2.86
CA VAL A 66 6.88 6.89 1.73
C VAL A 66 8.04 5.97 2.12
N LEU A 67 7.70 4.74 2.43
CA LEU A 67 8.70 3.76 2.82
C LEU A 67 9.28 3.09 1.57
N LEU A 68 8.38 2.45 0.83
CA LEU A 68 8.78 1.77 -0.40
C LEU A 68 8.27 2.55 -1.61
N ALA A 69 9.22 3.16 -2.32
CA ALA A 69 8.88 3.94 -3.50
C ALA A 69 8.86 3.03 -4.72
N SER A 70 9.83 2.13 -4.77
CA SER A 70 9.93 1.20 -5.88
C SER A 70 9.40 -0.18 -5.46
N VAL A 71 8.17 -0.44 -5.87
CA VAL A 71 7.53 -1.71 -5.55
C VAL A 71 7.14 -2.42 -6.85
N ASP A 72 7.10 -3.74 -6.76
CA ASP A 72 6.73 -4.55 -7.91
C ASP A 72 5.24 -4.36 -8.22
N PRO A 73 4.95 -4.24 -9.54
CA PRO A 73 3.57 -4.06 -9.99
C PRO A 73 2.79 -5.36 -9.88
N LYS A 74 3.48 -6.45 -10.13
CA LYS A 74 2.87 -7.77 -10.07
C LYS A 74 2.90 -8.29 -8.63
N ALA A 75 3.28 -7.40 -7.73
CA ALA A 75 3.36 -7.75 -6.32
C ALA A 75 2.09 -7.30 -5.61
N THR A 76 1.60 -8.15 -4.73
CA THR A 76 0.40 -7.86 -3.98
C THR A 76 0.67 -7.92 -2.47
N SER A 77 1.93 -8.15 -2.15
CA SER A 77 2.34 -8.23 -0.76
C SER A 77 3.77 -7.71 -0.59
N VAL A 78 4.01 -7.06 0.53
CA VAL A 78 5.32 -6.51 0.82
C VAL A 78 5.63 -6.69 2.30
N THR A 79 6.92 -6.70 2.61
CA THR A 79 7.36 -6.87 3.99
C THR A 79 8.05 -5.59 4.48
N VAL A 80 7.71 -5.23 5.71
CA VAL A 80 8.28 -4.03 6.32
C VAL A 80 9.23 -4.44 7.45
N LYS A 81 10.52 -4.40 7.13
CA LYS A 81 11.54 -4.77 8.11
C LYS A 81 12.03 -3.50 8.81
N GLY A 82 12.70 -3.72 9.94
CA GLY A 82 13.23 -2.61 10.71
C GLY A 82 12.10 -1.79 11.35
N LEU A 83 11.45 -2.40 12.33
CA LEU A 83 10.36 -1.74 13.02
C LEU A 83 10.66 -1.70 14.52
N VAL A 84 9.88 -0.90 15.23
CA VAL A 84 10.04 -0.77 16.66
C VAL A 84 8.98 -1.60 17.38
N PRO A 85 9.45 -2.42 18.36
CA PRO A 85 8.55 -3.27 19.13
C PRO A 85 7.76 -2.45 20.14
N ALA A 86 6.49 -2.82 20.29
CA ALA A 86 5.63 -2.13 21.23
C ALA A 86 5.22 -0.78 20.64
N ARG A 87 4.85 -0.81 19.37
CA ARG A 87 4.44 0.41 18.68
C ARG A 87 3.48 0.07 17.54
N SER A 88 2.59 1.01 17.25
CA SER A 88 1.62 0.83 16.18
C SER A 88 2.28 1.10 14.83
N TYR A 89 1.78 0.40 13.82
CA TYR A 89 2.30 0.55 12.47
C TYR A 89 1.19 0.39 11.44
N GLN A 90 1.11 1.38 10.55
CA GLN A 90 0.10 1.36 9.50
C GLN A 90 0.76 1.22 8.13
N PHE A 91 -0.05 0.82 7.15
CA PHE A 91 0.44 0.64 5.80
C PHE A 91 -0.66 0.93 4.78
N ARG A 92 -0.25 1.53 3.68
CA ARG A 92 -1.19 1.86 2.61
C ARG A 92 -0.44 2.19 1.32
N LEU A 93 -0.60 1.32 0.34
CA LEU A 93 0.06 1.50 -0.94
C LEU A 93 -1.00 1.77 -2.02
N CYS A 94 -0.58 2.47 -3.06
CA CYS A 94 -1.48 2.81 -4.15
C CYS A 94 -0.96 2.12 -5.42
N ALA A 95 -1.76 2.22 -6.47
CA ALA A 95 -1.39 1.62 -7.74
C ALA A 95 -0.83 2.70 -8.67
N VAL A 96 0.44 2.56 -9.00
CA VAL A 96 1.10 3.52 -9.87
C VAL A 96 1.45 2.83 -11.19
N ASN A 97 1.07 3.49 -12.28
CA ASN A 97 1.33 2.95 -13.60
C ASN A 97 1.75 4.09 -14.53
N ASP A 98 2.08 3.73 -15.77
CA ASP A 98 2.50 4.70 -16.75
C ASP A 98 1.62 5.95 -16.63
N VAL A 99 0.32 5.74 -16.78
CA VAL A 99 -0.63 6.83 -16.68
C VAL A 99 -0.23 7.75 -15.53
N GLY A 100 -0.01 7.15 -14.38
CA GLY A 100 0.38 7.89 -13.19
C GLY A 100 0.08 7.11 -11.92
N LYS A 101 -0.52 7.81 -10.96
CA LYS A 101 -0.87 7.19 -9.70
C LYS A 101 -2.34 7.48 -9.38
N GLY A 102 -3.03 6.45 -8.92
CA GLY A 102 -4.43 6.58 -8.58
C GLY A 102 -4.61 6.94 -7.11
N GLN A 103 -5.28 6.05 -6.39
CA GLN A 103 -5.52 6.26 -4.97
C GLN A 103 -4.82 5.19 -4.15
N PHE A 104 -4.86 5.36 -2.84
CA PHE A 104 -4.23 4.42 -1.93
C PHE A 104 -5.29 3.58 -1.19
N SER A 105 -4.81 2.54 -0.52
CA SER A 105 -5.69 1.67 0.23
C SER A 105 -5.86 2.19 1.66
N LYS A 106 -7.09 2.07 2.15
CA LYS A 106 -7.39 2.52 3.50
C LYS A 106 -6.36 1.95 4.47
N ASP A 107 -6.24 2.61 5.61
CA ASP A 107 -5.30 2.18 6.63
C ASP A 107 -5.59 0.73 7.01
N THR A 108 -4.60 -0.12 6.81
CA THR A 108 -4.74 -1.53 7.13
C THR A 108 -4.98 -1.72 8.62
N GLU A 109 -5.60 -2.84 8.95
CA GLU A 109 -5.90 -3.14 10.34
C GLU A 109 -4.73 -2.73 11.25
N ARG A 110 -4.99 -1.73 12.07
CA ARG A 110 -3.97 -1.23 12.98
C ARG A 110 -3.09 -2.37 13.47
N VAL A 111 -1.93 -2.49 12.84
CA VAL A 111 -0.99 -3.54 13.20
C VAL A 111 0.04 -2.98 14.18
N SER A 112 0.12 -3.63 15.34
CA SER A 112 1.05 -3.20 16.37
C SER A 112 2.14 -4.27 16.56
N LEU A 113 3.35 -3.79 16.79
CA LEU A 113 4.48 -4.68 16.99
C LEU A 113 4.61 -5.01 18.48
N PRO A 114 4.98 -6.29 18.76
CA PRO A 114 5.13 -6.73 20.14
C PRO A 114 6.43 -6.20 20.75
N GLU A 115 6.38 -5.98 22.06
CA GLU A 115 7.54 -5.47 22.77
C GLU A 115 8.73 -6.41 22.59
N SER A 116 9.91 -5.85 22.81
CA SER A 116 11.14 -6.62 22.68
C SER A 116 11.37 -7.45 23.95
N GLY A 117 10.58 -8.52 24.07
CA GLY A 117 10.69 -9.40 25.22
C GLY A 117 9.33 -9.58 25.89
N PRO A 118 9.38 -9.70 27.25
CA PRO A 118 8.16 -9.88 28.03
C PRO A 118 7.37 -8.57 28.13
N SER A 119 6.23 -8.65 28.79
CA SER A 119 5.38 -7.49 28.96
C SER A 119 4.70 -7.53 30.33
N SER A 120 4.07 -6.42 30.68
CA SER A 120 3.37 -6.32 31.96
C SER A 120 1.89 -6.61 31.77
N GLY A 121 1.31 -7.26 32.77
CA GLY A 121 -0.09 -7.60 32.72
C GLY A 121 -0.38 -8.66 31.65
N GLY A 1 -39.64 17.35 -25.06
CA GLY A 1 -38.37 17.44 -25.77
C GLY A 1 -37.19 17.17 -24.83
N SER A 2 -36.51 16.06 -25.09
CA SER A 2 -35.38 15.68 -24.28
C SER A 2 -34.45 14.75 -25.07
N SER A 3 -33.27 14.53 -24.51
CA SER A 3 -32.30 13.66 -25.16
C SER A 3 -31.93 14.22 -26.54
N GLY A 4 -30.69 13.97 -26.93
CA GLY A 4 -30.20 14.44 -28.22
C GLY A 4 -28.80 15.03 -28.08
N SER A 5 -28.19 15.30 -29.23
CA SER A 5 -26.85 15.87 -29.26
C SER A 5 -25.88 14.95 -28.51
N SER A 6 -25.16 14.15 -29.30
CA SER A 6 -24.19 13.23 -28.74
C SER A 6 -22.81 13.87 -28.69
N GLY A 7 -21.92 13.22 -27.97
CA GLY A 7 -20.55 13.72 -27.84
C GLY A 7 -19.57 12.57 -27.61
N ARG A 8 -18.33 12.81 -28.02
CA ARG A 8 -17.28 11.81 -27.86
C ARG A 8 -16.93 11.64 -26.39
N SER A 9 -16.37 10.48 -26.09
CA SER A 9 -15.97 10.18 -24.72
C SER A 9 -14.74 9.29 -24.71
N ALA A 10 -13.58 9.91 -24.86
CA ALA A 10 -12.32 9.19 -24.88
C ALA A 10 -12.22 8.38 -26.17
N HIS A 11 -13.00 7.31 -26.22
CA HIS A 11 -13.01 6.44 -27.40
C HIS A 11 -11.87 5.43 -27.30
N LEU A 12 -10.65 5.94 -27.37
CA LEU A 12 -9.47 5.10 -27.28
C LEU A 12 -9.03 4.98 -25.82
N ARG A 13 -8.29 3.93 -25.54
CA ARG A 13 -7.80 3.69 -24.19
C ARG A 13 -7.33 5.00 -23.56
N VAL A 14 -7.94 5.32 -22.43
CA VAL A 14 -7.60 6.55 -21.71
C VAL A 14 -6.68 6.20 -20.54
N ARG A 15 -5.60 6.96 -20.43
CA ARG A 15 -4.64 6.74 -19.36
C ARG A 15 -5.26 7.14 -18.01
N GLN A 16 -6.17 6.30 -17.55
CA GLN A 16 -6.83 6.55 -16.28
C GLN A 16 -6.10 5.83 -15.15
N LEU A 17 -6.04 6.51 -14.00
CA LEU A 17 -5.37 5.95 -12.85
C LEU A 17 -6.01 4.61 -12.50
N PRO A 18 -5.16 3.68 -11.95
CA PRO A 18 -5.63 2.36 -11.58
C PRO A 18 -6.43 2.43 -10.28
N HIS A 19 -6.88 1.26 -9.85
CA HIS A 19 -7.67 1.16 -8.63
C HIS A 19 -6.75 0.84 -7.45
N ALA A 20 -7.13 1.34 -6.29
CA ALA A 20 -6.35 1.12 -5.09
C ALA A 20 -6.36 -0.38 -4.75
N PRO A 21 -5.39 -0.77 -3.88
CA PRO A 21 -5.27 -2.16 -3.48
C PRO A 21 -6.37 -2.54 -2.48
N GLU A 22 -7.03 -3.65 -2.77
CA GLU A 22 -8.10 -4.13 -1.92
C GLU A 22 -7.57 -5.18 -0.95
N HIS A 23 -8.47 -5.66 -0.09
CA HIS A 23 -8.10 -6.67 0.90
C HIS A 23 -6.72 -6.35 1.46
N PRO A 24 -6.56 -5.09 1.93
CA PRO A 24 -5.29 -4.65 2.49
C PRO A 24 -5.08 -5.23 3.90
N VAL A 25 -4.61 -6.47 3.93
CA VAL A 25 -4.36 -7.14 5.19
C VAL A 25 -2.89 -6.98 5.58
N ALA A 26 -2.68 -6.47 6.78
CA ALA A 26 -1.34 -6.25 7.28
C ALA A 26 -1.18 -6.96 8.64
N THR A 27 -0.44 -8.06 8.61
CA THR A 27 -0.22 -8.82 9.83
C THR A 27 1.29 -9.04 10.05
N LEU A 28 1.65 -9.19 11.31
CA LEU A 28 3.03 -9.41 11.67
C LEU A 28 3.65 -10.45 10.72
N SER A 29 4.97 -10.57 10.79
CA SER A 29 5.68 -11.51 9.95
C SER A 29 5.91 -12.81 10.73
N THR A 30 5.97 -12.68 12.04
CA THR A 30 6.20 -13.83 12.89
C THR A 30 7.38 -14.66 12.38
N VAL A 31 8.24 -14.00 11.61
CA VAL A 31 9.40 -14.66 11.06
C VAL A 31 10.60 -13.70 11.12
N GLU A 32 10.40 -12.54 10.53
CA GLU A 32 11.44 -11.53 10.50
C GLU A 32 11.27 -10.54 11.66
N ARG A 33 12.33 -10.39 12.44
CA ARG A 33 12.29 -9.49 13.57
C ARG A 33 11.90 -8.08 13.13
N ARG A 34 10.88 -7.55 13.79
CA ARG A 34 10.39 -6.22 13.47
C ARG A 34 10.01 -6.13 11.99
N ALA A 35 9.14 -7.04 11.58
CA ALA A 35 8.69 -7.07 10.21
C ALA A 35 7.20 -7.41 10.16
N ILE A 36 6.52 -6.87 9.16
CA ILE A 36 5.10 -7.11 9.00
C ILE A 36 4.83 -7.64 7.58
N ASN A 37 3.88 -8.56 7.51
CA ASN A 37 3.52 -9.16 6.24
C ASN A 37 2.36 -8.38 5.63
N LEU A 38 2.69 -7.59 4.61
CA LEU A 38 1.68 -6.78 3.94
C LEU A 38 1.10 -7.58 2.77
N THR A 39 -0.22 -7.65 2.74
CA THR A 39 -0.91 -8.37 1.68
C THR A 39 -2.15 -7.59 1.23
N TRP A 40 -2.26 -7.46 -0.08
CA TRP A 40 -3.39 -6.75 -0.67
C TRP A 40 -3.85 -7.51 -1.92
N THR A 41 -4.81 -6.92 -2.62
CA THR A 41 -5.33 -7.54 -3.82
C THR A 41 -4.90 -6.73 -5.05
N LYS A 42 -4.88 -7.41 -6.18
CA LYS A 42 -4.49 -6.78 -7.44
C LYS A 42 -5.68 -6.00 -7.99
N PRO A 43 -5.52 -4.64 -8.01
CA PRO A 43 -6.57 -3.77 -8.51
C PRO A 43 -6.64 -3.82 -10.04
N PHE A 44 -7.62 -3.12 -10.58
CA PHE A 44 -7.79 -3.06 -12.03
C PHE A 44 -6.88 -2.01 -12.65
N ASP A 45 -6.64 -2.17 -13.95
CA ASP A 45 -5.79 -1.24 -14.67
C ASP A 45 -6.67 -0.30 -15.50
N GLY A 46 -6.47 0.99 -15.28
CA GLY A 46 -7.22 2.00 -16.00
C GLY A 46 -7.11 1.81 -17.51
N ASN A 47 -5.96 1.29 -17.92
CA ASN A 47 -5.70 1.05 -19.33
C ASN A 47 -4.23 0.65 -19.51
N SER A 48 -3.39 1.23 -18.68
CA SER A 48 -1.96 0.96 -18.75
C SER A 48 -1.59 -0.11 -17.72
N PRO A 49 -0.47 -0.83 -18.02
CA PRO A 49 0.00 -1.88 -17.14
C PRO A 49 0.66 -1.30 -15.88
N LEU A 50 0.32 -1.88 -14.75
CA LEU A 50 0.87 -1.42 -13.48
C LEU A 50 2.39 -1.32 -13.60
N ILE A 51 2.94 -0.26 -13.02
CA ILE A 51 4.37 -0.03 -13.05
C ILE A 51 4.97 -0.37 -11.68
N ARG A 52 4.41 0.25 -10.66
CA ARG A 52 4.88 0.02 -9.30
C ARG A 52 3.83 0.50 -8.29
N TYR A 53 4.18 0.37 -7.02
CA TYR A 53 3.27 0.78 -5.96
C TYR A 53 4.04 1.54 -4.87
N ILE A 54 3.38 2.56 -4.33
CA ILE A 54 3.96 3.37 -3.28
C ILE A 54 3.33 3.01 -1.94
N LEU A 55 4.03 2.17 -1.20
CA LEU A 55 3.55 1.74 0.10
C LEU A 55 4.00 2.73 1.17
N GLU A 56 3.04 3.51 1.67
CA GLU A 56 3.34 4.50 2.68
C GLU A 56 2.89 4.00 4.05
N MET A 57 3.84 3.96 4.98
CA MET A 57 3.56 3.51 6.33
C MET A 57 3.40 4.69 7.28
N SER A 58 2.52 4.51 8.26
CA SER A 58 2.27 5.54 9.24
C SER A 58 2.50 5.00 10.65
N GLU A 59 3.60 5.44 11.24
CA GLU A 59 3.95 5.01 12.59
C GLU A 59 2.98 5.61 13.60
N ASN A 60 3.35 5.48 14.87
CA ASN A 60 2.52 6.00 15.95
C ASN A 60 2.24 7.48 15.69
N ASN A 61 1.04 7.73 15.18
CA ASN A 61 0.62 9.09 14.88
C ASN A 61 1.64 9.73 13.94
N ALA A 62 2.37 8.89 13.23
CA ALA A 62 3.37 9.36 12.30
C ALA A 62 2.71 9.63 10.94
N PRO A 63 3.28 10.63 10.21
CA PRO A 63 2.76 10.98 8.90
C PRO A 63 3.15 9.95 7.85
N TRP A 64 2.26 9.75 6.90
CA TRP A 64 2.50 8.81 5.83
C TRP A 64 3.93 9.00 5.34
N THR A 65 4.74 7.96 5.56
CA THR A 65 6.14 8.00 5.15
C THR A 65 6.40 6.96 4.06
N VAL A 66 6.71 7.46 2.87
CA VAL A 66 6.99 6.59 1.75
C VAL A 66 8.10 5.61 2.12
N LEU A 67 7.70 4.40 2.45
CA LEU A 67 8.65 3.36 2.83
C LEU A 67 9.23 2.72 1.57
N LEU A 68 8.34 2.10 0.80
CA LEU A 68 8.74 1.44 -0.43
C LEU A 68 8.21 2.23 -1.63
N ALA A 69 9.14 2.87 -2.34
CA ALA A 69 8.78 3.66 -3.49
C ALA A 69 8.69 2.75 -4.72
N SER A 70 9.71 1.91 -4.87
CA SER A 70 9.77 0.99 -5.99
C SER A 70 9.25 -0.38 -5.56
N VAL A 71 8.00 -0.65 -5.92
CA VAL A 71 7.38 -1.91 -5.59
C VAL A 71 6.91 -2.60 -6.87
N ASP A 72 6.98 -3.93 -6.86
CA ASP A 72 6.57 -4.71 -8.00
C ASP A 72 5.06 -4.64 -8.15
N PRO A 73 4.61 -4.48 -9.43
CA PRO A 73 3.18 -4.41 -9.72
C PRO A 73 2.53 -5.78 -9.61
N LYS A 74 3.32 -6.81 -9.88
CA LYS A 74 2.83 -8.17 -9.81
C LYS A 74 2.76 -8.62 -8.36
N ALA A 75 3.55 -7.95 -7.53
CA ALA A 75 3.59 -8.28 -6.11
C ALA A 75 2.37 -7.67 -5.42
N THR A 76 1.64 -8.51 -4.72
CA THR A 76 0.45 -8.08 -4.00
C THR A 76 0.70 -8.09 -2.50
N SER A 77 1.92 -8.44 -2.13
CA SER A 77 2.30 -8.51 -0.73
C SER A 77 3.76 -8.05 -0.56
N VAL A 78 4.04 -7.52 0.63
CA VAL A 78 5.38 -7.05 0.93
C VAL A 78 5.68 -7.29 2.41
N THR A 79 6.96 -7.39 2.71
CA THR A 79 7.40 -7.62 4.08
C THR A 79 8.24 -6.44 4.58
N VAL A 80 7.64 -5.65 5.45
CA VAL A 80 8.33 -4.50 6.00
C VAL A 80 9.34 -4.96 7.05
N LYS A 81 10.38 -4.15 7.24
CA LYS A 81 11.42 -4.48 8.19
C LYS A 81 11.91 -3.19 8.86
N GLY A 82 12.65 -3.36 9.93
CA GLY A 82 13.19 -2.22 10.67
C GLY A 82 12.10 -1.54 11.48
N LEU A 83 11.14 -2.33 11.92
CA LEU A 83 10.04 -1.81 12.71
C LEU A 83 10.46 -1.76 14.19
N VAL A 84 9.56 -1.21 15.00
CA VAL A 84 9.83 -1.08 16.43
C VAL A 84 8.83 -1.94 17.20
N PRO A 85 9.34 -2.55 18.31
CA PRO A 85 8.51 -3.40 19.14
C PRO A 85 7.56 -2.57 20.00
N ALA A 86 6.38 -3.12 20.22
CA ALA A 86 5.37 -2.44 21.02
C ALA A 86 5.07 -1.08 20.39
N ARG A 87 4.81 -1.09 19.09
CA ARG A 87 4.50 0.13 18.37
C ARG A 87 3.51 -0.16 17.24
N SER A 88 2.58 0.78 17.07
CA SER A 88 1.58 0.63 16.03
C SER A 88 2.16 1.04 14.67
N TYR A 89 1.71 0.34 13.64
CA TYR A 89 2.17 0.61 12.29
C TYR A 89 1.05 0.44 11.27
N GLN A 90 0.87 1.47 10.45
CA GLN A 90 -0.17 1.44 9.44
C GLN A 90 0.45 1.34 8.04
N PHE A 91 -0.25 0.65 7.16
CA PHE A 91 0.23 0.47 5.80
C PHE A 91 -0.86 0.85 4.79
N ARG A 92 -0.41 1.39 3.66
CA ARG A 92 -1.32 1.79 2.60
C ARG A 92 -0.55 2.11 1.33
N LEU A 93 -0.66 1.20 0.37
CA LEU A 93 0.02 1.36 -0.91
C LEU A 93 -1.01 1.66 -1.99
N CYS A 94 -0.55 2.29 -3.05
CA CYS A 94 -1.42 2.63 -4.16
C CYS A 94 -0.85 1.98 -5.43
N ALA A 95 -1.61 2.12 -6.51
CA ALA A 95 -1.20 1.55 -7.78
C ALA A 95 -0.68 2.66 -8.69
N VAL A 96 0.59 2.53 -9.07
CA VAL A 96 1.22 3.52 -9.92
C VAL A 96 1.58 2.86 -11.26
N ASN A 97 1.07 3.47 -12.33
CA ASN A 97 1.33 2.95 -13.66
C ASN A 97 1.83 4.09 -14.56
N ASP A 98 2.00 3.76 -15.83
CA ASP A 98 2.47 4.75 -16.80
C ASP A 98 1.63 6.03 -16.66
N VAL A 99 0.32 5.85 -16.73
CA VAL A 99 -0.59 6.97 -16.61
C VAL A 99 -0.16 7.87 -15.44
N GLY A 100 0.05 7.23 -14.31
CA GLY A 100 0.48 7.95 -13.11
C GLY A 100 0.16 7.15 -11.85
N LYS A 101 -0.40 7.86 -10.87
CA LYS A 101 -0.76 7.22 -9.61
C LYS A 101 -2.22 7.55 -9.28
N GLY A 102 -2.93 6.53 -8.82
CA GLY A 102 -4.34 6.70 -8.46
C GLY A 102 -4.49 6.99 -6.96
N GLN A 103 -5.16 6.07 -6.29
CA GLN A 103 -5.38 6.21 -4.86
C GLN A 103 -4.75 5.04 -4.10
N PHE A 104 -4.66 5.22 -2.79
CA PHE A 104 -4.07 4.18 -1.94
C PHE A 104 -5.16 3.32 -1.30
N SER A 105 -4.71 2.40 -0.44
CA SER A 105 -5.63 1.51 0.24
C SER A 105 -5.91 2.04 1.65
N LYS A 106 -7.11 1.74 2.13
CA LYS A 106 -7.51 2.17 3.45
C LYS A 106 -6.43 1.79 4.46
N ASP A 107 -6.42 2.50 5.58
CA ASP A 107 -5.45 2.24 6.63
C ASP A 107 -5.65 0.83 7.17
N THR A 108 -4.74 -0.06 6.77
CA THR A 108 -4.80 -1.44 7.20
C THR A 108 -5.02 -1.52 8.72
N GLU A 109 -5.77 -2.52 9.13
CA GLU A 109 -6.06 -2.72 10.54
C GLU A 109 -4.85 -2.35 11.39
N ARG A 110 -5.06 -1.39 12.28
CA ARG A 110 -3.99 -0.92 13.15
C ARG A 110 -3.12 -2.10 13.59
N VAL A 111 -1.96 -2.21 12.96
CA VAL A 111 -1.03 -3.29 13.27
C VAL A 111 -0.07 -2.82 14.37
N SER A 112 0.10 -3.68 15.36
CA SER A 112 0.99 -3.37 16.47
C SER A 112 2.07 -4.44 16.59
N LEU A 113 3.29 -3.97 16.87
CA LEU A 113 4.42 -4.88 17.01
C LEU A 113 4.51 -5.35 18.46
N PRO A 114 5.17 -6.53 18.64
CA PRO A 114 5.33 -7.11 19.97
C PRO A 114 6.38 -6.34 20.77
N GLU A 115 6.19 -6.32 22.08
CA GLU A 115 7.13 -5.64 22.96
C GLU A 115 8.46 -6.38 23.01
N SER A 116 9.51 -5.63 23.31
CA SER A 116 10.85 -6.20 23.37
C SER A 116 11.70 -5.40 24.36
N GLY A 117 11.66 -5.83 25.62
CA GLY A 117 12.42 -5.16 26.66
C GLY A 117 11.86 -3.76 26.95
N PRO A 118 11.93 -3.37 28.25
CA PRO A 118 11.44 -2.07 28.65
C PRO A 118 12.40 -0.96 28.24
N SER A 119 12.59 -0.85 26.93
CA SER A 119 13.48 0.16 26.38
C SER A 119 14.92 -0.08 26.87
N SER A 120 15.85 0.60 26.23
CA SER A 120 17.25 0.47 26.59
C SER A 120 17.65 1.57 27.57
N GLY A 121 18.01 1.13 28.78
CA GLY A 121 18.42 2.07 29.81
C GLY A 121 17.99 1.56 31.20
N GLY A 1 -21.23 28.81 -16.85
CA GLY A 1 -20.51 27.75 -17.52
C GLY A 1 -21.16 26.38 -17.23
N SER A 2 -20.49 25.62 -16.38
CA SER A 2 -20.99 24.30 -16.01
C SER A 2 -21.01 23.39 -17.23
N SER A 3 -21.19 22.10 -16.98
CA SER A 3 -21.22 21.12 -18.04
C SER A 3 -19.85 21.05 -18.74
N GLY A 4 -19.59 19.91 -19.34
CA GLY A 4 -18.33 19.69 -20.04
C GLY A 4 -18.51 18.70 -21.18
N SER A 5 -17.62 17.71 -21.21
CA SER A 5 -17.66 16.69 -22.25
C SER A 5 -16.57 15.66 -22.01
N SER A 6 -16.99 14.52 -21.47
CA SER A 6 -16.05 13.44 -21.18
C SER A 6 -16.72 12.09 -21.43
N GLY A 7 -16.21 11.39 -22.42
CA GLY A 7 -16.74 10.08 -22.77
C GLY A 7 -17.71 10.18 -23.95
N ARG A 8 -17.41 9.42 -24.99
CA ARG A 8 -18.26 9.42 -26.18
C ARG A 8 -19.39 8.41 -26.03
N SER A 9 -19.01 7.18 -25.74
CA SER A 9 -19.98 6.10 -25.58
C SER A 9 -19.33 4.92 -24.84
N ALA A 10 -18.25 4.43 -25.41
CA ALA A 10 -17.54 3.31 -24.83
C ALA A 10 -16.06 3.39 -25.23
N HIS A 11 -15.84 3.37 -26.54
CA HIS A 11 -14.49 3.44 -27.07
C HIS A 11 -13.72 2.17 -26.68
N LEU A 12 -12.43 2.18 -26.97
CA LEU A 12 -11.58 1.05 -26.65
C LEU A 12 -10.76 1.36 -25.40
N ARG A 13 -9.88 0.43 -25.06
CA ARG A 13 -9.02 0.59 -23.89
C ARG A 13 -8.53 2.04 -23.80
N VAL A 14 -8.80 2.65 -22.65
CA VAL A 14 -8.38 4.02 -22.42
C VAL A 14 -7.40 4.07 -21.25
N ARG A 15 -6.32 4.81 -21.45
CA ARG A 15 -5.31 4.95 -20.43
C ARG A 15 -5.81 5.82 -19.28
N GLN A 16 -6.42 5.18 -18.30
CA GLN A 16 -6.95 5.89 -17.15
C GLN A 16 -6.19 5.50 -15.88
N LEU A 17 -6.47 6.22 -14.81
CA LEU A 17 -5.81 5.97 -13.54
C LEU A 17 -6.28 4.61 -13.00
N PRO A 18 -5.34 3.92 -12.31
CA PRO A 18 -5.64 2.62 -11.74
C PRO A 18 -6.51 2.75 -10.49
N HIS A 19 -6.61 1.66 -9.75
CA HIS A 19 -7.40 1.63 -8.54
C HIS A 19 -6.52 1.21 -7.36
N ALA A 20 -6.90 1.67 -6.17
CA ALA A 20 -6.17 1.35 -4.97
C ALA A 20 -6.24 -0.17 -4.72
N PRO A 21 -5.31 -0.65 -3.86
CA PRO A 21 -5.25 -2.06 -3.53
C PRO A 21 -6.37 -2.44 -2.57
N GLU A 22 -7.10 -3.49 -2.94
CA GLU A 22 -8.20 -3.97 -2.12
C GLU A 22 -7.72 -5.06 -1.16
N HIS A 23 -8.60 -5.39 -0.22
CA HIS A 23 -8.27 -6.42 0.76
C HIS A 23 -6.86 -6.18 1.31
N PRO A 24 -6.62 -4.91 1.75
CA PRO A 24 -5.34 -4.54 2.30
C PRO A 24 -5.15 -5.10 3.71
N VAL A 25 -4.50 -6.26 3.77
CA VAL A 25 -4.26 -6.91 5.04
C VAL A 25 -2.84 -6.59 5.51
N ALA A 26 -2.70 -6.41 6.81
CA ALA A 26 -1.42 -6.09 7.40
C ALA A 26 -1.23 -6.91 8.68
N THR A 27 -0.40 -7.93 8.58
CA THR A 27 -0.13 -8.80 9.72
C THR A 27 1.38 -8.90 9.96
N LEU A 28 1.72 -9.20 11.20
CA LEU A 28 3.13 -9.33 11.58
C LEU A 28 3.65 -10.68 11.09
N SER A 29 4.97 -10.82 11.15
CA SER A 29 5.61 -12.06 10.73
C SER A 29 5.92 -12.93 11.94
N THR A 30 5.26 -14.08 11.98
CA THR A 30 5.45 -15.02 13.08
C THR A 30 6.69 -15.88 12.84
N VAL A 31 7.45 -15.49 11.82
CA VAL A 31 8.66 -16.21 11.48
C VAL A 31 9.86 -15.25 11.53
N GLU A 32 9.65 -14.07 10.95
CA GLU A 32 10.69 -13.06 10.92
C GLU A 32 10.43 -11.99 11.98
N ARG A 33 11.49 -11.63 12.69
CA ARG A 33 11.40 -10.63 13.73
C ARG A 33 11.35 -9.23 13.11
N ARG A 34 10.64 -8.34 13.81
CA ARG A 34 10.50 -6.98 13.34
C ARG A 34 10.21 -6.95 11.84
N ALA A 35 9.25 -7.77 11.45
CA ALA A 35 8.86 -7.84 10.05
C ALA A 35 7.35 -8.06 9.95
N ILE A 36 6.73 -7.27 9.08
CA ILE A 36 5.29 -7.36 8.88
C ILE A 36 5.01 -7.89 7.47
N ASN A 37 3.88 -8.57 7.35
CA ASN A 37 3.47 -9.13 6.07
C ASN A 37 2.18 -8.46 5.60
N LEU A 38 2.28 -7.80 4.46
CA LEU A 38 1.12 -7.11 3.89
C LEU A 38 0.71 -7.80 2.59
N THR A 39 -0.59 -7.96 2.43
CA THR A 39 -1.13 -8.59 1.23
C THR A 39 -2.42 -7.90 0.79
N TRP A 40 -2.43 -7.48 -0.47
CA TRP A 40 -3.59 -6.82 -1.02
C TRP A 40 -4.00 -7.55 -2.29
N THR A 41 -5.08 -7.07 -2.89
CA THR A 41 -5.59 -7.68 -4.11
C THR A 41 -5.20 -6.85 -5.32
N LYS A 42 -5.17 -7.50 -6.48
CA LYS A 42 -4.81 -6.83 -7.72
C LYS A 42 -6.01 -6.02 -8.22
N PRO A 43 -5.84 -4.67 -8.17
CA PRO A 43 -6.89 -3.76 -8.61
C PRO A 43 -6.98 -3.73 -10.13
N PHE A 44 -7.97 -3.00 -10.62
CA PHE A 44 -8.18 -2.88 -12.05
C PHE A 44 -7.25 -1.82 -12.64
N ASP A 45 -6.52 -2.23 -13.67
CA ASP A 45 -5.59 -1.33 -14.35
C ASP A 45 -6.36 -0.51 -15.38
N GLY A 46 -5.99 0.76 -15.47
CA GLY A 46 -6.61 1.66 -16.42
C GLY A 46 -6.07 1.45 -17.83
N ASN A 47 -6.11 0.20 -18.27
CA ASN A 47 -5.63 -0.15 -19.59
C ASN A 47 -4.13 0.17 -19.68
N SER A 48 -3.51 0.22 -18.51
CA SER A 48 -2.08 0.51 -18.44
C SER A 48 -1.39 -0.47 -17.50
N PRO A 49 -0.16 -0.89 -17.89
CA PRO A 49 0.62 -1.82 -17.10
C PRO A 49 1.21 -1.15 -15.87
N LEU A 50 0.80 -1.63 -14.70
CA LEU A 50 1.28 -1.08 -13.45
C LEU A 50 2.78 -0.83 -13.55
N ILE A 51 3.23 0.19 -12.84
CA ILE A 51 4.64 0.54 -12.84
C ILE A 51 5.23 0.26 -11.45
N ARG A 52 4.65 0.92 -10.46
CA ARG A 52 5.11 0.75 -9.09
C ARG A 52 4.02 1.19 -8.11
N TYR A 53 4.28 0.93 -6.84
CA TYR A 53 3.33 1.30 -5.79
C TYR A 53 4.03 2.00 -4.64
N ILE A 54 3.49 3.14 -4.26
CA ILE A 54 4.05 3.92 -3.16
C ILE A 54 3.39 3.50 -1.85
N LEU A 55 4.11 2.65 -1.12
CA LEU A 55 3.60 2.16 0.16
C LEU A 55 4.01 3.14 1.26
N GLU A 56 3.00 3.76 1.86
CA GLU A 56 3.24 4.71 2.94
C GLU A 56 2.77 4.14 4.27
N MET A 57 3.60 4.31 5.27
CA MET A 57 3.28 3.81 6.61
C MET A 57 3.05 4.97 7.59
N SER A 58 2.17 4.73 8.54
CA SER A 58 1.84 5.73 9.54
C SER A 58 2.05 5.17 10.94
N GLU A 59 3.27 5.32 11.44
CA GLU A 59 3.60 4.83 12.76
C GLU A 59 2.74 5.52 13.82
N ASN A 60 3.30 5.62 15.02
CA ASN A 60 2.59 6.25 16.12
C ASN A 60 2.31 7.71 15.77
N ASN A 61 1.05 7.98 15.44
CA ASN A 61 0.64 9.34 15.10
C ASN A 61 1.64 9.92 14.10
N ALA A 62 2.30 9.03 13.38
CA ALA A 62 3.28 9.44 12.39
C ALA A 62 2.58 9.71 11.06
N PRO A 63 3.12 10.70 10.32
CA PRO A 63 2.55 11.07 9.03
C PRO A 63 2.91 10.04 7.96
N TRP A 64 1.97 9.83 7.05
CA TRP A 64 2.16 8.87 5.97
C TRP A 64 3.58 9.06 5.43
N THR A 65 4.43 8.09 5.74
CA THR A 65 5.80 8.14 5.28
C THR A 65 6.04 7.08 4.20
N VAL A 66 6.70 7.52 3.13
CA VAL A 66 7.00 6.63 2.02
C VAL A 66 8.00 5.56 2.48
N LEU A 67 7.45 4.39 2.76
CA LEU A 67 8.29 3.27 3.21
C LEU A 67 8.94 2.61 2.00
N LEU A 68 8.10 2.22 1.05
CA LEU A 68 8.58 1.56 -0.16
C LEU A 68 8.15 2.38 -1.38
N ALA A 69 9.13 3.02 -1.99
CA ALA A 69 8.86 3.83 -3.17
C ALA A 69 8.70 2.92 -4.38
N SER A 70 9.81 2.34 -4.79
CA SER A 70 9.81 1.44 -5.95
C SER A 70 9.34 0.06 -5.53
N VAL A 71 8.08 -0.21 -5.81
CA VAL A 71 7.49 -1.50 -5.47
C VAL A 71 7.13 -2.24 -6.75
N ASP A 72 7.13 -3.57 -6.65
CA ASP A 72 6.81 -4.41 -7.79
C ASP A 72 5.32 -4.25 -8.12
N PRO A 73 5.05 -4.03 -9.44
CA PRO A 73 3.69 -3.86 -9.91
C PRO A 73 2.95 -5.19 -9.95
N LYS A 74 3.73 -6.26 -10.08
CA LYS A 74 3.17 -7.60 -10.13
C LYS A 74 3.17 -8.20 -8.72
N ALA A 75 3.36 -7.33 -7.74
CA ALA A 75 3.38 -7.76 -6.36
C ALA A 75 2.09 -7.31 -5.66
N THR A 76 1.58 -8.19 -4.81
CA THR A 76 0.36 -7.90 -4.08
C THR A 76 0.62 -7.91 -2.57
N SER A 77 1.85 -8.23 -2.22
CA SER A 77 2.24 -8.29 -0.82
C SER A 77 3.66 -7.74 -0.65
N VAL A 78 3.90 -7.16 0.51
CA VAL A 78 5.20 -6.59 0.82
C VAL A 78 5.55 -6.85 2.28
N THR A 79 6.84 -6.82 2.57
CA THR A 79 7.30 -7.06 3.92
C THR A 79 7.96 -5.79 4.49
N VAL A 80 7.53 -5.44 5.69
CA VAL A 80 8.06 -4.26 6.35
C VAL A 80 9.00 -4.69 7.49
N LYS A 81 10.28 -4.62 7.20
CA LYS A 81 11.29 -4.98 8.17
C LYS A 81 11.86 -3.72 8.83
N GLY A 82 12.50 -3.92 9.97
CA GLY A 82 13.10 -2.81 10.70
C GLY A 82 12.02 -1.96 11.37
N LEU A 83 11.23 -2.63 12.21
CA LEU A 83 10.16 -1.95 12.93
C LEU A 83 10.53 -1.84 14.40
N VAL A 84 9.92 -0.87 15.06
CA VAL A 84 10.18 -0.65 16.48
C VAL A 84 9.26 -1.55 17.31
N PRO A 85 9.83 -2.09 18.42
CA PRO A 85 9.08 -2.96 19.30
C PRO A 85 8.10 -2.16 20.15
N ALA A 86 6.92 -2.76 20.38
CA ALA A 86 5.90 -2.11 21.17
C ALA A 86 5.53 -0.77 20.53
N ARG A 87 5.26 -0.82 19.23
CA ARG A 87 4.89 0.37 18.49
C ARG A 87 3.91 0.02 17.37
N SER A 88 2.95 0.91 17.17
CA SER A 88 1.95 0.71 16.14
C SER A 88 2.51 1.11 14.78
N TYR A 89 2.06 0.42 13.75
CA TYR A 89 2.50 0.69 12.40
C TYR A 89 1.37 0.49 11.39
N GLN A 90 1.20 1.49 10.54
CA GLN A 90 0.16 1.43 9.53
C GLN A 90 0.77 1.26 8.14
N PHE A 91 -0.09 1.01 7.16
CA PHE A 91 0.36 0.82 5.79
C PHE A 91 -0.75 1.19 4.81
N ARG A 92 -0.33 1.79 3.69
CA ARG A 92 -1.27 2.20 2.66
C ARG A 92 -0.52 2.54 1.37
N LEU A 93 -0.59 1.61 0.42
CA LEU A 93 0.07 1.80 -0.85
C LEU A 93 -0.99 2.07 -1.93
N CYS A 94 -0.54 2.70 -3.00
CA CYS A 94 -1.42 3.02 -4.11
C CYS A 94 -0.85 2.41 -5.38
N ALA A 95 -1.61 2.53 -6.46
CA ALA A 95 -1.18 2.00 -7.75
C ALA A 95 -0.66 3.14 -8.61
N VAL A 96 0.57 2.96 -9.08
CA VAL A 96 1.20 3.97 -9.92
C VAL A 96 1.62 3.33 -11.25
N ASN A 97 1.10 3.89 -12.32
CA ASN A 97 1.42 3.39 -13.65
C ASN A 97 1.80 4.56 -14.56
N ASP A 98 2.06 4.23 -15.81
CA ASP A 98 2.43 5.25 -16.79
C ASP A 98 1.42 6.39 -16.75
N VAL A 99 0.15 6.03 -16.91
CA VAL A 99 -0.92 7.01 -16.89
C VAL A 99 -0.69 7.99 -15.74
N GLY A 100 -0.30 7.42 -14.59
CA GLY A 100 -0.04 8.23 -13.41
C GLY A 100 -0.24 7.40 -12.14
N LYS A 101 -0.69 8.09 -11.10
CA LYS A 101 -0.92 7.43 -9.82
C LYS A 101 -2.42 7.44 -9.52
N GLY A 102 -2.85 6.43 -8.77
CA GLY A 102 -4.25 6.30 -8.40
C GLY A 102 -4.48 6.80 -6.98
N GLN A 103 -4.95 5.90 -6.14
CA GLN A 103 -5.23 6.23 -4.74
C GLN A 103 -4.62 5.17 -3.82
N PHE A 104 -4.48 5.56 -2.56
CA PHE A 104 -3.91 4.65 -1.56
C PHE A 104 -5.02 3.86 -0.87
N SER A 105 -4.67 2.62 -0.51
CA SER A 105 -5.62 1.74 0.16
C SER A 105 -5.85 2.23 1.59
N LYS A 106 -6.99 1.86 2.13
CA LYS A 106 -7.35 2.25 3.48
C LYS A 106 -6.24 1.83 4.44
N ASP A 107 -6.29 2.38 5.64
CA ASP A 107 -5.29 2.07 6.65
C ASP A 107 -5.52 0.65 7.18
N THR A 108 -4.60 -0.23 6.80
CA THR A 108 -4.68 -1.63 7.22
C THR A 108 -4.79 -1.72 8.74
N GLU A 109 -5.45 -2.77 9.19
CA GLU A 109 -5.62 -2.98 10.62
C GLU A 109 -4.36 -2.59 11.38
N ARG A 110 -4.51 -1.63 12.27
CA ARG A 110 -3.38 -1.15 13.06
C ARG A 110 -2.49 -2.33 13.47
N VAL A 111 -1.27 -2.31 12.95
CA VAL A 111 -0.32 -3.36 13.26
C VAL A 111 0.58 -2.91 14.42
N SER A 112 0.62 -3.75 15.44
CA SER A 112 1.44 -3.45 16.61
C SER A 112 2.68 -4.34 16.63
N LEU A 113 3.80 -3.73 16.97
CA LEU A 113 5.05 -4.45 17.03
C LEU A 113 5.13 -5.24 18.33
N PRO A 114 5.83 -6.40 18.26
CA PRO A 114 5.98 -7.26 19.42
C PRO A 114 6.99 -6.67 20.41
N GLU A 115 6.52 -6.46 21.63
CA GLU A 115 7.36 -5.91 22.68
C GLU A 115 8.53 -6.86 22.97
N SER A 116 9.71 -6.49 22.46
CA SER A 116 10.89 -7.30 22.66
C SER A 116 10.96 -7.77 24.11
N GLY A 117 11.59 -8.92 24.29
CA GLY A 117 11.73 -9.50 25.63
C GLY A 117 13.21 -9.72 25.97
N PRO A 118 13.55 -9.39 27.25
CA PRO A 118 14.92 -9.54 27.72
C PRO A 118 15.24 -11.02 27.97
N SER A 119 15.17 -11.80 26.91
CA SER A 119 15.45 -13.22 27.00
C SER A 119 14.60 -13.86 28.10
N SER A 120 13.41 -14.30 27.71
CA SER A 120 12.50 -14.93 28.64
C SER A 120 12.90 -16.39 28.87
N GLY A 121 13.15 -16.72 30.12
CA GLY A 121 13.55 -18.07 30.49
C GLY A 121 14.90 -18.43 29.88
N GLY A 1 -19.73 19.74 -10.35
CA GLY A 1 -21.00 19.54 -9.68
C GLY A 1 -22.17 19.64 -10.67
N SER A 2 -22.62 18.49 -11.13
CA SER A 2 -23.71 18.44 -12.07
C SER A 2 -23.24 18.88 -13.46
N SER A 3 -22.73 20.11 -13.50
CA SER A 3 -22.23 20.67 -14.75
C SER A 3 -21.41 19.63 -15.51
N GLY A 4 -21.43 19.74 -16.82
CA GLY A 4 -20.70 18.83 -17.67
C GLY A 4 -21.58 18.31 -18.82
N SER A 5 -20.94 17.58 -19.72
CA SER A 5 -21.65 17.03 -20.86
C SER A 5 -21.13 15.62 -21.17
N SER A 6 -21.86 14.94 -22.03
CA SER A 6 -21.49 13.58 -22.42
C SER A 6 -20.81 13.59 -23.79
N GLY A 7 -19.92 12.63 -23.99
CA GLY A 7 -19.20 12.52 -25.24
C GLY A 7 -18.99 11.05 -25.62
N ARG A 8 -17.90 10.82 -26.35
CA ARG A 8 -17.58 9.47 -26.79
C ARG A 8 -16.15 9.43 -27.34
N SER A 9 -15.42 8.41 -26.90
CA SER A 9 -14.05 8.24 -27.34
C SER A 9 -13.89 6.91 -28.08
N ALA A 10 -13.08 6.95 -29.13
CA ALA A 10 -12.84 5.76 -29.93
C ALA A 10 -11.43 5.81 -30.50
N HIS A 11 -10.98 4.67 -30.98
CA HIS A 11 -9.65 4.57 -31.56
C HIS A 11 -8.60 4.80 -30.46
N LEU A 12 -7.61 3.92 -30.44
CA LEU A 12 -6.54 4.03 -29.46
C LEU A 12 -7.10 3.73 -28.07
N ARG A 13 -6.23 3.24 -27.20
CA ARG A 13 -6.63 2.92 -25.85
C ARG A 13 -6.63 4.17 -24.98
N VAL A 14 -7.44 4.12 -23.93
CA VAL A 14 -7.55 5.24 -23.01
C VAL A 14 -6.68 4.98 -21.78
N ARG A 15 -5.88 5.97 -21.42
CA ARG A 15 -5.01 5.85 -20.26
C ARG A 15 -5.75 6.29 -19.00
N GLN A 16 -6.41 5.32 -18.37
CA GLN A 16 -7.15 5.58 -17.16
C GLN A 16 -6.28 5.34 -15.93
N LEU A 17 -6.67 5.95 -14.82
CA LEU A 17 -5.94 5.81 -13.58
C LEU A 17 -6.34 4.51 -12.89
N PRO A 18 -5.34 3.87 -12.22
CA PRO A 18 -5.58 2.62 -11.53
C PRO A 18 -6.34 2.86 -10.22
N HIS A 19 -6.58 1.77 -9.51
CA HIS A 19 -7.29 1.84 -8.24
C HIS A 19 -6.40 1.33 -7.11
N ALA A 20 -6.72 1.75 -5.90
CA ALA A 20 -5.96 1.35 -4.74
C ALA A 20 -6.09 -0.16 -4.55
N PRO A 21 -5.15 -0.72 -3.74
CA PRO A 21 -5.15 -2.15 -3.47
C PRO A 21 -6.28 -2.52 -2.50
N GLU A 22 -6.90 -3.66 -2.77
CA GLU A 22 -7.98 -4.15 -1.95
C GLU A 22 -7.47 -5.17 -0.93
N HIS A 23 -8.38 -5.65 -0.10
CA HIS A 23 -8.03 -6.63 0.91
C HIS A 23 -6.64 -6.32 1.47
N PRO A 24 -6.48 -5.07 1.95
CA PRO A 24 -5.21 -4.64 2.51
C PRO A 24 -4.99 -5.23 3.90
N VAL A 25 -4.57 -6.49 3.91
CA VAL A 25 -4.32 -7.18 5.16
C VAL A 25 -2.84 -7.08 5.51
N ALA A 26 -2.57 -6.55 6.69
CA ALA A 26 -1.20 -6.39 7.15
C ALA A 26 -1.01 -7.14 8.47
N THR A 27 -0.33 -8.27 8.38
CA THR A 27 -0.09 -9.09 9.55
C THR A 27 1.41 -9.16 9.85
N LEU A 28 1.73 -9.23 11.13
CA LEU A 28 3.12 -9.31 11.57
C LEU A 28 3.73 -10.62 11.07
N SER A 29 5.04 -10.72 11.23
CA SER A 29 5.75 -11.91 10.80
C SER A 29 5.73 -12.96 11.93
N THR A 30 5.14 -14.10 11.61
CA THR A 30 5.05 -15.18 12.57
C THR A 30 6.30 -16.05 12.53
N VAL A 31 7.33 -15.52 11.88
CA VAL A 31 8.59 -16.23 11.76
C VAL A 31 9.75 -15.26 11.98
N GLU A 32 9.71 -14.15 11.24
CA GLU A 32 10.75 -13.14 11.34
C GLU A 32 10.42 -12.18 12.49
N ARG A 33 11.46 -11.47 12.93
CA ARG A 33 11.30 -10.52 14.01
C ARG A 33 11.23 -9.09 13.45
N ARG A 34 10.34 -8.31 14.04
CA ARG A 34 10.17 -6.92 13.62
C ARG A 34 9.94 -6.86 12.11
N ALA A 35 9.05 -7.72 11.63
CA ALA A 35 8.74 -7.77 10.22
C ALA A 35 7.24 -8.03 10.03
N ILE A 36 6.63 -7.20 9.20
CA ILE A 36 5.20 -7.33 8.94
C ILE A 36 5.00 -7.79 7.49
N ASN A 37 4.09 -8.73 7.33
CA ASN A 37 3.78 -9.28 6.02
C ASN A 37 2.59 -8.52 5.43
N LEU A 38 2.89 -7.64 4.49
CA LEU A 38 1.85 -6.86 3.83
C LEU A 38 1.27 -7.66 2.66
N THR A 39 -0.04 -7.78 2.67
CA THR A 39 -0.72 -8.52 1.62
C THR A 39 -2.00 -7.78 1.20
N TRP A 40 -2.12 -7.56 -0.10
CA TRP A 40 -3.28 -6.87 -0.64
C TRP A 40 -3.72 -7.61 -1.90
N THR A 41 -4.75 -7.05 -2.54
CA THR A 41 -5.27 -7.65 -3.76
C THR A 41 -4.92 -6.79 -4.97
N LYS A 42 -4.90 -7.43 -6.13
CA LYS A 42 -4.58 -6.73 -7.37
C LYS A 42 -5.82 -5.97 -7.85
N PRO A 43 -5.71 -4.62 -7.83
CA PRO A 43 -6.81 -3.77 -8.26
C PRO A 43 -6.92 -3.77 -9.78
N PHE A 44 -7.96 -3.09 -10.27
CA PHE A 44 -8.20 -3.00 -11.70
C PHE A 44 -7.38 -1.88 -12.32
N ASP A 45 -6.66 -2.23 -13.38
CA ASP A 45 -5.82 -1.26 -14.07
C ASP A 45 -6.69 -0.45 -15.04
N GLY A 46 -6.56 0.86 -14.94
CA GLY A 46 -7.32 1.76 -15.79
C GLY A 46 -7.31 1.28 -17.23
N ASN A 47 -6.13 0.90 -17.70
CA ASN A 47 -5.97 0.41 -19.06
C ASN A 47 -4.51 0.02 -19.29
N SER A 48 -3.62 0.80 -18.70
CA SER A 48 -2.19 0.54 -18.83
C SER A 48 -1.71 -0.32 -17.66
N PRO A 49 -0.53 -0.96 -17.88
CA PRO A 49 0.05 -1.82 -16.86
C PRO A 49 0.68 -0.98 -15.74
N LEU A 50 0.71 -1.58 -14.55
CA LEU A 50 1.27 -0.90 -13.39
C LEU A 50 2.80 -0.83 -13.55
N ILE A 51 3.34 0.31 -13.16
CA ILE A 51 4.78 0.52 -13.25
C ILE A 51 5.41 0.25 -11.87
N ARG A 52 4.88 0.93 -10.88
CA ARG A 52 5.39 0.77 -9.52
C ARG A 52 4.27 1.04 -8.51
N TYR A 53 4.54 0.68 -7.26
CA TYR A 53 3.58 0.88 -6.19
C TYR A 53 4.20 1.64 -5.02
N ILE A 54 3.51 2.68 -4.60
CA ILE A 54 3.99 3.50 -3.49
C ILE A 54 3.33 3.03 -2.20
N LEU A 55 4.17 2.73 -1.22
CA LEU A 55 3.69 2.27 0.07
C LEU A 55 4.06 3.29 1.15
N GLU A 56 3.04 3.85 1.78
CA GLU A 56 3.25 4.84 2.83
C GLU A 56 2.90 4.24 4.19
N MET A 57 3.88 4.27 5.08
CA MET A 57 3.69 3.74 6.42
C MET A 57 3.48 4.87 7.44
N SER A 58 2.66 4.59 8.43
CA SER A 58 2.37 5.57 9.47
C SER A 58 2.67 4.97 10.84
N GLU A 59 3.66 5.56 11.50
CA GLU A 59 4.05 5.10 12.82
C GLU A 59 3.22 5.79 13.90
N ASN A 60 2.14 5.13 14.29
CA ASN A 60 1.26 5.68 15.31
C ASN A 60 0.65 6.99 14.80
N ASN A 61 1.25 8.08 15.21
CA ASN A 61 0.78 9.39 14.79
C ASN A 61 1.77 10.02 13.80
N ALA A 62 2.62 9.16 13.27
CA ALA A 62 3.63 9.59 12.31
C ALA A 62 2.95 9.87 10.97
N PRO A 63 3.54 10.83 10.20
CA PRO A 63 3.01 11.19 8.90
C PRO A 63 3.33 10.12 7.86
N TRP A 64 2.39 9.91 6.96
CA TRP A 64 2.56 8.92 5.91
C TRP A 64 3.99 9.06 5.36
N THR A 65 4.80 8.06 5.68
CA THR A 65 6.19 8.06 5.24
C THR A 65 6.40 6.96 4.19
N VAL A 66 6.52 7.39 2.94
CA VAL A 66 6.73 6.46 1.85
C VAL A 66 7.95 5.60 2.15
N LEU A 67 7.68 4.38 2.59
CA LEU A 67 8.75 3.45 2.92
C LEU A 67 9.26 2.79 1.63
N LEU A 68 8.33 2.28 0.85
CA LEU A 68 8.66 1.63 -0.41
C LEU A 68 8.14 2.48 -1.58
N ALA A 69 9.08 3.06 -2.30
CA ALA A 69 8.73 3.89 -3.43
C ALA A 69 8.59 3.02 -4.68
N SER A 70 9.68 2.36 -5.02
CA SER A 70 9.70 1.49 -6.19
C SER A 70 9.30 0.07 -5.78
N VAL A 71 8.05 -0.26 -6.08
CA VAL A 71 7.53 -1.58 -5.75
C VAL A 71 7.13 -2.30 -7.04
N ASP A 72 7.16 -3.62 -6.98
CA ASP A 72 6.80 -4.44 -8.13
C ASP A 72 5.31 -4.28 -8.42
N PRO A 73 4.99 -4.04 -9.71
CA PRO A 73 3.61 -3.87 -10.13
C PRO A 73 2.88 -5.22 -10.16
N LYS A 74 3.67 -6.28 -10.13
CA LYS A 74 3.11 -7.62 -10.16
C LYS A 74 3.11 -8.21 -8.74
N ALA A 75 3.45 -7.35 -7.79
CA ALA A 75 3.49 -7.75 -6.39
C ALA A 75 2.21 -7.30 -5.70
N THR A 76 1.73 -8.14 -4.80
CA THR A 76 0.53 -7.84 -4.05
C THR A 76 0.79 -7.89 -2.55
N SER A 77 2.05 -8.12 -2.21
CA SER A 77 2.45 -8.19 -0.82
C SER A 77 3.88 -7.65 -0.66
N VAL A 78 4.18 -7.21 0.55
CA VAL A 78 5.51 -6.67 0.85
C VAL A 78 5.80 -6.87 2.34
N THR A 79 7.10 -6.88 2.65
CA THR A 79 7.52 -7.06 4.03
C THR A 79 8.20 -5.78 4.54
N VAL A 80 7.81 -5.41 5.75
CA VAL A 80 8.37 -4.21 6.37
C VAL A 80 9.21 -4.61 7.59
N LYS A 81 10.51 -4.50 7.43
CA LYS A 81 11.42 -4.84 8.51
C LYS A 81 12.07 -3.57 9.05
N GLY A 82 12.40 -3.61 10.33
CA GLY A 82 13.03 -2.47 10.98
C GLY A 82 12.03 -1.71 11.85
N LEU A 83 10.86 -2.34 12.03
CA LEU A 83 9.81 -1.74 12.84
C LEU A 83 10.27 -1.68 14.30
N VAL A 84 9.65 -0.78 15.04
CA VAL A 84 9.98 -0.62 16.45
C VAL A 84 9.06 -1.51 17.29
N PRO A 85 9.64 -2.09 18.37
CA PRO A 85 8.89 -2.96 19.26
C PRO A 85 7.95 -2.16 20.16
N ALA A 86 6.79 -2.73 20.41
CA ALA A 86 5.80 -2.07 21.26
C ALA A 86 5.38 -0.75 20.61
N ARG A 87 5.08 -0.84 19.31
CA ARG A 87 4.65 0.33 18.56
C ARG A 87 3.68 -0.08 17.45
N SER A 88 2.79 0.85 17.13
CA SER A 88 1.80 0.60 16.10
C SER A 88 2.31 1.13 14.75
N TYR A 89 1.93 0.43 13.69
CA TYR A 89 2.33 0.81 12.36
C TYR A 89 1.22 0.55 11.34
N GLN A 90 0.95 1.55 10.53
CA GLN A 90 -0.08 1.43 9.52
C GLN A 90 0.54 1.40 8.12
N PHE A 91 -0.14 0.70 7.22
CA PHE A 91 0.34 0.58 5.86
C PHE A 91 -0.76 0.94 4.85
N ARG A 92 -0.34 1.57 3.76
CA ARG A 92 -1.28 1.97 2.73
C ARG A 92 -0.53 2.34 1.45
N LEU A 93 -0.60 1.44 0.47
CA LEU A 93 0.07 1.66 -0.80
C LEU A 93 -0.98 1.84 -1.89
N CYS A 94 -0.60 2.56 -2.94
CA CYS A 94 -1.48 2.81 -4.06
C CYS A 94 -0.84 2.25 -5.32
N ALA A 95 -1.59 2.33 -6.42
CA ALA A 95 -1.11 1.83 -7.69
C ALA A 95 -0.67 3.02 -8.56
N VAL A 96 0.43 2.81 -9.27
CA VAL A 96 0.96 3.84 -10.14
C VAL A 96 1.40 3.21 -11.46
N ASN A 97 0.98 3.85 -12.55
CA ASN A 97 1.32 3.36 -13.88
C ASN A 97 1.77 4.54 -14.74
N ASP A 98 2.01 4.25 -16.02
CA ASP A 98 2.44 5.26 -16.95
C ASP A 98 1.37 6.35 -17.05
N VAL A 99 0.13 5.92 -16.93
CA VAL A 99 -0.99 6.85 -17.00
C VAL A 99 -0.90 7.84 -15.83
N GLY A 100 -0.47 7.32 -14.69
CA GLY A 100 -0.34 8.16 -13.50
C GLY A 100 -0.50 7.32 -12.24
N LYS A 101 -1.01 7.97 -11.21
CA LYS A 101 -1.22 7.30 -9.93
C LYS A 101 -2.71 7.35 -9.58
N GLY A 102 -3.13 6.37 -8.78
CA GLY A 102 -4.51 6.28 -8.36
C GLY A 102 -4.67 6.72 -6.90
N GLN A 103 -5.36 5.88 -6.14
CA GLN A 103 -5.59 6.16 -4.74
C GLN A 103 -4.97 5.06 -3.87
N PHE A 104 -4.72 5.41 -2.61
CA PHE A 104 -4.13 4.48 -1.68
C PHE A 104 -5.21 3.67 -0.96
N SER A 105 -4.79 2.56 -0.38
CA SER A 105 -5.71 1.69 0.34
C SER A 105 -5.94 2.22 1.75
N LYS A 106 -7.09 1.86 2.31
CA LYS A 106 -7.43 2.29 3.65
C LYS A 106 -6.35 1.83 4.63
N ASP A 107 -6.28 2.53 5.76
CA ASP A 107 -5.31 2.20 6.78
C ASP A 107 -5.51 0.76 7.24
N THR A 108 -4.57 -0.09 6.86
CA THR A 108 -4.64 -1.49 7.23
C THR A 108 -4.83 -1.65 8.73
N GLU A 109 -5.50 -2.73 9.11
CA GLU A 109 -5.76 -3.00 10.51
C GLU A 109 -4.56 -2.59 11.36
N ARG A 110 -4.82 -1.74 12.34
CA ARG A 110 -3.78 -1.26 13.23
C ARG A 110 -2.84 -2.41 13.61
N VAL A 111 -1.65 -2.37 13.04
CA VAL A 111 -0.66 -3.40 13.31
C VAL A 111 0.25 -2.94 14.45
N SER A 112 0.32 -3.76 15.48
CA SER A 112 1.15 -3.45 16.64
C SER A 112 2.38 -4.34 16.65
N LEU A 113 3.50 -3.73 17.03
CA LEU A 113 4.76 -4.46 17.09
C LEU A 113 4.82 -5.28 18.38
N PRO A 114 5.56 -6.42 18.31
CA PRO A 114 5.70 -7.30 19.45
C PRO A 114 6.65 -6.70 20.49
N GLU A 115 6.09 -6.38 21.65
CA GLU A 115 6.88 -5.81 22.73
C GLU A 115 8.02 -6.76 23.11
N SER A 116 9.19 -6.44 22.60
CA SER A 116 10.37 -7.24 22.88
C SER A 116 11.13 -6.66 24.08
N GLY A 117 11.36 -7.51 25.07
CA GLY A 117 12.06 -7.10 26.27
C GLY A 117 11.24 -7.39 27.52
N PRO A 118 11.96 -7.74 28.62
CA PRO A 118 11.31 -8.05 29.88
C PRO A 118 10.82 -6.77 30.57
N SER A 119 11.68 -5.76 30.56
CA SER A 119 11.35 -4.49 31.19
C SER A 119 9.88 -4.14 30.90
N SER A 120 9.27 -3.47 31.87
CA SER A 120 7.87 -3.07 31.73
C SER A 120 7.72 -2.11 30.55
N GLY A 121 7.10 -2.63 29.50
CA GLY A 121 6.88 -1.83 28.29
C GLY A 121 8.22 -1.39 27.69
N GLY A 1 -16.38 17.30 -10.00
CA GLY A 1 -15.95 18.11 -8.88
C GLY A 1 -15.45 17.24 -7.73
N SER A 2 -16.35 16.44 -7.18
CA SER A 2 -16.02 15.56 -6.08
C SER A 2 -16.64 14.18 -6.30
N SER A 3 -17.96 14.18 -6.44
CA SER A 3 -18.69 12.94 -6.65
C SER A 3 -19.69 13.12 -7.80
N GLY A 4 -19.37 12.51 -8.93
CA GLY A 4 -20.23 12.59 -10.09
C GLY A 4 -20.04 11.37 -11.01
N SER A 5 -20.55 10.24 -10.55
CA SER A 5 -20.44 9.01 -11.30
C SER A 5 -21.04 9.20 -12.70
N SER A 6 -20.73 8.26 -13.57
CA SER A 6 -21.22 8.30 -14.94
C SER A 6 -20.71 7.09 -15.73
N GLY A 7 -19.40 6.98 -15.79
CA GLY A 7 -18.77 5.88 -16.50
C GLY A 7 -18.05 6.38 -17.76
N ARG A 8 -18.83 6.59 -18.81
CA ARG A 8 -18.29 7.07 -20.07
C ARG A 8 -17.38 6.00 -20.69
N SER A 9 -17.90 5.36 -21.73
CA SER A 9 -17.16 4.32 -22.43
C SER A 9 -17.75 4.10 -23.82
N ALA A 10 -16.86 3.99 -24.79
CA ALA A 10 -17.26 3.78 -26.17
C ALA A 10 -16.69 2.46 -26.67
N HIS A 11 -15.36 2.38 -26.66
CA HIS A 11 -14.68 1.18 -27.11
C HIS A 11 -13.16 1.36 -26.97
N LEU A 12 -12.67 2.43 -27.58
CA LEU A 12 -11.25 2.73 -27.53
C LEU A 12 -10.75 2.58 -26.09
N ARG A 13 -9.61 1.94 -25.97
CA ARG A 13 -9.01 1.73 -24.65
C ARG A 13 -8.37 3.02 -24.15
N VAL A 14 -8.92 3.53 -23.05
CA VAL A 14 -8.41 4.74 -22.45
C VAL A 14 -7.62 4.40 -21.20
N ARG A 15 -6.37 4.85 -21.17
CA ARG A 15 -5.50 4.59 -20.03
C ARG A 15 -5.78 5.61 -18.92
N GLN A 16 -6.72 5.24 -18.05
CA GLN A 16 -7.08 6.10 -16.94
C GLN A 16 -6.32 5.70 -15.68
N LEU A 17 -6.34 6.60 -14.70
CA LEU A 17 -5.66 6.35 -13.45
C LEU A 17 -6.22 5.08 -12.80
N PRO A 18 -5.29 4.27 -12.22
CA PRO A 18 -5.69 3.03 -11.57
C PRO A 18 -6.35 3.30 -10.22
N HIS A 19 -6.95 2.26 -9.68
CA HIS A 19 -7.63 2.36 -8.39
C HIS A 19 -6.72 1.84 -7.28
N ALA A 20 -7.16 2.05 -6.05
CA ALA A 20 -6.39 1.60 -4.90
C ALA A 20 -6.52 0.08 -4.77
N PRO A 21 -5.60 -0.50 -3.95
CA PRO A 21 -5.60 -1.94 -3.73
C PRO A 21 -6.73 -2.35 -2.79
N GLU A 22 -7.17 -3.60 -2.95
CA GLU A 22 -8.24 -4.12 -2.12
C GLU A 22 -7.68 -5.07 -1.06
N HIS A 23 -8.58 -5.60 -0.24
CA HIS A 23 -8.19 -6.52 0.81
C HIS A 23 -6.83 -6.12 1.36
N PRO A 24 -6.75 -4.85 1.84
CA PRO A 24 -5.52 -4.33 2.40
C PRO A 24 -5.28 -4.89 3.80
N VAL A 25 -4.75 -6.11 3.82
CA VAL A 25 -4.47 -6.78 5.09
C VAL A 25 -2.99 -6.61 5.42
N ALA A 26 -2.71 -6.46 6.71
CA ALA A 26 -1.35 -6.30 7.18
C ALA A 26 -1.15 -7.10 8.46
N THR A 27 -0.36 -8.15 8.35
CA THR A 27 -0.07 -9.00 9.49
C THR A 27 1.42 -9.00 9.80
N LEU A 28 1.74 -9.26 11.06
CA LEU A 28 3.13 -9.31 11.49
C LEU A 28 3.78 -10.61 11.00
N SER A 29 5.09 -10.67 11.15
CA SER A 29 5.83 -11.85 10.73
C SER A 29 5.97 -12.82 11.90
N THR A 30 5.49 -14.03 11.67
CA THR A 30 5.55 -15.07 12.70
C THR A 30 6.84 -15.88 12.55
N VAL A 31 7.85 -15.25 11.96
CA VAL A 31 9.12 -15.91 11.75
C VAL A 31 10.24 -14.86 11.77
N GLU A 32 10.01 -13.79 11.02
CA GLU A 32 10.98 -12.70 10.94
C GLU A 32 10.69 -11.66 12.03
N ARG A 33 11.70 -11.42 12.86
CA ARG A 33 11.57 -10.46 13.93
C ARG A 33 11.49 -9.04 13.36
N ARG A 34 10.54 -8.28 13.88
CA ARG A 34 10.35 -6.90 13.44
C ARG A 34 10.10 -6.87 11.92
N ALA A 35 9.15 -7.69 11.49
CA ALA A 35 8.80 -7.75 10.08
C ALA A 35 7.30 -8.02 9.94
N ILE A 36 6.68 -7.23 9.08
CA ILE A 36 5.25 -7.36 8.84
C ILE A 36 5.02 -7.83 7.41
N ASN A 37 4.03 -8.69 7.25
CA ASN A 37 3.70 -9.21 5.94
C ASN A 37 2.41 -8.54 5.43
N LEU A 38 2.60 -7.64 4.48
CA LEU A 38 1.47 -6.93 3.91
C LEU A 38 0.90 -7.72 2.74
N THR A 39 -0.42 -7.72 2.64
CA THR A 39 -1.10 -8.44 1.58
C THR A 39 -2.33 -7.66 1.12
N TRP A 40 -2.34 -7.36 -0.17
CA TRP A 40 -3.46 -6.62 -0.76
C TRP A 40 -3.85 -7.32 -2.06
N THR A 41 -4.96 -6.87 -2.62
CA THR A 41 -5.46 -7.43 -3.86
C THR A 41 -4.96 -6.62 -5.06
N LYS A 42 -4.98 -7.25 -6.22
CA LYS A 42 -4.54 -6.60 -7.44
C LYS A 42 -5.63 -5.64 -7.91
N PRO A 43 -5.29 -4.32 -7.86
CA PRO A 43 -6.22 -3.29 -8.27
C PRO A 43 -6.33 -3.23 -9.79
N PHE A 44 -7.48 -2.78 -10.26
CA PHE A 44 -7.74 -2.68 -11.70
C PHE A 44 -6.80 -1.64 -12.33
N ASP A 45 -6.53 -1.86 -13.62
CA ASP A 45 -5.66 -0.95 -14.35
C ASP A 45 -6.47 -0.25 -15.44
N GLY A 46 -6.49 1.07 -15.36
CA GLY A 46 -7.22 1.87 -16.33
C GLY A 46 -7.15 1.24 -17.73
N ASN A 47 -5.92 0.91 -18.13
CA ASN A 47 -5.71 0.30 -19.43
C ASN A 47 -4.21 0.24 -19.71
N SER A 48 -3.45 -0.05 -18.67
CA SER A 48 -2.01 -0.14 -18.79
C SER A 48 -1.45 -1.04 -17.69
N PRO A 49 -0.24 -1.62 -17.98
CA PRO A 49 0.42 -2.50 -17.03
C PRO A 49 1.03 -1.71 -15.88
N LEU A 50 0.54 -2.00 -14.68
CA LEU A 50 1.04 -1.33 -13.49
C LEU A 50 2.56 -1.14 -13.61
N ILE A 51 3.03 -0.02 -13.07
CA ILE A 51 4.44 0.28 -13.11
C ILE A 51 5.08 -0.07 -11.77
N ARG A 52 4.51 0.49 -10.71
CA ARG A 52 5.00 0.24 -9.37
C ARG A 52 3.97 0.69 -8.33
N TYR A 53 4.38 0.64 -7.07
CA TYR A 53 3.51 1.04 -5.99
C TYR A 53 4.28 1.82 -4.92
N ILE A 54 3.56 2.72 -4.26
CA ILE A 54 4.17 3.53 -3.21
C ILE A 54 3.62 3.10 -1.85
N LEU A 55 4.48 2.43 -1.09
CA LEU A 55 4.09 1.95 0.23
C LEU A 55 4.32 3.07 1.26
N GLU A 56 3.22 3.48 1.87
CA GLU A 56 3.28 4.53 2.87
C GLU A 56 2.91 3.98 4.25
N MET A 57 3.80 4.23 5.20
CA MET A 57 3.58 3.76 6.56
C MET A 57 3.31 4.94 7.51
N SER A 58 2.38 4.70 8.43
CA SER A 58 2.02 5.72 9.40
C SER A 58 2.17 5.18 10.82
N GLU A 59 3.27 5.54 11.45
CA GLU A 59 3.54 5.09 12.81
C GLU A 59 2.54 5.74 13.78
N ASN A 60 2.93 5.75 15.05
CA ASN A 60 2.09 6.33 16.08
C ASN A 60 1.85 7.80 15.77
N ASN A 61 0.70 8.06 15.16
CA ASN A 61 0.34 9.42 14.80
C ASN A 61 1.41 10.01 13.89
N ALA A 62 2.18 9.11 13.28
CA ALA A 62 3.24 9.53 12.38
C ALA A 62 2.66 9.79 10.99
N PRO A 63 3.30 10.75 10.27
CA PRO A 63 2.85 11.10 8.94
C PRO A 63 3.24 10.02 7.92
N TRP A 64 2.35 9.79 6.98
CA TRP A 64 2.59 8.79 5.95
C TRP A 64 4.02 8.99 5.43
N THR A 65 4.82 7.95 5.58
CA THR A 65 6.20 8.00 5.13
C THR A 65 6.46 6.91 4.09
N VAL A 66 6.70 7.36 2.86
CA VAL A 66 6.96 6.45 1.76
C VAL A 66 8.11 5.52 2.14
N LEU A 67 7.80 4.25 2.28
CA LEU A 67 8.80 3.26 2.64
C LEU A 67 9.47 2.74 1.37
N LEU A 68 8.68 2.09 0.54
CA LEU A 68 9.19 1.54 -0.71
C LEU A 68 8.65 2.37 -1.88
N ALA A 69 9.55 3.11 -2.51
CA ALA A 69 9.18 3.94 -3.63
C ALA A 69 9.11 3.08 -4.90
N SER A 70 10.07 2.17 -5.01
CA SER A 70 10.11 1.28 -6.16
C SER A 70 9.57 -0.11 -5.77
N VAL A 71 8.32 -0.33 -6.13
CA VAL A 71 7.68 -1.60 -5.83
C VAL A 71 7.24 -2.28 -7.14
N ASP A 72 7.21 -3.60 -7.11
CA ASP A 72 6.82 -4.36 -8.28
C ASP A 72 5.32 -4.17 -8.53
N PRO A 73 4.96 -4.05 -9.84
CA PRO A 73 3.58 -3.87 -10.23
C PRO A 73 2.79 -5.17 -10.10
N LYS A 74 3.51 -6.27 -10.25
CA LYS A 74 2.89 -7.59 -10.15
C LYS A 74 3.01 -8.09 -8.71
N ALA A 75 3.29 -7.16 -7.81
CA ALA A 75 3.44 -7.50 -6.40
C ALA A 75 2.18 -7.04 -5.65
N THR A 76 1.66 -7.94 -4.84
CA THR A 76 0.47 -7.65 -4.05
C THR A 76 0.77 -7.79 -2.56
N SER A 77 2.02 -8.09 -2.26
CA SER A 77 2.45 -8.24 -0.87
C SER A 77 3.89 -7.74 -0.72
N VAL A 78 4.15 -7.16 0.45
CA VAL A 78 5.47 -6.63 0.74
C VAL A 78 5.78 -6.83 2.23
N THR A 79 7.06 -6.84 2.54
CA THR A 79 7.50 -7.03 3.91
C THR A 79 8.11 -5.73 4.45
N VAL A 80 7.73 -5.41 5.68
CA VAL A 80 8.22 -4.20 6.33
C VAL A 80 9.17 -4.59 7.46
N LYS A 81 10.46 -4.49 7.18
CA LYS A 81 11.48 -4.83 8.16
C LYS A 81 11.96 -3.54 8.84
N GLY A 82 12.40 -3.70 10.08
CA GLY A 82 12.89 -2.56 10.84
C GLY A 82 11.73 -1.77 11.46
N LEU A 83 11.08 -2.40 12.43
CA LEU A 83 9.96 -1.77 13.11
C LEU A 83 10.28 -1.64 14.60
N VAL A 84 9.60 -0.71 15.25
CA VAL A 84 9.79 -0.47 16.66
C VAL A 84 8.89 -1.42 17.46
N PRO A 85 9.49 -2.01 18.53
CA PRO A 85 8.75 -2.94 19.38
C PRO A 85 7.77 -2.19 20.29
N ALA A 86 6.59 -2.76 20.45
CA ALA A 86 5.56 -2.17 21.28
C ALA A 86 5.14 -0.82 20.68
N ARG A 87 4.88 -0.85 19.38
CA ARG A 87 4.47 0.36 18.67
C ARG A 87 3.50 0.00 17.53
N SER A 88 2.59 0.92 17.29
CA SER A 88 1.60 0.72 16.23
C SER A 88 2.19 1.13 14.88
N TYR A 89 1.73 0.44 13.84
CA TYR A 89 2.20 0.73 12.49
C TYR A 89 1.09 0.54 11.47
N GLN A 90 0.86 1.59 10.69
CA GLN A 90 -0.16 1.55 9.66
C GLN A 90 0.46 1.63 8.27
N PHE A 91 -0.04 0.79 7.37
CA PHE A 91 0.45 0.76 6.01
C PHE A 91 -0.65 1.10 5.01
N ARG A 92 -0.24 1.51 3.83
CA ARG A 92 -1.18 1.86 2.78
C ARG A 92 -0.44 2.25 1.50
N LEU A 93 -0.66 1.46 0.47
CA LEU A 93 -0.01 1.70 -0.82
C LEU A 93 -1.08 2.02 -1.86
N CYS A 94 -0.62 2.55 -2.99
CA CYS A 94 -1.53 2.89 -4.08
C CYS A 94 -1.00 2.25 -5.37
N ALA A 95 -1.77 2.41 -6.42
CA ALA A 95 -1.40 1.86 -7.72
C ALA A 95 -0.77 2.97 -8.57
N VAL A 96 0.40 2.65 -9.12
CA VAL A 96 1.11 3.59 -9.96
C VAL A 96 1.45 2.94 -11.30
N ASN A 97 0.93 3.54 -12.36
CA ASN A 97 1.17 3.02 -13.70
C ASN A 97 1.57 4.17 -14.62
N ASP A 98 1.97 3.81 -15.83
CA ASP A 98 2.38 4.79 -16.81
C ASP A 98 1.47 6.01 -16.71
N VAL A 99 0.18 5.74 -16.55
CA VAL A 99 -0.80 6.80 -16.44
C VAL A 99 -0.38 7.78 -15.35
N GLY A 100 -0.35 7.27 -14.12
CA GLY A 100 0.03 8.09 -12.98
C GLY A 100 -0.44 7.46 -11.67
N LYS A 101 -0.15 8.15 -10.58
CA LYS A 101 -0.53 7.68 -9.26
C LYS A 101 -2.06 7.76 -9.12
N GLY A 102 -2.62 6.73 -8.53
CA GLY A 102 -4.06 6.67 -8.33
C GLY A 102 -4.42 7.02 -6.88
N GLN A 103 -4.93 6.02 -6.18
CA GLN A 103 -5.32 6.20 -4.79
C GLN A 103 -4.71 5.10 -3.92
N PHE A 104 -4.63 5.38 -2.63
CA PHE A 104 -4.07 4.43 -1.69
C PHE A 104 -5.19 3.66 -0.97
N SER A 105 -4.83 2.48 -0.48
CA SER A 105 -5.77 1.63 0.23
C SER A 105 -5.95 2.13 1.65
N LYS A 106 -7.08 1.77 2.24
CA LYS A 106 -7.38 2.17 3.60
C LYS A 106 -6.31 1.62 4.54
N ASP A 107 -6.24 2.23 5.72
CA ASP A 107 -5.26 1.80 6.71
C ASP A 107 -5.58 0.38 7.17
N THR A 108 -4.69 -0.53 6.82
CA THR A 108 -4.86 -1.93 7.19
C THR A 108 -5.14 -2.05 8.69
N GLU A 109 -5.30 -3.29 9.13
CA GLU A 109 -5.56 -3.56 10.54
C GLU A 109 -4.38 -3.09 11.40
N ARG A 110 -4.68 -2.18 12.31
CA ARG A 110 -3.66 -1.65 13.19
C ARG A 110 -2.67 -2.75 13.58
N VAL A 111 -1.56 -2.77 12.86
CA VAL A 111 -0.52 -3.76 13.12
C VAL A 111 0.43 -3.22 14.19
N SER A 112 0.33 -3.82 15.37
CA SER A 112 1.18 -3.42 16.48
C SER A 112 2.40 -4.33 16.56
N LEU A 113 3.54 -3.71 16.87
CA LEU A 113 4.78 -4.46 16.98
C LEU A 113 4.78 -5.26 18.28
N PRO A 114 5.51 -6.41 18.24
CA PRO A 114 5.59 -7.28 19.40
C PRO A 114 6.52 -6.68 20.46
N GLU A 115 5.95 -6.44 21.63
CA GLU A 115 6.70 -5.87 22.73
C GLU A 115 7.92 -6.76 23.05
N SER A 116 9.03 -6.42 22.42
CA SER A 116 10.26 -7.17 22.62
C SER A 116 10.39 -7.55 24.10
N GLY A 117 10.10 -8.82 24.38
CA GLY A 117 10.18 -9.33 25.73
C GLY A 117 9.30 -8.52 26.68
N PRO A 118 9.13 -9.06 27.91
CA PRO A 118 8.31 -8.40 28.92
C PRO A 118 9.05 -7.19 29.51
N SER A 119 8.26 -6.16 29.80
CA SER A 119 8.83 -4.95 30.37
C SER A 119 7.79 -4.26 31.27
N SER A 120 8.29 -3.50 32.23
CA SER A 120 7.42 -2.79 33.16
C SER A 120 7.02 -1.44 32.56
N GLY A 121 5.80 -1.38 32.08
CA GLY A 121 5.28 -0.15 31.48
C GLY A 121 4.43 -0.45 30.25
N GLY A 1 -10.93 32.98 -24.48
CA GLY A 1 -11.08 31.84 -23.59
C GLY A 1 -11.53 30.60 -24.36
N SER A 2 -12.22 29.73 -23.64
CA SER A 2 -12.72 28.49 -24.25
C SER A 2 -14.15 28.23 -23.78
N SER A 3 -14.98 27.85 -24.73
CA SER A 3 -16.38 27.56 -24.43
C SER A 3 -16.83 26.32 -25.21
N GLY A 4 -17.73 25.57 -24.59
CA GLY A 4 -18.25 24.36 -25.21
C GLY A 4 -17.69 23.10 -24.53
N SER A 5 -18.14 21.96 -25.02
CA SER A 5 -17.68 20.69 -24.47
C SER A 5 -18.38 19.54 -25.19
N SER A 6 -17.57 18.60 -25.66
CA SER A 6 -18.09 17.44 -26.37
C SER A 6 -18.16 16.24 -25.43
N GLY A 7 -17.03 15.94 -24.82
CA GLY A 7 -16.96 14.82 -23.90
C GLY A 7 -16.84 13.49 -24.65
N ARG A 8 -16.14 12.55 -24.02
CA ARG A 8 -15.95 11.24 -24.61
C ARG A 8 -15.70 10.19 -23.53
N SER A 9 -16.20 8.99 -23.77
CA SER A 9 -16.04 7.91 -22.82
C SER A 9 -16.28 6.56 -23.53
N ALA A 10 -15.86 5.50 -22.86
CA ALA A 10 -16.02 4.17 -23.40
C ALA A 10 -15.46 4.13 -24.83
N HIS A 11 -15.53 2.94 -25.43
CA HIS A 11 -15.04 2.76 -26.78
C HIS A 11 -13.54 3.07 -26.82
N LEU A 12 -12.76 2.05 -27.14
CA LEU A 12 -11.32 2.20 -27.21
C LEU A 12 -10.75 2.32 -25.81
N ARG A 13 -9.59 1.70 -25.60
CA ARG A 13 -8.94 1.74 -24.32
C ARG A 13 -8.28 3.10 -24.10
N VAL A 14 -8.60 3.71 -22.97
CA VAL A 14 -8.05 5.01 -22.62
C VAL A 14 -7.19 4.89 -21.36
N ARG A 15 -6.07 5.57 -21.38
CA ARG A 15 -5.16 5.54 -20.25
C ARG A 15 -5.87 6.02 -18.99
N GLN A 16 -6.57 5.10 -18.36
CA GLN A 16 -7.30 5.40 -17.14
C GLN A 16 -6.44 5.11 -15.90
N LEU A 17 -6.73 5.81 -14.84
CA LEU A 17 -5.99 5.63 -13.60
C LEU A 17 -6.35 4.27 -12.99
N PRO A 18 -5.35 3.67 -12.28
CA PRO A 18 -5.56 2.38 -11.66
C PRO A 18 -6.42 2.50 -10.40
N HIS A 19 -6.64 1.36 -9.76
CA HIS A 19 -7.46 1.33 -8.55
C HIS A 19 -6.57 0.98 -7.35
N ALA A 20 -6.98 1.47 -6.19
CA ALA A 20 -6.25 1.22 -4.96
C ALA A 20 -6.24 -0.28 -4.67
N PRO A 21 -5.30 -0.69 -3.80
CA PRO A 21 -5.18 -2.09 -3.42
C PRO A 21 -6.28 -2.50 -2.45
N GLU A 22 -7.07 -3.46 -2.88
CA GLU A 22 -8.17 -3.95 -2.06
C GLU A 22 -7.67 -5.02 -1.07
N HIS A 23 -8.56 -5.41 -0.18
CA HIS A 23 -8.23 -6.41 0.82
C HIS A 23 -6.84 -6.13 1.38
N PRO A 24 -6.64 -4.87 1.85
CA PRO A 24 -5.37 -4.45 2.40
C PRO A 24 -5.18 -5.03 3.81
N VAL A 25 -4.54 -6.18 3.86
CA VAL A 25 -4.28 -6.84 5.13
C VAL A 25 -2.86 -6.52 5.59
N ALA A 26 -2.73 -6.32 6.90
CA ALA A 26 -1.44 -6.00 7.48
C ALA A 26 -1.29 -6.76 8.81
N THR A 27 -0.48 -7.82 8.76
CA THR A 27 -0.24 -8.63 9.94
C THR A 27 1.26 -8.85 10.13
N LEU A 28 1.63 -9.17 11.36
CA LEU A 28 3.02 -9.40 11.69
C LEU A 28 3.57 -10.51 10.79
N SER A 29 4.87 -10.71 10.88
CA SER A 29 5.53 -11.73 10.08
C SER A 29 5.47 -13.08 10.80
N THR A 30 5.23 -13.01 12.10
CA THR A 30 5.14 -14.22 12.91
C THR A 30 6.29 -15.18 12.57
N VAL A 31 7.37 -14.60 12.06
CA VAL A 31 8.53 -15.38 11.69
C VAL A 31 9.78 -14.49 11.72
N GLU A 32 9.68 -13.36 11.04
CA GLU A 32 10.78 -12.42 10.99
C GLU A 32 10.57 -11.30 12.01
N ARG A 33 11.57 -11.14 12.87
CA ARG A 33 11.51 -10.12 13.91
C ARG A 33 11.42 -8.74 13.28
N ARG A 34 10.55 -7.90 13.85
CA ARG A 34 10.36 -6.56 13.35
C ARG A 34 10.03 -6.58 11.86
N ALA A 35 9.11 -7.47 11.51
CA ALA A 35 8.69 -7.60 10.12
C ALA A 35 7.18 -7.83 10.07
N ILE A 36 6.56 -7.19 9.09
CA ILE A 36 5.12 -7.31 8.92
C ILE A 36 4.82 -7.87 7.52
N ASN A 37 3.69 -8.54 7.42
CA ASN A 37 3.27 -9.13 6.16
C ASN A 37 2.09 -8.35 5.60
N LEU A 38 2.38 -7.50 4.63
CA LEU A 38 1.35 -6.69 4.00
C LEU A 38 0.90 -7.36 2.70
N THR A 39 -0.39 -7.66 2.64
CA THR A 39 -0.96 -8.29 1.46
C THR A 39 -2.26 -7.59 1.04
N TRP A 40 -2.38 -7.37 -0.25
CA TRP A 40 -3.56 -6.72 -0.78
C TRP A 40 -4.01 -7.49 -2.01
N THR A 41 -5.01 -6.95 -2.70
CA THR A 41 -5.55 -7.58 -3.88
C THR A 41 -5.15 -6.80 -5.13
N LYS A 42 -5.14 -7.49 -6.26
CA LYS A 42 -4.78 -6.88 -7.52
C LYS A 42 -5.96 -6.05 -8.05
N PRO A 43 -5.76 -4.71 -8.05
CA PRO A 43 -6.78 -3.79 -8.52
C PRO A 43 -6.89 -3.82 -10.04
N PHE A 44 -7.87 -3.09 -10.55
CA PHE A 44 -8.09 -3.02 -11.98
C PHE A 44 -7.27 -1.90 -12.62
N ASP A 45 -6.47 -2.27 -13.61
CA ASP A 45 -5.63 -1.30 -14.29
C ASP A 45 -6.45 -0.59 -15.36
N GLY A 46 -6.51 0.72 -15.24
CA GLY A 46 -7.27 1.54 -16.19
C GLY A 46 -7.14 0.98 -17.61
N ASN A 47 -5.90 0.99 -18.11
CA ASN A 47 -5.63 0.49 -19.44
C ASN A 47 -4.12 0.50 -19.69
N SER A 48 -3.38 0.23 -18.62
CA SER A 48 -1.93 0.19 -18.70
C SER A 48 -1.37 -0.72 -17.61
N PRO A 49 -0.15 -1.26 -17.90
CA PRO A 49 0.51 -2.15 -16.96
C PRO A 49 1.10 -1.37 -15.78
N LEU A 50 0.73 -1.80 -14.58
CA LEU A 50 1.22 -1.15 -13.38
C LEU A 50 2.70 -0.86 -13.52
N ILE A 51 3.16 0.16 -12.80
CA ILE A 51 4.56 0.55 -12.84
C ILE A 51 5.19 0.29 -11.46
N ARG A 52 4.62 0.92 -10.45
CA ARG A 52 5.11 0.76 -9.10
C ARG A 52 4.04 1.18 -8.09
N TYR A 53 4.33 0.92 -6.82
CA TYR A 53 3.41 1.26 -5.76
C TYR A 53 4.14 1.94 -4.60
N ILE A 54 3.61 3.10 -4.20
CA ILE A 54 4.20 3.86 -3.11
C ILE A 54 3.54 3.44 -1.79
N LEU A 55 4.27 2.63 -1.04
CA LEU A 55 3.78 2.15 0.24
C LEU A 55 4.24 3.10 1.35
N GLU A 56 3.27 3.80 1.93
CA GLU A 56 3.57 4.75 2.99
C GLU A 56 3.14 4.17 4.35
N MET A 57 4.08 4.21 5.29
CA MET A 57 3.82 3.69 6.62
C MET A 57 3.53 4.82 7.59
N SER A 58 2.67 4.52 8.57
CA SER A 58 2.30 5.51 9.57
C SER A 58 2.59 4.96 10.97
N GLU A 59 3.71 5.42 11.53
CA GLU A 59 4.11 4.98 12.86
C GLU A 59 3.22 5.63 13.92
N ASN A 60 2.29 4.86 14.43
CA ASN A 60 1.37 5.35 15.45
C ASN A 60 0.65 6.59 14.92
N ASN A 61 1.23 7.74 15.25
CA ASN A 61 0.65 9.01 14.82
C ASN A 61 1.62 9.71 13.86
N ALA A 62 2.53 8.92 13.31
CA ALA A 62 3.52 9.44 12.38
C ALA A 62 2.85 9.72 11.03
N PRO A 63 3.38 10.75 10.33
CA PRO A 63 2.85 11.12 9.02
C PRO A 63 3.28 10.12 7.95
N TRP A 64 2.37 9.87 7.02
CA TRP A 64 2.64 8.94 5.94
C TRP A 64 4.05 9.22 5.42
N THR A 65 4.94 8.26 5.68
CA THR A 65 6.32 8.39 5.25
C THR A 65 6.61 7.41 4.11
N VAL A 66 6.99 7.96 2.97
CA VAL A 66 7.29 7.14 1.81
C VAL A 66 8.38 6.14 2.18
N LEU A 67 7.95 4.91 2.44
CA LEU A 67 8.87 3.85 2.81
C LEU A 67 9.44 3.21 1.53
N LEU A 68 8.54 2.62 0.75
CA LEU A 68 8.94 1.97 -0.49
C LEU A 68 8.40 2.78 -1.68
N ALA A 69 9.32 3.41 -2.39
CA ALA A 69 8.96 4.21 -3.54
C ALA A 69 8.91 3.32 -4.79
N SER A 70 9.82 2.37 -4.83
CA SER A 70 9.91 1.44 -5.95
C SER A 70 9.42 0.06 -5.51
N VAL A 71 8.18 -0.24 -5.86
CA VAL A 71 7.59 -1.52 -5.51
C VAL A 71 7.23 -2.27 -6.79
N ASP A 72 7.26 -3.59 -6.69
CA ASP A 72 6.93 -4.43 -7.84
C ASP A 72 5.44 -4.30 -8.15
N PRO A 73 5.14 -4.05 -9.45
CA PRO A 73 3.77 -3.90 -9.89
C PRO A 73 3.08 -5.26 -9.97
N LYS A 74 3.88 -6.31 -9.99
CA LYS A 74 3.35 -7.66 -10.07
C LYS A 74 3.36 -8.27 -8.66
N ALA A 75 3.43 -7.40 -7.67
CA ALA A 75 3.45 -7.84 -6.28
C ALA A 75 2.16 -7.37 -5.60
N THR A 76 1.60 -8.26 -4.79
CA THR A 76 0.38 -7.95 -4.07
C THR A 76 0.64 -7.94 -2.56
N SER A 77 1.85 -8.34 -2.19
CA SER A 77 2.23 -8.37 -0.79
C SER A 77 3.64 -7.82 -0.63
N VAL A 78 3.89 -7.26 0.55
CA VAL A 78 5.19 -6.69 0.85
C VAL A 78 5.53 -6.94 2.32
N THR A 79 6.82 -6.92 2.61
CA THR A 79 7.29 -7.14 3.97
C THR A 79 7.99 -5.89 4.51
N VAL A 80 7.42 -5.36 5.59
CA VAL A 80 7.97 -4.16 6.21
C VAL A 80 8.87 -4.57 7.38
N LYS A 81 10.17 -4.50 7.13
CA LYS A 81 11.15 -4.86 8.14
C LYS A 81 11.84 -3.58 8.65
N GLY A 82 12.24 -3.63 9.91
CA GLY A 82 12.91 -2.49 10.53
C GLY A 82 11.94 -1.71 11.41
N LEU A 83 10.93 -2.40 11.90
CA LEU A 83 9.93 -1.77 12.75
C LEU A 83 10.38 -1.88 14.20
N VAL A 84 9.77 -1.05 15.05
CA VAL A 84 10.10 -1.04 16.45
C VAL A 84 9.12 -1.94 17.21
N PRO A 85 9.67 -2.64 18.24
CA PRO A 85 8.86 -3.55 19.04
C PRO A 85 7.96 -2.77 20.01
N ALA A 86 6.78 -3.33 20.25
CA ALA A 86 5.82 -2.71 21.14
C ALA A 86 5.42 -1.34 20.57
N ARG A 87 5.03 -1.36 19.30
CA ARG A 87 4.62 -0.14 18.63
C ARG A 87 3.68 -0.47 17.47
N SER A 88 2.73 0.43 17.26
CA SER A 88 1.76 0.24 16.18
C SER A 88 2.34 0.76 14.86
N TYR A 89 1.93 0.11 13.78
CA TYR A 89 2.40 0.50 12.46
C TYR A 89 1.30 0.30 11.41
N GLN A 90 1.08 1.35 10.63
CA GLN A 90 0.07 1.29 9.59
C GLN A 90 0.73 1.25 8.21
N PHE A 91 -0.07 0.85 7.22
CA PHE A 91 0.42 0.76 5.85
C PHE A 91 -0.66 1.14 4.86
N ARG A 92 -0.23 1.72 3.75
CA ARG A 92 -1.15 2.14 2.71
C ARG A 92 -0.39 2.49 1.43
N LEU A 93 -0.59 1.64 0.42
CA LEU A 93 0.07 1.84 -0.86
C LEU A 93 -0.97 2.09 -1.94
N CYS A 94 -0.54 2.74 -3.00
CA CYS A 94 -1.44 3.06 -4.11
C CYS A 94 -0.86 2.42 -5.38
N ALA A 95 -1.63 2.52 -6.45
CA ALA A 95 -1.21 1.96 -7.73
C ALA A 95 -0.72 3.10 -8.63
N VAL A 96 0.49 2.91 -9.16
CA VAL A 96 1.08 3.91 -10.03
C VAL A 96 1.49 3.24 -11.34
N ASN A 97 0.97 3.78 -12.43
CA ASN A 97 1.27 3.24 -13.75
C ASN A 97 1.67 4.39 -14.68
N ASP A 98 1.88 4.04 -15.94
CA ASP A 98 2.26 5.03 -16.93
C ASP A 98 1.25 6.17 -16.94
N VAL A 99 -0.01 5.80 -17.08
CA VAL A 99 -1.09 6.77 -17.09
C VAL A 99 -0.87 7.79 -15.97
N GLY A 100 -0.49 7.26 -14.81
CA GLY A 100 -0.24 8.11 -13.65
C GLY A 100 -0.39 7.31 -12.35
N LYS A 101 -0.86 8.00 -11.32
CA LYS A 101 -1.05 7.37 -10.03
C LYS A 101 -2.54 7.33 -9.70
N GLY A 102 -2.92 6.29 -8.97
CA GLY A 102 -4.31 6.12 -8.58
C GLY A 102 -4.56 6.63 -7.16
N GLN A 103 -4.81 5.69 -6.26
CA GLN A 103 -5.05 6.04 -4.87
C GLN A 103 -4.47 4.97 -3.95
N PHE A 104 -4.32 5.34 -2.68
CA PHE A 104 -3.78 4.42 -1.70
C PHE A 104 -4.89 3.67 -0.97
N SER A 105 -4.53 2.51 -0.44
CA SER A 105 -5.48 1.69 0.28
C SER A 105 -5.64 2.19 1.72
N LYS A 106 -6.85 2.05 2.24
CA LYS A 106 -7.15 2.49 3.59
C LYS A 106 -6.04 1.99 4.53
N ASP A 107 -6.05 2.54 5.74
CA ASP A 107 -5.06 2.17 6.73
C ASP A 107 -5.38 0.77 7.28
N THR A 108 -4.49 -0.16 6.97
CA THR A 108 -4.67 -1.53 7.42
C THR A 108 -5.03 -1.56 8.91
N GLU A 109 -5.31 -2.76 9.40
CA GLU A 109 -5.68 -2.94 10.79
C GLU A 109 -4.49 -2.62 11.69
N ARG A 110 -4.74 -1.77 12.67
CA ARG A 110 -3.70 -1.37 13.61
C ARG A 110 -2.78 -2.55 13.91
N VAL A 111 -1.66 -2.58 13.19
CA VAL A 111 -0.69 -3.65 13.39
C VAL A 111 0.29 -3.26 14.49
N SER A 112 0.30 -4.06 15.54
CA SER A 112 1.18 -3.81 16.67
C SER A 112 2.35 -4.80 16.65
N LEU A 113 3.52 -4.28 16.97
CA LEU A 113 4.72 -5.10 16.99
C LEU A 113 4.91 -5.67 18.40
N PRO A 114 5.68 -6.80 18.46
CA PRO A 114 5.93 -7.46 19.73
C PRO A 114 6.97 -6.68 20.55
N GLU A 115 6.75 -6.67 21.86
CA GLU A 115 7.65 -5.96 22.76
C GLU A 115 9.05 -6.60 22.71
N SER A 116 10.03 -5.81 23.12
CA SER A 116 11.41 -6.27 23.13
C SER A 116 12.30 -5.27 23.88
N GLY A 117 12.27 -4.04 23.40
CA GLY A 117 13.06 -2.98 24.02
C GLY A 117 14.46 -3.50 24.38
N PRO A 118 15.07 -2.83 25.40
CA PRO A 118 16.39 -3.20 25.85
C PRO A 118 16.35 -4.50 26.66
N SER A 119 15.95 -5.56 26.00
CA SER A 119 15.86 -6.86 26.65
C SER A 119 16.74 -7.88 25.90
N SER A 120 18.02 -7.84 26.20
CA SER A 120 18.96 -8.74 25.57
C SER A 120 19.44 -9.79 26.58
N GLY A 121 19.67 -10.99 26.06
CA GLY A 121 20.12 -12.08 26.91
C GLY A 121 19.62 -13.43 26.37
N GLY A 1 -17.64 11.80 -3.03
CA GLY A 1 -17.62 12.12 -4.45
C GLY A 1 -16.60 13.22 -4.75
N SER A 2 -16.43 13.47 -6.04
CA SER A 2 -15.49 14.50 -6.48
C SER A 2 -16.07 15.27 -7.67
N SER A 3 -16.52 14.51 -8.66
CA SER A 3 -17.08 15.11 -9.86
C SER A 3 -17.81 14.04 -10.67
N GLY A 4 -18.61 14.51 -11.63
CA GLY A 4 -19.35 13.61 -12.49
C GLY A 4 -20.81 14.07 -12.62
N SER A 5 -21.12 14.64 -13.77
CA SER A 5 -22.46 15.12 -14.03
C SER A 5 -22.61 15.51 -15.50
N SER A 6 -23.00 14.53 -16.30
CA SER A 6 -23.17 14.75 -17.72
C SER A 6 -23.81 13.52 -18.38
N GLY A 7 -23.13 12.40 -18.24
CA GLY A 7 -23.62 11.15 -18.81
C GLY A 7 -22.61 10.01 -18.58
N ARG A 8 -22.84 8.92 -19.29
CA ARG A 8 -21.97 7.77 -19.19
C ARG A 8 -21.90 7.02 -20.52
N SER A 9 -20.79 7.25 -21.23
CA SER A 9 -20.60 6.61 -22.52
C SER A 9 -19.19 6.02 -22.59
N ALA A 10 -19.14 4.72 -22.88
CA ALA A 10 -17.88 4.02 -22.98
C ALA A 10 -17.62 3.65 -24.44
N HIS A 11 -16.35 3.72 -24.82
CA HIS A 11 -15.96 3.39 -26.18
C HIS A 11 -14.44 3.23 -26.26
N LEU A 12 -14.02 1.99 -26.46
CA LEU A 12 -12.60 1.69 -26.56
C LEU A 12 -11.92 2.02 -25.23
N ARG A 13 -10.93 1.22 -24.89
CA ARG A 13 -10.19 1.41 -23.64
C ARG A 13 -9.29 2.65 -23.75
N VAL A 14 -9.26 3.41 -22.67
CA VAL A 14 -8.44 4.61 -22.63
C VAL A 14 -7.43 4.50 -21.48
N ARG A 15 -6.35 5.24 -21.62
CA ARG A 15 -5.31 5.23 -20.61
C ARG A 15 -5.76 6.02 -19.38
N GLN A 16 -6.58 5.36 -18.57
CA GLN A 16 -7.10 5.97 -17.35
C GLN A 16 -6.20 5.63 -16.16
N LEU A 17 -6.47 6.29 -15.05
CA LEU A 17 -5.70 6.07 -13.84
C LEU A 17 -6.23 4.83 -13.13
N PRO A 18 -5.30 4.11 -12.44
CA PRO A 18 -5.67 2.90 -11.72
C PRO A 18 -6.41 3.24 -10.42
N HIS A 19 -6.67 2.21 -9.64
CA HIS A 19 -7.36 2.38 -8.37
C HIS A 19 -6.51 1.82 -7.23
N ALA A 20 -6.90 2.19 -6.02
CA ALA A 20 -6.18 1.73 -4.85
C ALA A 20 -6.33 0.21 -4.72
N PRO A 21 -5.43 -0.39 -3.90
CA PRO A 21 -5.46 -1.84 -3.68
C PRO A 21 -6.61 -2.23 -2.76
N GLU A 22 -6.97 -3.50 -2.83
CA GLU A 22 -8.05 -4.02 -2.01
C GLU A 22 -7.50 -4.98 -0.96
N HIS A 23 -8.42 -5.50 -0.15
CA HIS A 23 -8.04 -6.43 0.91
C HIS A 23 -6.68 -6.02 1.49
N PRO A 24 -6.62 -4.74 1.96
CA PRO A 24 -5.40 -4.22 2.54
C PRO A 24 -5.17 -4.78 3.95
N VAL A 25 -4.71 -6.02 3.99
CA VAL A 25 -4.46 -6.68 5.25
C VAL A 25 -2.97 -6.56 5.60
N ALA A 26 -2.71 -6.28 6.87
CA ALA A 26 -1.34 -6.13 7.34
C ALA A 26 -1.17 -6.89 8.65
N THR A 27 -0.26 -7.85 8.64
CA THR A 27 0.01 -8.65 9.81
C THR A 27 1.51 -8.85 9.99
N LEU A 28 1.93 -8.91 11.25
CA LEU A 28 3.34 -9.09 11.56
C LEU A 28 3.85 -10.35 10.84
N SER A 29 5.17 -10.47 10.79
CA SER A 29 5.80 -11.61 10.15
C SER A 29 5.89 -12.77 11.13
N THR A 30 5.20 -13.85 10.78
CA THR A 30 5.20 -15.05 11.61
C THR A 30 6.42 -15.92 11.31
N VAL A 31 7.53 -15.25 11.04
CA VAL A 31 8.77 -15.94 10.72
C VAL A 31 9.96 -15.02 11.01
N GLU A 32 9.82 -13.78 10.57
CA GLU A 32 10.87 -12.80 10.78
C GLU A 32 10.48 -11.84 11.90
N ARG A 33 11.47 -11.51 12.73
CA ARG A 33 11.25 -10.60 13.85
C ARG A 33 11.39 -9.15 13.39
N ARG A 34 10.61 -8.28 14.03
CA ARG A 34 10.63 -6.87 13.69
C ARG A 34 10.31 -6.67 12.22
N ALA A 35 9.47 -7.55 11.70
CA ALA A 35 9.07 -7.48 10.31
C ALA A 35 7.54 -7.61 10.20
N ILE A 36 6.96 -6.84 9.29
CA ILE A 36 5.53 -6.86 9.10
C ILE A 36 5.22 -7.43 7.71
N ASN A 37 4.17 -8.21 7.64
CA ASN A 37 3.76 -8.82 6.38
C ASN A 37 2.56 -8.05 5.82
N LEU A 38 2.79 -7.43 4.67
CA LEU A 38 1.74 -6.66 4.01
C LEU A 38 1.13 -7.49 2.89
N THR A 39 -0.19 -7.47 2.83
CA THR A 39 -0.90 -8.22 1.81
C THR A 39 -2.10 -7.42 1.31
N TRP A 40 -2.15 -7.23 -0.01
CA TRP A 40 -3.23 -6.49 -0.62
C TRP A 40 -3.64 -7.22 -1.90
N THR A 41 -4.75 -6.78 -2.46
CA THR A 41 -5.27 -7.38 -3.69
C THR A 41 -4.89 -6.52 -4.90
N LYS A 42 -4.85 -7.17 -6.05
CA LYS A 42 -4.52 -6.48 -7.28
C LYS A 42 -5.75 -5.74 -7.80
N PRO A 43 -5.66 -4.39 -7.77
CA PRO A 43 -6.76 -3.56 -8.23
C PRO A 43 -6.84 -3.55 -9.76
N PHE A 44 -7.88 -2.88 -10.27
CA PHE A 44 -8.08 -2.80 -11.71
C PHE A 44 -7.22 -1.70 -12.31
N ASP A 45 -6.44 -2.07 -13.32
CA ASP A 45 -5.57 -1.13 -13.98
C ASP A 45 -6.39 -0.33 -15.01
N GLY A 46 -6.06 0.95 -15.12
CA GLY A 46 -6.75 1.82 -16.04
C GLY A 46 -6.28 1.58 -17.48
N ASN A 47 -6.36 0.32 -17.89
CA ASN A 47 -5.97 -0.06 -19.23
C ASN A 47 -4.48 0.25 -19.41
N SER A 48 -3.73 0.08 -18.34
CA SER A 48 -2.29 0.34 -18.36
C SER A 48 -1.57 -0.60 -17.41
N PRO A 49 -0.37 -1.05 -17.84
CA PRO A 49 0.44 -1.96 -17.04
C PRO A 49 1.10 -1.22 -15.87
N LEU A 50 0.69 -1.61 -14.67
CA LEU A 50 1.24 -1.00 -13.47
C LEU A 50 2.75 -0.84 -13.61
N ILE A 51 3.27 0.19 -12.96
CA ILE A 51 4.69 0.46 -13.01
C ILE A 51 5.33 0.10 -11.66
N ARG A 52 4.69 0.59 -10.60
CA ARG A 52 5.18 0.34 -9.26
C ARG A 52 4.08 0.64 -8.23
N TYR A 53 4.46 0.52 -6.96
CA TYR A 53 3.52 0.79 -5.88
C TYR A 53 4.19 1.57 -4.76
N ILE A 54 3.55 2.66 -4.38
CA ILE A 54 4.07 3.50 -3.32
C ILE A 54 3.39 3.14 -2.00
N LEU A 55 4.13 2.42 -1.16
CA LEU A 55 3.61 1.99 0.13
C LEU A 55 3.99 3.03 1.19
N GLU A 56 2.97 3.50 1.90
CA GLU A 56 3.19 4.49 2.94
C GLU A 56 2.80 3.91 4.31
N MET A 57 3.66 4.16 5.28
CA MET A 57 3.42 3.68 6.63
C MET A 57 3.15 4.84 7.59
N SER A 58 2.23 4.59 8.52
CA SER A 58 1.87 5.60 9.50
C SER A 58 2.04 5.04 10.91
N GLU A 59 3.16 5.39 11.52
CA GLU A 59 3.46 4.93 12.87
C GLU A 59 2.83 5.88 13.89
N ASN A 60 2.11 5.30 14.83
CA ASN A 60 1.45 6.07 15.87
C ASN A 60 0.63 7.18 15.23
N ASN A 61 1.24 8.35 15.12
CA ASN A 61 0.57 9.50 14.54
C ASN A 61 1.49 10.13 13.48
N ALA A 62 2.40 9.32 12.97
CA ALA A 62 3.34 9.77 11.97
C ALA A 62 2.60 9.93 10.63
N PRO A 63 3.10 10.89 9.81
CA PRO A 63 2.51 11.14 8.51
C PRO A 63 2.88 10.05 7.51
N TRP A 64 1.95 9.77 6.61
CA TRP A 64 2.17 8.74 5.60
C TRP A 64 3.58 8.91 5.07
N THR A 65 4.44 7.97 5.45
CA THR A 65 5.82 7.99 5.01
C THR A 65 6.07 6.92 3.95
N VAL A 66 6.66 7.35 2.84
CA VAL A 66 6.96 6.45 1.75
C VAL A 66 8.02 5.45 2.19
N LEU A 67 7.55 4.26 2.58
CA LEU A 67 8.44 3.22 3.03
C LEU A 67 9.15 2.60 1.82
N LEU A 68 8.34 2.11 0.89
CA LEU A 68 8.87 1.49 -0.32
C LEU A 68 8.34 2.24 -1.54
N ALA A 69 9.25 2.95 -2.19
CA ALA A 69 8.89 3.71 -3.39
C ALA A 69 8.83 2.78 -4.59
N SER A 70 9.96 2.14 -4.87
CA SER A 70 10.04 1.22 -5.98
C SER A 70 9.56 -0.17 -5.55
N VAL A 71 8.33 -0.47 -5.92
CA VAL A 71 7.74 -1.76 -5.58
C VAL A 71 7.26 -2.45 -6.85
N ASP A 72 7.32 -3.77 -6.84
CA ASP A 72 6.89 -4.56 -7.98
C ASP A 72 5.37 -4.45 -8.13
N PRO A 73 4.93 -4.30 -9.41
CA PRO A 73 3.51 -4.18 -9.70
C PRO A 73 2.82 -5.54 -9.58
N LYS A 74 3.54 -6.57 -9.96
CA LYS A 74 3.01 -7.93 -9.90
C LYS A 74 3.00 -8.41 -8.46
N ALA A 75 3.58 -7.58 -7.59
CA ALA A 75 3.64 -7.92 -6.18
C ALA A 75 2.40 -7.38 -5.47
N THR A 76 1.78 -8.24 -4.69
CA THR A 76 0.59 -7.87 -3.95
C THR A 76 0.87 -7.85 -2.44
N SER A 77 2.09 -8.21 -2.10
CA SER A 77 2.50 -8.24 -0.71
C SER A 77 3.92 -7.67 -0.56
N VAL A 78 4.21 -7.22 0.65
CA VAL A 78 5.52 -6.65 0.93
C VAL A 78 5.85 -6.84 2.41
N THR A 79 7.14 -6.86 2.70
CA THR A 79 7.60 -7.04 4.06
C THR A 79 8.40 -5.82 4.53
N VAL A 80 8.00 -5.29 5.67
CA VAL A 80 8.68 -4.13 6.23
C VAL A 80 9.63 -4.57 7.34
N LYS A 81 10.91 -4.56 7.01
CA LYS A 81 11.93 -4.96 7.97
C LYS A 81 12.50 -3.72 8.65
N GLY A 82 12.70 -3.84 9.96
CA GLY A 82 13.24 -2.74 10.74
C GLY A 82 12.11 -1.90 11.34
N LEU A 83 11.51 -2.45 12.38
CA LEU A 83 10.41 -1.77 13.06
C LEU A 83 10.68 -1.76 14.57
N VAL A 84 9.98 -0.88 15.26
CA VAL A 84 10.13 -0.78 16.71
C VAL A 84 9.10 -1.67 17.40
N PRO A 85 9.57 -2.36 18.47
CA PRO A 85 8.71 -3.26 19.22
C PRO A 85 7.73 -2.46 20.10
N ALA A 86 6.59 -3.08 20.36
CA ALA A 86 5.57 -2.46 21.19
C ALA A 86 5.19 -1.11 20.57
N ARG A 87 4.82 -1.15 19.31
CA ARG A 87 4.43 0.06 18.60
C ARG A 87 3.50 -0.29 17.43
N SER A 88 2.55 0.60 17.20
CA SER A 88 1.59 0.41 16.14
C SER A 88 2.21 0.81 14.79
N TYR A 89 1.76 0.14 13.75
CA TYR A 89 2.26 0.42 12.41
C TYR A 89 1.15 0.26 11.37
N GLN A 90 1.00 1.29 10.54
CA GLN A 90 -0.02 1.28 9.51
C GLN A 90 0.64 1.12 8.13
N PHE A 91 -0.19 0.80 7.14
CA PHE A 91 0.30 0.63 5.79
C PHE A 91 -0.81 0.93 4.77
N ARG A 92 -0.40 1.54 3.67
CA ARG A 92 -1.34 1.89 2.61
C ARG A 92 -0.58 2.24 1.33
N LEU A 93 -0.70 1.35 0.35
CA LEU A 93 -0.04 1.54 -0.92
C LEU A 93 -1.09 1.86 -1.99
N CYS A 94 -0.64 2.55 -3.02
CA CYS A 94 -1.53 2.93 -4.12
C CYS A 94 -0.99 2.29 -5.40
N ALA A 95 -1.76 2.47 -6.47
CA ALA A 95 -1.38 1.92 -7.77
C ALA A 95 -0.81 3.04 -8.65
N VAL A 96 0.40 2.82 -9.11
CA VAL A 96 1.07 3.79 -9.95
C VAL A 96 1.48 3.13 -11.28
N ASN A 97 0.95 3.67 -12.36
CA ASN A 97 1.24 3.14 -13.69
C ASN A 97 1.72 4.28 -14.59
N ASP A 98 2.02 3.92 -15.83
CA ASP A 98 2.49 4.90 -16.79
C ASP A 98 1.52 6.08 -16.82
N VAL A 99 0.24 5.76 -16.72
CA VAL A 99 -0.79 6.79 -16.74
C VAL A 99 -0.57 7.75 -15.57
N GLY A 100 -0.19 7.17 -14.43
CA GLY A 100 0.05 7.95 -13.25
C GLY A 100 -0.27 7.15 -11.99
N LYS A 101 -0.57 7.88 -10.92
CA LYS A 101 -0.90 7.27 -9.65
C LYS A 101 -2.37 7.51 -9.33
N GLY A 102 -3.01 6.48 -8.78
CA GLY A 102 -4.42 6.58 -8.44
C GLY A 102 -4.59 7.01 -6.98
N GLN A 103 -5.16 6.11 -6.19
CA GLN A 103 -5.39 6.38 -4.78
C GLN A 103 -4.74 5.30 -3.92
N PHE A 104 -4.74 5.53 -2.62
CA PHE A 104 -4.16 4.59 -1.67
C PHE A 104 -5.25 3.82 -0.93
N SER A 105 -4.92 2.59 -0.57
CA SER A 105 -5.85 1.74 0.14
C SER A 105 -6.09 2.28 1.56
N LYS A 106 -7.20 1.87 2.14
CA LYS A 106 -7.55 2.32 3.47
C LYS A 106 -6.46 1.87 4.45
N ASP A 107 -6.42 2.56 5.58
CA ASP A 107 -5.43 2.24 6.61
C ASP A 107 -5.66 0.82 7.10
N THR A 108 -4.69 -0.04 6.78
CA THR A 108 -4.77 -1.42 7.19
C THR A 108 -5.06 -1.54 8.68
N GLU A 109 -5.18 -2.78 9.14
CA GLU A 109 -5.47 -3.03 10.54
C GLU A 109 -4.23 -2.70 11.40
N ARG A 110 -4.44 -1.77 12.33
CA ARG A 110 -3.37 -1.36 13.21
C ARG A 110 -2.48 -2.56 13.57
N VAL A 111 -1.33 -2.61 12.92
CA VAL A 111 -0.39 -3.69 13.15
C VAL A 111 0.54 -3.31 14.30
N SER A 112 0.32 -3.95 15.44
CA SER A 112 1.13 -3.68 16.62
C SER A 112 2.28 -4.70 16.71
N LEU A 113 3.45 -4.19 17.07
CA LEU A 113 4.61 -5.04 17.20
C LEU A 113 4.76 -5.50 18.65
N PRO A 114 5.15 -6.79 18.80
CA PRO A 114 5.33 -7.37 20.13
C PRO A 114 6.61 -6.84 20.79
N GLU A 115 6.52 -6.59 22.08
CA GLU A 115 7.65 -6.09 22.84
C GLU A 115 8.71 -7.19 22.99
N SER A 116 9.75 -7.08 22.18
CA SER A 116 10.82 -8.04 22.20
C SER A 116 11.15 -8.42 23.65
N GLY A 117 11.55 -7.41 24.41
CA GLY A 117 11.90 -7.62 25.81
C GLY A 117 13.42 -7.65 26.00
N PRO A 118 13.84 -7.41 27.26
CA PRO A 118 15.25 -7.40 27.59
C PRO A 118 15.80 -8.83 27.64
N SER A 119 16.19 -9.32 26.47
CA SER A 119 16.74 -10.66 26.36
C SER A 119 18.05 -10.63 25.58
N SER A 120 19.14 -10.80 26.31
CA SER A 120 20.46 -10.80 25.70
C SER A 120 20.96 -12.24 25.52
N GLY A 121 21.07 -12.63 24.25
CA GLY A 121 21.54 -13.97 23.93
C GLY A 121 22.04 -14.04 22.48
N GLY A 1 -25.44 32.78 -9.56
CA GLY A 1 -25.19 31.37 -9.28
C GLY A 1 -25.03 30.57 -10.58
N SER A 2 -24.77 29.29 -10.41
CA SER A 2 -24.60 28.40 -11.56
C SER A 2 -24.40 26.96 -11.08
N SER A 3 -25.11 26.06 -11.72
CA SER A 3 -25.02 24.65 -11.38
C SER A 3 -23.99 23.96 -12.26
N GLY A 4 -23.63 22.74 -11.88
CA GLY A 4 -22.66 21.96 -12.62
C GLY A 4 -23.20 21.58 -14.00
N SER A 5 -22.43 20.78 -14.70
CA SER A 5 -22.82 20.32 -16.03
C SER A 5 -22.17 18.97 -16.33
N SER A 6 -22.63 18.37 -17.43
CA SER A 6 -22.11 17.08 -17.84
C SER A 6 -20.90 17.28 -18.76
N GLY A 7 -19.90 16.44 -18.55
CA GLY A 7 -18.68 16.50 -19.35
C GLY A 7 -18.87 15.79 -20.70
N ARG A 8 -18.04 14.79 -20.91
CA ARG A 8 -18.11 14.02 -22.15
C ARG A 8 -17.45 12.65 -21.96
N SER A 9 -17.88 11.71 -22.79
CA SER A 9 -17.34 10.37 -22.73
C SER A 9 -16.21 10.21 -23.75
N ALA A 10 -15.41 9.16 -23.55
CA ALA A 10 -14.30 8.89 -24.43
C ALA A 10 -14.46 7.48 -25.03
N HIS A 11 -13.97 7.34 -26.26
CA HIS A 11 -14.06 6.06 -26.94
C HIS A 11 -12.71 5.33 -26.84
N LEU A 12 -11.69 5.97 -27.39
CA LEU A 12 -10.35 5.39 -27.36
C LEU A 12 -9.94 5.14 -25.91
N ARG A 13 -8.87 4.37 -25.76
CA ARG A 13 -8.36 4.04 -24.45
C ARG A 13 -7.92 5.31 -23.72
N VAL A 14 -8.44 5.47 -22.52
CA VAL A 14 -8.10 6.63 -21.71
C VAL A 14 -7.19 6.21 -20.56
N ARG A 15 -6.04 6.87 -20.49
CA ARG A 15 -5.07 6.56 -19.44
C ARG A 15 -5.68 6.79 -18.06
N GLN A 16 -6.41 5.79 -17.60
CA GLN A 16 -7.06 5.87 -16.31
C GLN A 16 -6.16 5.27 -15.23
N LEU A 17 -6.18 5.89 -14.07
CA LEU A 17 -5.37 5.43 -12.95
C LEU A 17 -5.90 4.08 -12.46
N PRO A 18 -4.95 3.24 -11.95
CA PRO A 18 -5.31 1.93 -11.45
C PRO A 18 -6.01 2.02 -10.09
N HIS A 19 -7.02 1.18 -9.91
CA HIS A 19 -7.77 1.17 -8.67
C HIS A 19 -6.84 0.78 -7.52
N ALA A 20 -7.14 1.32 -6.35
CA ALA A 20 -6.36 1.04 -5.16
C ALA A 20 -6.46 -0.45 -4.82
N PRO A 21 -5.53 -0.90 -3.93
CA PRO A 21 -5.52 -2.29 -3.52
C PRO A 21 -6.65 -2.58 -2.53
N GLU A 22 -7.26 -3.75 -2.70
CA GLU A 22 -8.35 -4.15 -1.83
C GLU A 22 -7.83 -5.09 -0.73
N HIS A 23 -8.74 -5.44 0.17
CA HIS A 23 -8.39 -6.33 1.27
C HIS A 23 -6.96 -6.06 1.71
N PRO A 24 -6.69 -4.76 2.05
CA PRO A 24 -5.37 -4.35 2.49
C PRO A 24 -5.10 -4.82 3.92
N VAL A 25 -4.77 -6.10 4.05
CA VAL A 25 -4.49 -6.68 5.35
C VAL A 25 -2.98 -6.66 5.60
N ALA A 26 -2.62 -6.35 6.84
CA ALA A 26 -1.22 -6.30 7.22
C ALA A 26 -1.00 -7.16 8.47
N THR A 27 -0.32 -8.28 8.25
CA THR A 27 -0.03 -9.19 9.35
C THR A 27 1.44 -9.11 9.74
N LEU A 28 1.70 -9.42 11.01
CA LEU A 28 3.05 -9.38 11.53
C LEU A 28 3.91 -10.41 10.78
N SER A 29 5.17 -10.47 11.17
CA SER A 29 6.10 -11.39 10.55
C SER A 29 6.62 -12.39 11.58
N THR A 30 5.75 -13.31 11.96
CA THR A 30 6.11 -14.33 12.94
C THR A 30 7.48 -14.92 12.61
N VAL A 31 7.84 -14.84 11.34
CA VAL A 31 9.11 -15.37 10.89
C VAL A 31 10.19 -14.28 11.03
N GLU A 32 9.98 -13.18 10.33
CA GLU A 32 10.90 -12.07 10.37
C GLU A 32 10.58 -11.15 11.55
N ARG A 33 11.56 -10.97 12.41
CA ARG A 33 11.40 -10.12 13.57
C ARG A 33 11.26 -8.66 13.14
N ARG A 34 10.42 -7.93 13.87
CA ARG A 34 10.19 -6.53 13.58
C ARG A 34 9.88 -6.35 12.09
N ALA A 35 8.95 -7.15 11.61
CA ALA A 35 8.55 -7.08 10.21
C ALA A 35 7.04 -7.37 10.11
N ILE A 36 6.43 -6.75 9.11
CA ILE A 36 5.00 -6.92 8.89
C ILE A 36 4.77 -7.35 7.43
N ASN A 37 4.09 -8.48 7.28
CA ASN A 37 3.79 -9.00 5.96
C ASN A 37 2.54 -8.31 5.42
N LEU A 38 2.75 -7.43 4.46
CA LEU A 38 1.65 -6.71 3.84
C LEU A 38 1.05 -7.56 2.72
N THR A 39 -0.27 -7.64 2.73
CA THR A 39 -0.99 -8.41 1.73
C THR A 39 -2.21 -7.65 1.23
N TRP A 40 -2.34 -7.59 -0.08
CA TRP A 40 -3.46 -6.90 -0.70
C TRP A 40 -3.84 -7.64 -1.98
N THR A 41 -4.85 -7.12 -2.66
CA THR A 41 -5.32 -7.72 -3.89
C THR A 41 -4.96 -6.84 -5.09
N LYS A 42 -4.85 -7.48 -6.24
CA LYS A 42 -4.51 -6.77 -7.46
C LYS A 42 -5.77 -6.10 -8.02
N PRO A 43 -5.76 -4.75 -8.01
CA PRO A 43 -6.89 -3.99 -8.52
C PRO A 43 -6.92 -4.00 -10.04
N PHE A 44 -7.98 -3.41 -10.59
CA PHE A 44 -8.13 -3.36 -12.03
C PHE A 44 -7.32 -2.21 -12.62
N ASP A 45 -6.52 -2.54 -13.64
CA ASP A 45 -5.69 -1.56 -14.30
C ASP A 45 -6.56 -0.69 -15.21
N GLY A 46 -6.42 0.61 -15.02
CA GLY A 46 -7.18 1.57 -15.82
C GLY A 46 -7.16 1.19 -17.30
N ASN A 47 -6.03 1.47 -17.94
CA ASN A 47 -5.87 1.16 -19.35
C ASN A 47 -4.38 1.00 -19.66
N SER A 48 -3.62 0.66 -18.63
CA SER A 48 -2.18 0.48 -18.79
C SER A 48 -1.67 -0.50 -17.72
N PRO A 49 -0.46 -1.05 -18.00
CA PRO A 49 0.15 -2.00 -17.08
C PRO A 49 0.71 -1.29 -15.84
N LEU A 50 0.80 -2.04 -14.76
CA LEU A 50 1.31 -1.50 -13.51
C LEU A 50 2.82 -1.26 -13.64
N ILE A 51 3.29 -0.28 -12.90
CA ILE A 51 4.71 0.07 -12.92
C ILE A 51 5.31 -0.20 -11.53
N ARG A 52 4.80 0.54 -10.55
CA ARG A 52 5.28 0.39 -9.19
C ARG A 52 4.17 0.77 -8.19
N TYR A 53 4.48 0.59 -6.92
CA TYR A 53 3.53 0.90 -5.87
C TYR A 53 4.21 1.63 -4.71
N ILE A 54 3.67 2.79 -4.37
CA ILE A 54 4.21 3.59 -3.29
C ILE A 54 3.50 3.23 -1.99
N LEU A 55 4.19 2.45 -1.17
CA LEU A 55 3.64 2.03 0.11
C LEU A 55 4.06 3.02 1.19
N GLU A 56 3.05 3.70 1.74
CA GLU A 56 3.30 4.69 2.78
C GLU A 56 2.95 4.10 4.15
N MET A 57 3.91 4.17 5.05
CA MET A 57 3.71 3.65 6.40
C MET A 57 3.48 4.78 7.39
N SER A 58 2.59 4.53 8.33
CA SER A 58 2.26 5.51 9.35
C SER A 58 2.46 4.91 10.74
N GLU A 59 3.51 5.38 11.41
CA GLU A 59 3.82 4.91 12.74
C GLU A 59 2.89 5.56 13.77
N ASN A 60 3.28 5.43 15.03
CA ASN A 60 2.49 6.00 16.11
C ASN A 60 2.22 7.48 15.81
N ASN A 61 1.01 7.74 15.35
CA ASN A 61 0.61 9.09 15.02
C ASN A 61 1.67 9.73 14.10
N ALA A 62 2.42 8.86 13.44
CA ALA A 62 3.46 9.32 12.53
C ALA A 62 2.86 9.61 11.16
N PRO A 63 3.49 10.57 10.44
CA PRO A 63 3.01 10.95 9.12
C PRO A 63 3.38 9.87 8.08
N TRP A 64 2.49 9.69 7.12
CA TRP A 64 2.70 8.71 6.07
C TRP A 64 4.14 8.84 5.60
N THR A 65 4.93 7.83 5.90
CA THR A 65 6.32 7.81 5.50
C THR A 65 6.57 6.77 4.42
N VAL A 66 6.67 7.24 3.19
CA VAL A 66 6.90 6.36 2.06
C VAL A 66 8.11 5.47 2.34
N LEU A 67 7.83 4.24 2.74
CA LEU A 67 8.89 3.30 3.04
C LEU A 67 9.42 2.70 1.73
N LEU A 68 8.51 2.18 0.94
CA LEU A 68 8.87 1.58 -0.33
C LEU A 68 8.31 2.43 -1.48
N ALA A 69 9.21 3.08 -2.18
CA ALA A 69 8.82 3.93 -3.29
C ALA A 69 8.79 3.10 -4.58
N SER A 70 9.72 2.16 -4.65
CA SER A 70 9.81 1.30 -5.82
C SER A 70 9.36 -0.12 -5.45
N VAL A 71 8.12 -0.43 -5.80
CA VAL A 71 7.56 -1.74 -5.52
C VAL A 71 7.20 -2.43 -6.84
N ASP A 72 7.20 -3.76 -6.79
CA ASP A 72 6.88 -4.55 -7.96
C ASP A 72 5.40 -4.36 -8.31
N PRO A 73 5.14 -4.22 -9.65
CA PRO A 73 3.78 -4.03 -10.12
C PRO A 73 2.99 -5.34 -10.07
N LYS A 74 3.71 -6.44 -10.25
CA LYS A 74 3.10 -7.75 -10.22
C LYS A 74 3.17 -8.32 -8.80
N ALA A 75 3.32 -7.41 -7.84
CA ALA A 75 3.40 -7.80 -6.45
C ALA A 75 2.13 -7.35 -5.72
N THR A 76 1.65 -8.22 -4.85
CA THR A 76 0.45 -7.93 -4.09
C THR A 76 0.73 -8.05 -2.59
N SER A 77 1.97 -8.37 -2.27
CA SER A 77 2.38 -8.52 -0.88
C SER A 77 3.81 -8.01 -0.71
N VAL A 78 4.05 -7.39 0.44
CA VAL A 78 5.36 -6.85 0.75
C VAL A 78 5.68 -7.12 2.21
N THR A 79 6.97 -7.18 2.50
CA THR A 79 7.43 -7.44 3.85
C THR A 79 8.23 -6.24 4.38
N VAL A 80 7.68 -5.62 5.42
CA VAL A 80 8.32 -4.47 6.03
C VAL A 80 9.32 -4.94 7.09
N LYS A 81 10.37 -4.16 7.26
CA LYS A 81 11.39 -4.49 8.25
C LYS A 81 11.86 -3.20 8.93
N GLY A 82 12.71 -3.38 9.94
CA GLY A 82 13.24 -2.26 10.69
C GLY A 82 12.11 -1.47 11.37
N LEU A 83 11.36 -2.19 12.19
CA LEU A 83 10.25 -1.58 12.91
C LEU A 83 10.60 -1.50 14.39
N VAL A 84 9.67 -0.94 15.17
CA VAL A 84 9.86 -0.80 16.59
C VAL A 84 8.89 -1.71 17.33
N PRO A 85 9.40 -2.36 18.42
CA PRO A 85 8.58 -3.25 19.21
C PRO A 85 7.60 -2.46 20.09
N ALA A 86 6.42 -3.04 20.28
CA ALA A 86 5.40 -2.41 21.10
C ALA A 86 5.04 -1.04 20.48
N ARG A 87 4.76 -1.08 19.19
CA ARG A 87 4.39 0.15 18.48
C ARG A 87 3.45 -0.18 17.33
N SER A 88 2.52 0.72 17.09
CA SER A 88 1.55 0.55 16.02
C SER A 88 2.18 0.94 14.67
N TYR A 89 1.70 0.29 13.63
CA TYR A 89 2.20 0.56 12.29
C TYR A 89 1.08 0.42 11.25
N GLN A 90 0.92 1.48 10.46
CA GLN A 90 -0.09 1.49 9.43
C GLN A 90 0.55 1.39 8.04
N PHE A 91 -0.24 0.96 7.07
CA PHE A 91 0.23 0.82 5.72
C PHE A 91 -0.85 1.21 4.70
N ARG A 92 -0.40 1.75 3.58
CA ARG A 92 -1.32 2.18 2.54
C ARG A 92 -0.55 2.46 1.25
N LEU A 93 -0.65 1.53 0.31
CA LEU A 93 0.02 1.66 -0.96
C LEU A 93 -1.02 1.88 -2.07
N CYS A 94 -0.59 2.57 -3.11
CA CYS A 94 -1.47 2.86 -4.23
C CYS A 94 -0.90 2.18 -5.48
N ALA A 95 -1.66 2.26 -6.56
CA ALA A 95 -1.24 1.65 -7.82
C ALA A 95 -0.71 2.75 -8.75
N VAL A 96 0.54 2.59 -9.15
CA VAL A 96 1.17 3.56 -10.04
C VAL A 96 1.57 2.86 -11.34
N ASN A 97 1.21 3.50 -12.45
CA ASN A 97 1.51 2.95 -13.75
C ASN A 97 1.92 4.09 -14.69
N ASP A 98 2.13 3.74 -15.95
CA ASP A 98 2.52 4.71 -16.96
C ASP A 98 1.57 5.90 -16.90
N VAL A 99 0.28 5.59 -16.97
CA VAL A 99 -0.75 6.63 -16.93
C VAL A 99 -0.39 7.64 -15.83
N GLY A 100 -0.13 7.11 -14.64
CA GLY A 100 0.22 7.96 -13.51
C GLY A 100 0.00 7.23 -12.19
N LYS A 101 -0.64 7.92 -11.26
CA LYS A 101 -0.91 7.34 -9.95
C LYS A 101 -2.39 7.55 -9.62
N GLY A 102 -3.00 6.47 -9.11
CA GLY A 102 -4.40 6.52 -8.75
C GLY A 102 -4.57 6.86 -7.26
N GLN A 103 -5.36 6.04 -6.59
CA GLN A 103 -5.61 6.24 -5.17
C GLN A 103 -4.93 5.16 -4.34
N PHE A 104 -4.93 5.36 -3.04
CA PHE A 104 -4.31 4.41 -2.13
C PHE A 104 -5.36 3.49 -1.49
N SER A 105 -4.88 2.58 -0.65
CA SER A 105 -5.76 1.65 0.02
C SER A 105 -6.04 2.13 1.44
N LYS A 106 -7.19 1.72 1.95
CA LYS A 106 -7.59 2.10 3.30
C LYS A 106 -6.43 1.84 4.27
N ASP A 107 -6.53 2.44 5.44
CA ASP A 107 -5.51 2.28 6.46
C ASP A 107 -5.64 0.89 7.09
N THR A 108 -4.63 0.08 6.85
CA THR A 108 -4.61 -1.27 7.39
C THR A 108 -4.89 -1.25 8.90
N GLU A 109 -5.58 -2.29 9.35
CA GLU A 109 -5.93 -2.40 10.76
C GLU A 109 -4.69 -2.13 11.64
N ARG A 110 -4.87 -1.22 12.59
CA ARG A 110 -3.79 -0.88 13.49
C ARG A 110 -2.96 -2.10 13.83
N VAL A 111 -1.80 -2.19 13.20
CA VAL A 111 -0.90 -3.31 13.43
C VAL A 111 0.13 -2.93 14.50
N SER A 112 0.13 -3.69 15.58
CA SER A 112 1.05 -3.44 16.67
C SER A 112 2.16 -4.51 16.67
N LEU A 113 3.36 -4.06 17.00
CA LEU A 113 4.50 -4.96 17.05
C LEU A 113 4.61 -5.57 18.44
N PRO A 114 5.28 -6.75 18.50
CA PRO A 114 5.46 -7.44 19.77
C PRO A 114 6.52 -6.76 20.62
N GLU A 115 6.19 -6.60 21.90
CA GLU A 115 7.11 -5.96 22.83
C GLU A 115 8.36 -6.81 23.01
N SER A 116 9.51 -6.17 22.88
CA SER A 116 10.78 -6.85 23.02
C SER A 116 11.18 -6.90 24.50
N GLY A 117 10.88 -8.04 25.12
CA GLY A 117 11.20 -8.22 26.52
C GLY A 117 10.32 -9.31 27.15
N PRO A 118 10.01 -9.13 28.46
CA PRO A 118 9.18 -10.08 29.18
C PRO A 118 7.71 -9.93 28.78
N SER A 119 7.37 -10.58 27.68
CA SER A 119 6.00 -10.53 27.19
C SER A 119 5.54 -11.94 26.78
N SER A 120 4.77 -12.55 27.67
CA SER A 120 4.26 -13.89 27.42
C SER A 120 3.41 -13.90 26.14
N GLY A 121 3.90 -14.62 25.15
CA GLY A 121 3.20 -14.71 23.88
C GLY A 121 4.19 -14.63 22.71
#